data_2Z3V
# 
_entry.id   2Z3V 
# 
_audit_conform.dict_name       mmcif_pdbx.dic 
_audit_conform.dict_version    5.380 
_audit_conform.dict_location   http://mmcif.pdb.org/dictionaries/ascii/mmcif_pdbx.dic 
# 
loop_
_database_2.database_id 
_database_2.database_code 
_database_2.pdbx_database_accession 
_database_2.pdbx_DOI 
PDB   2Z3V         pdb_00002z3v 10.2210/pdb2z3v/pdb 
RCSB  RCSB027487   ?            ?                   
WWPDB D_1000027487 ?            ?                   
# 
_pdbx_database_related.db_name        TargetDB 
_pdbx_database_related.db_id          ttk003001817.4 
_pdbx_database_related.details        . 
_pdbx_database_related.content_type   unspecified 
# 
_pdbx_database_status.status_code                     REL 
_pdbx_database_status.entry_id                        2Z3V 
_pdbx_database_status.recvd_initial_deposition_date   2007-06-06 
_pdbx_database_status.deposit_site                    PDBJ 
_pdbx_database_status.process_site                    PDBJ 
_pdbx_database_status.status_code_sf                  REL 
_pdbx_database_status.status_code_mr                  ? 
_pdbx_database_status.SG_entry                        Y 
_pdbx_database_status.pdb_format_compatible           Y 
_pdbx_database_status.status_code_cs                  ? 
_pdbx_database_status.methods_development_category    ? 
_pdbx_database_status.status_code_nmr_data            ? 
# 
loop_
_audit_author.name 
_audit_author.pdbx_ordinal 
'Iino, H.'                                               1 
'Yokoyama, S.'                                           2 
'Kuramitsu, S.'                                          3 
'RIKEN Structural Genomics/Proteomics Initiative (RSGI)' 4 
# 
_citation.id                        primary 
_citation.title                     'Crystal structure of uncharacterized conserved protein from Thermus thermophilus HB8' 
_citation.journal_abbrev            'To be Published' 
_citation.journal_volume            ? 
_citation.page_first                ? 
_citation.page_last                 ? 
_citation.year                      ? 
_citation.journal_id_ASTM           ? 
_citation.country                   ? 
_citation.journal_id_ISSN           ? 
_citation.journal_id_CSD            0353 
_citation.book_publisher            ? 
_citation.pdbx_database_id_PubMed   ? 
_citation.pdbx_database_id_DOI      ? 
# 
loop_
_citation_author.citation_id 
_citation_author.name 
_citation_author.ordinal 
_citation_author.identifier_ORCID 
primary 'Iino, H.'      1 ? 
primary 'Yokoyama, S.'  2 ? 
primary 'Kuramitsu, S.' 3 ? 
# 
_cell.entry_id           2Z3V 
_cell.length_a           73.064 
_cell.length_b           73.064 
_cell.length_c           57.915 
_cell.angle_alpha        90.00 
_cell.angle_beta         90.00 
_cell.angle_gamma        90.00 
_cell.Z_PDB              8 
_cell.pdbx_unique_axis   ? 
_cell.length_a_esd       ? 
_cell.length_b_esd       ? 
_cell.length_c_esd       ? 
_cell.angle_alpha_esd    ? 
_cell.angle_beta_esd     ? 
_cell.angle_gamma_esd    ? 
# 
_symmetry.entry_id                         2Z3V 
_symmetry.space_group_name_H-M             'P 43 21 2' 
_symmetry.pdbx_full_space_group_name_H-M   ? 
_symmetry.cell_setting                     ? 
_symmetry.Int_Tables_number                96 
_symmetry.space_group_name_Hall            ? 
# 
loop_
_entity.id 
_entity.type 
_entity.src_method 
_entity.pdbx_description 
_entity.formula_weight 
_entity.pdbx_number_of_molecules 
_entity.pdbx_ec 
_entity.pdbx_mutation 
_entity.pdbx_fragment 
_entity.details 
1 polymer     man 'Universal stress protein family' 14775.985 1  ? ? ? ? 
2 non-polymer syn S-1,2-PROPANEDIOL                 76.094    1  ? ? ? ? 
3 water       nat water                             18.015    89 ? ? ? ? 
# 
_entity_poly.entity_id                      1 
_entity_poly.type                           'polypeptide(L)' 
_entity_poly.nstd_linkage                   no 
_entity_poly.nstd_monomer                   no 
_entity_poly.pdbx_seq_one_letter_code       
;MFKTILLAYDGSEHARRAAEVAKAEAEAHGARLIVVHAYEPVPDYLGEPFFEEALRRRLERAEGVLEEARALTGVPKEDA
LLLEGVPAEAILQAARAEKADLIVMGTRGLGALGSLFLGSQSQRVVAEAPCPVLLVR
;
_entity_poly.pdbx_seq_one_letter_code_can   
;MFKTILLAYDGSEHARRAAEVAKAEAEAHGARLIVVHAYEPVPDYLGEPFFEEALRRRLERAEGVLEEARALTGVPKEDA
LLLEGVPAEAILQAARAEKADLIVMGTRGLGALGSLFLGSQSQRVVAEAPCPVLLVR
;
_entity_poly.pdbx_strand_id                 A 
_entity_poly.pdbx_target_identifier         ttk003001817.4 
# 
loop_
_entity_poly_seq.entity_id 
_entity_poly_seq.num 
_entity_poly_seq.mon_id 
_entity_poly_seq.hetero 
1 1   MET n 
1 2   PHE n 
1 3   LYS n 
1 4   THR n 
1 5   ILE n 
1 6   LEU n 
1 7   LEU n 
1 8   ALA n 
1 9   TYR n 
1 10  ASP n 
1 11  GLY n 
1 12  SER n 
1 13  GLU n 
1 14  HIS n 
1 15  ALA n 
1 16  ARG n 
1 17  ARG n 
1 18  ALA n 
1 19  ALA n 
1 20  GLU n 
1 21  VAL n 
1 22  ALA n 
1 23  LYS n 
1 24  ALA n 
1 25  GLU n 
1 26  ALA n 
1 27  GLU n 
1 28  ALA n 
1 29  HIS n 
1 30  GLY n 
1 31  ALA n 
1 32  ARG n 
1 33  LEU n 
1 34  ILE n 
1 35  VAL n 
1 36  VAL n 
1 37  HIS n 
1 38  ALA n 
1 39  TYR n 
1 40  GLU n 
1 41  PRO n 
1 42  VAL n 
1 43  PRO n 
1 44  ASP n 
1 45  TYR n 
1 46  LEU n 
1 47  GLY n 
1 48  GLU n 
1 49  PRO n 
1 50  PHE n 
1 51  PHE n 
1 52  GLU n 
1 53  GLU n 
1 54  ALA n 
1 55  LEU n 
1 56  ARG n 
1 57  ARG n 
1 58  ARG n 
1 59  LEU n 
1 60  GLU n 
1 61  ARG n 
1 62  ALA n 
1 63  GLU n 
1 64  GLY n 
1 65  VAL n 
1 66  LEU n 
1 67  GLU n 
1 68  GLU n 
1 69  ALA n 
1 70  ARG n 
1 71  ALA n 
1 72  LEU n 
1 73  THR n 
1 74  GLY n 
1 75  VAL n 
1 76  PRO n 
1 77  LYS n 
1 78  GLU n 
1 79  ASP n 
1 80  ALA n 
1 81  LEU n 
1 82  LEU n 
1 83  LEU n 
1 84  GLU n 
1 85  GLY n 
1 86  VAL n 
1 87  PRO n 
1 88  ALA n 
1 89  GLU n 
1 90  ALA n 
1 91  ILE n 
1 92  LEU n 
1 93  GLN n 
1 94  ALA n 
1 95  ALA n 
1 96  ARG n 
1 97  ALA n 
1 98  GLU n 
1 99  LYS n 
1 100 ALA n 
1 101 ASP n 
1 102 LEU n 
1 103 ILE n 
1 104 VAL n 
1 105 MET n 
1 106 GLY n 
1 107 THR n 
1 108 ARG n 
1 109 GLY n 
1 110 LEU n 
1 111 GLY n 
1 112 ALA n 
1 113 LEU n 
1 114 GLY n 
1 115 SER n 
1 116 LEU n 
1 117 PHE n 
1 118 LEU n 
1 119 GLY n 
1 120 SER n 
1 121 GLN n 
1 122 SER n 
1 123 GLN n 
1 124 ARG n 
1 125 VAL n 
1 126 VAL n 
1 127 ALA n 
1 128 GLU n 
1 129 ALA n 
1 130 PRO n 
1 131 CYS n 
1 132 PRO n 
1 133 VAL n 
1 134 LEU n 
1 135 LEU n 
1 136 VAL n 
1 137 ARG n 
# 
_entity_src_gen.entity_id                          1 
_entity_src_gen.pdbx_src_id                        1 
_entity_src_gen.pdbx_alt_source_flag               sample 
_entity_src_gen.pdbx_seq_type                      ? 
_entity_src_gen.pdbx_beg_seq_num                   ? 
_entity_src_gen.pdbx_end_seq_num                   ? 
_entity_src_gen.gene_src_common_name               ? 
_entity_src_gen.gene_src_genus                     Thermus 
_entity_src_gen.pdbx_gene_src_gene                 ? 
_entity_src_gen.gene_src_species                   'Thermus thermophilus' 
_entity_src_gen.gene_src_strain                    HB8 
_entity_src_gen.gene_src_tissue                    ? 
_entity_src_gen.gene_src_tissue_fraction           ? 
_entity_src_gen.gene_src_details                   ? 
_entity_src_gen.pdbx_gene_src_fragment             ? 
_entity_src_gen.pdbx_gene_src_scientific_name      'Thermus thermophilus' 
_entity_src_gen.pdbx_gene_src_ncbi_taxonomy_id     300852 
_entity_src_gen.pdbx_gene_src_variant              ? 
_entity_src_gen.pdbx_gene_src_cell_line            ? 
_entity_src_gen.pdbx_gene_src_atcc                 ? 
_entity_src_gen.pdbx_gene_src_organ                ? 
_entity_src_gen.pdbx_gene_src_organelle            ? 
_entity_src_gen.pdbx_gene_src_cell                 ? 
_entity_src_gen.pdbx_gene_src_cellular_location    ? 
_entity_src_gen.host_org_common_name               ? 
_entity_src_gen.pdbx_host_org_scientific_name      'Escherichia coli BL21(DE3)' 
_entity_src_gen.pdbx_host_org_ncbi_taxonomy_id     469008 
_entity_src_gen.host_org_genus                     Escherichia 
_entity_src_gen.pdbx_host_org_gene                 ? 
_entity_src_gen.pdbx_host_org_organ                ? 
_entity_src_gen.host_org_species                   'Escherichia coli' 
_entity_src_gen.pdbx_host_org_tissue               ? 
_entity_src_gen.pdbx_host_org_tissue_fraction      ? 
_entity_src_gen.pdbx_host_org_strain               'BL21(DE3)' 
_entity_src_gen.pdbx_host_org_variant              ? 
_entity_src_gen.pdbx_host_org_cell_line            ? 
_entity_src_gen.pdbx_host_org_atcc                 ? 
_entity_src_gen.pdbx_host_org_culture_collection   ? 
_entity_src_gen.pdbx_host_org_cell                 ? 
_entity_src_gen.pdbx_host_org_organelle            ? 
_entity_src_gen.pdbx_host_org_cellular_location    ? 
_entity_src_gen.pdbx_host_org_vector_type          plasmid 
_entity_src_gen.pdbx_host_org_vector               ? 
_entity_src_gen.host_org_details                   ? 
_entity_src_gen.expression_system_id               ? 
_entity_src_gen.plasmid_name                       pET-11a 
_entity_src_gen.plasmid_details                    ? 
_entity_src_gen.pdbx_description                   ? 
# 
_struct_ref.id                         1 
_struct_ref.db_name                    UNP 
_struct_ref.db_code                    Q5SJV7_THET8 
_struct_ref.pdbx_db_accession          Q5SJV7 
_struct_ref.entity_id                  1 
_struct_ref.pdbx_seq_one_letter_code   
;MFKTILLAYDGSEHARRAAEVAKAEAEAHGARLIVVHAYEPVPDYLGEPFFEEALRRRLERAEGVLEEARALTGVPKEDA
LLLEGVPAEAILQAARAEKADLIVMGTRGLGALGSLFLGSQSQRVVAEAPCPVLLVR
;
_struct_ref.pdbx_align_begin           1 
_struct_ref.pdbx_db_isoform            ? 
# 
_struct_ref_seq.align_id                      1 
_struct_ref_seq.ref_id                        1 
_struct_ref_seq.pdbx_PDB_id_code              2Z3V 
_struct_ref_seq.pdbx_strand_id                A 
_struct_ref_seq.seq_align_beg                 1 
_struct_ref_seq.pdbx_seq_align_beg_ins_code   ? 
_struct_ref_seq.seq_align_end                 137 
_struct_ref_seq.pdbx_seq_align_end_ins_code   ? 
_struct_ref_seq.pdbx_db_accession             Q5SJV7 
_struct_ref_seq.db_align_beg                  1 
_struct_ref_seq.pdbx_db_align_beg_ins_code    ? 
_struct_ref_seq.db_align_end                  137 
_struct_ref_seq.pdbx_db_align_end_ins_code    ? 
_struct_ref_seq.pdbx_auth_seq_align_beg       1 
_struct_ref_seq.pdbx_auth_seq_align_end       137 
# 
loop_
_chem_comp.id 
_chem_comp.type 
_chem_comp.mon_nstd_flag 
_chem_comp.name 
_chem_comp.pdbx_synonyms 
_chem_comp.formula 
_chem_comp.formula_weight 
ALA 'L-peptide linking' y ALANINE           ? 'C3 H7 N O2'     89.093  
ARG 'L-peptide linking' y ARGININE          ? 'C6 H15 N4 O2 1' 175.209 
ASP 'L-peptide linking' y 'ASPARTIC ACID'   ? 'C4 H7 N O4'     133.103 
CYS 'L-peptide linking' y CYSTEINE          ? 'C3 H7 N O2 S'   121.158 
GLN 'L-peptide linking' y GLUTAMINE         ? 'C5 H10 N2 O3'   146.144 
GLU 'L-peptide linking' y 'GLUTAMIC ACID'   ? 'C5 H9 N O4'     147.129 
GLY 'peptide linking'   y GLYCINE           ? 'C2 H5 N O2'     75.067  
HIS 'L-peptide linking' y HISTIDINE         ? 'C6 H10 N3 O2 1' 156.162 
HOH non-polymer         . WATER             ? 'H2 O'           18.015  
ILE 'L-peptide linking' y ISOLEUCINE        ? 'C6 H13 N O2'    131.173 
LEU 'L-peptide linking' y LEUCINE           ? 'C6 H13 N O2'    131.173 
LYS 'L-peptide linking' y LYSINE            ? 'C6 H15 N2 O2 1' 147.195 
MET 'L-peptide linking' y METHIONINE        ? 'C5 H11 N O2 S'  149.211 
PGO non-polymer         . S-1,2-PROPANEDIOL ? 'C3 H8 O2'       76.094  
PHE 'L-peptide linking' y PHENYLALANINE     ? 'C9 H11 N O2'    165.189 
PRO 'L-peptide linking' y PROLINE           ? 'C5 H9 N O2'     115.130 
SER 'L-peptide linking' y SERINE            ? 'C3 H7 N O3'     105.093 
THR 'L-peptide linking' y THREONINE         ? 'C4 H9 N O3'     119.119 
TYR 'L-peptide linking' y TYROSINE          ? 'C9 H11 N O3'    181.189 
VAL 'L-peptide linking' y VALINE            ? 'C5 H11 N O2'    117.146 
# 
_exptl.entry_id          2Z3V 
_exptl.method            'X-RAY DIFFRACTION' 
_exptl.crystals_number   1 
# 
_exptl_crystal.id                    1 
_exptl_crystal.density_meas          ? 
_exptl_crystal.density_Matthews      2.62 
_exptl_crystal.density_percent_sol   52.97 
_exptl_crystal.description           ? 
_exptl_crystal.F_000                 ? 
_exptl_crystal.preparation           ? 
# 
_exptl_crystal_grow.crystal_id      1 
_exptl_crystal_grow.method          'VAPOR DIFFUSION, HANGING DROP' 
_exptl_crystal_grow.temp            293 
_exptl_crystal_grow.temp_details    ? 
_exptl_crystal_grow.pH              5.6 
_exptl_crystal_grow.pdbx_details    
'40% v/v 1,2-propanediol, 0.1M sodium acetate, pH 5.6, VAPOR DIFFUSION, HANGING DROP, temperature 293K' 
_exptl_crystal_grow.pdbx_pH_range   . 
# 
_diffrn.id                     1 
_diffrn.ambient_temp           100 
_diffrn.ambient_temp_details   ? 
_diffrn.crystal_id             1 
# 
_diffrn_detector.diffrn_id              1 
_diffrn_detector.detector               'IMAGE PLATE' 
_diffrn_detector.type                   'RIGAKU RAXIS V' 
_diffrn_detector.pdbx_collection_date   2004-10-11 
_diffrn_detector.details                ? 
# 
_diffrn_radiation.diffrn_id                        1 
_diffrn_radiation.wavelength_id                    1 
_diffrn_radiation.pdbx_monochromatic_or_laue_m_l   M 
_diffrn_radiation.monochromator                    'SI Double-Crystal' 
_diffrn_radiation.pdbx_diffrn_protocol             'SINGLE WAVELENGTH' 
_diffrn_radiation.pdbx_scattering_type             x-ray 
# 
_diffrn_radiation_wavelength.id           1 
_diffrn_radiation_wavelength.wavelength   0.9000 
_diffrn_radiation_wavelength.wt           1.0 
# 
_diffrn_source.diffrn_id                   1 
_diffrn_source.source                      SYNCHROTRON 
_diffrn_source.type                        'SPRING-8 BEAMLINE BL26B2' 
_diffrn_source.pdbx_synchrotron_site       SPring-8 
_diffrn_source.pdbx_synchrotron_beamline   BL26B2 
_diffrn_source.pdbx_wavelength             ? 
_diffrn_source.pdbx_wavelength_list        0.9000 
# 
_reflns.entry_id                     2Z3V 
_reflns.observed_criterion_sigma_I   ? 
_reflns.observed_criterion_sigma_F   ? 
_reflns.d_resolution_low             50 
_reflns.d_resolution_high            1.65 
_reflns.number_obs                   19483 
_reflns.number_all                   ? 
_reflns.percent_possible_obs         100 
_reflns.pdbx_Rmerge_I_obs            0.048 
_reflns.pdbx_Rsym_value              ? 
_reflns.pdbx_netI_over_sigmaI        60.1 
_reflns.B_iso_Wilson_estimate        17.8 
_reflns.pdbx_redundancy              20.4 
_reflns.R_free_details               ? 
_reflns.limit_h_max                  ? 
_reflns.limit_h_min                  ? 
_reflns.limit_k_max                  ? 
_reflns.limit_k_min                  ? 
_reflns.limit_l_max                  ? 
_reflns.limit_l_min                  ? 
_reflns.observed_criterion_F_max     ? 
_reflns.observed_criterion_F_min     ? 
_reflns.pdbx_chi_squared             ? 
_reflns.pdbx_scaling_rejects         ? 
_reflns.pdbx_ordinal                 1 
_reflns.pdbx_diffrn_id               1 
# 
_reflns_shell.d_res_high             1.65 
_reflns_shell.d_res_low              1.71 
_reflns_shell.percent_possible_all   100 
_reflns_shell.Rmerge_I_obs           0.340 
_reflns_shell.pdbx_Rsym_value        ? 
_reflns_shell.meanI_over_sigI_obs    9.4 
_reflns_shell.pdbx_redundancy        20.5 
_reflns_shell.percent_possible_obs   ? 
_reflns_shell.number_unique_all      ? 
_reflns_shell.number_measured_all    ? 
_reflns_shell.number_measured_obs    ? 
_reflns_shell.number_unique_obs      ? 
_reflns_shell.pdbx_chi_squared       ? 
_reflns_shell.pdbx_ordinal           1 
_reflns_shell.pdbx_diffrn_id         1 
# 
_refine.entry_id                                 2Z3V 
_refine.ls_number_reflns_obs                     19409 
_refine.ls_number_reflns_all                     ? 
_refine.pdbx_ls_sigma_I                          ? 
_refine.pdbx_ls_sigma_F                          0.0 
_refine.pdbx_data_cutoff_high_absF               1437087.30 
_refine.pdbx_data_cutoff_low_absF                0.000000 
_refine.pdbx_data_cutoff_high_rms_absF           ? 
_refine.ls_d_res_low                             19.28 
_refine.ls_d_res_high                            1.65 
_refine.ls_percent_reflns_obs                    99.8 
_refine.ls_R_factor_obs                          0.193 
_refine.ls_R_factor_all                          ? 
_refine.ls_R_factor_R_work                       0.193 
_refine.ls_R_factor_R_free                       0.222 
_refine.ls_R_factor_R_free_error                 0.005 
_refine.ls_R_factor_R_free_error_details         ? 
_refine.ls_percent_reflns_R_free                 9.8 
_refine.ls_number_reflns_R_free                  1909 
_refine.ls_number_parameters                     ? 
_refine.ls_number_restraints                     ? 
_refine.occupancy_min                            ? 
_refine.occupancy_max                            ? 
_refine.correlation_coeff_Fo_to_Fc               ? 
_refine.correlation_coeff_Fo_to_Fc_free          ? 
_refine.B_iso_mean                               22.0 
_refine.aniso_B[1][1]                            -3.04 
_refine.aniso_B[2][2]                            -3.04 
_refine.aniso_B[3][3]                            6.08 
_refine.aniso_B[1][2]                            0.00 
_refine.aniso_B[1][3]                            0.00 
_refine.aniso_B[2][3]                            0.00 
_refine.solvent_model_details                    'FLAT MODEL' 
_refine.solvent_model_param_ksol                 0.496626 
_refine.solvent_model_param_bsol                 76.8562 
_refine.pdbx_solvent_vdw_probe_radii             ? 
_refine.pdbx_solvent_ion_probe_radii             ? 
_refine.pdbx_solvent_shrinkage_radii             ? 
_refine.pdbx_ls_cross_valid_method               THROUGHOUT 
_refine.details                                  ? 
_refine.pdbx_starting_model                      1WJG 
_refine.pdbx_method_to_determine_struct          'MOLECULAR REPLACEMENT' 
_refine.pdbx_isotropic_thermal_model             RESTRAINED 
_refine.pdbx_stereochemistry_target_values       'Engh & Huber' 
_refine.pdbx_stereochem_target_val_spec_case     ? 
_refine.pdbx_R_Free_selection_details            RANDOM 
_refine.pdbx_overall_ESU_R                       ? 
_refine.pdbx_overall_ESU_R_Free                  ? 
_refine.overall_SU_ML                            ? 
_refine.overall_SU_B                             ? 
_refine.ls_redundancy_reflns_obs                 ? 
_refine.B_iso_min                                ? 
_refine.B_iso_max                                ? 
_refine.overall_SU_R_Cruickshank_DPI             ? 
_refine.overall_SU_R_free                        ? 
_refine.ls_wR_factor_R_free                      ? 
_refine.ls_wR_factor_R_work                      ? 
_refine.overall_FOM_free_R_set                   ? 
_refine.overall_FOM_work_R_set                   ? 
_refine.pdbx_refine_id                           'X-RAY DIFFRACTION' 
_refine.pdbx_diffrn_id                           1 
_refine.pdbx_TLS_residual_ADP_flag               ? 
_refine.pdbx_overall_phase_error                 ? 
_refine.pdbx_overall_SU_R_free_Cruickshank_DPI   ? 
_refine.pdbx_overall_SU_R_Blow_DPI               ? 
_refine.pdbx_overall_SU_R_free_Blow_DPI          ? 
# 
_refine_analyze.entry_id                        2Z3V 
_refine_analyze.Luzzati_coordinate_error_obs    0.16 
_refine_analyze.Luzzati_sigma_a_obs             0.09 
_refine_analyze.Luzzati_d_res_low_obs           5.00 
_refine_analyze.Luzzati_coordinate_error_free   0.20 
_refine_analyze.Luzzati_sigma_a_free            0.14 
_refine_analyze.Luzzati_d_res_low_free          ? 
_refine_analyze.number_disordered_residues      ? 
_refine_analyze.occupancy_sum_hydrogen          ? 
_refine_analyze.occupancy_sum_non_hydrogen      ? 
_refine_analyze.pdbx_Luzzati_d_res_high_obs     ? 
_refine_analyze.pdbx_refine_id                  'X-RAY DIFFRACTION' 
# 
_refine_hist.pdbx_refine_id                   'X-RAY DIFFRACTION' 
_refine_hist.cycle_id                         LAST 
_refine_hist.pdbx_number_atoms_protein        1039 
_refine_hist.pdbx_number_atoms_nucleic_acid   0 
_refine_hist.pdbx_number_atoms_ligand         5 
_refine_hist.number_atoms_solvent             89 
_refine_hist.number_atoms_total               1133 
_refine_hist.d_res_high                       1.65 
_refine_hist.d_res_low                        19.28 
# 
loop_
_refine_ls_restr.type 
_refine_ls_restr.dev_ideal 
_refine_ls_restr.dev_ideal_target 
_refine_ls_restr.weight 
_refine_ls_restr.number 
_refine_ls_restr.pdbx_refine_id 
_refine_ls_restr.pdbx_restraint_function 
c_bond_d                0.038 ?    ? ? 'X-RAY DIFFRACTION' ? 
c_bond_d_na             ?     ?    ? ? 'X-RAY DIFFRACTION' ? 
c_bond_d_prot           ?     ?    ? ? 'X-RAY DIFFRACTION' ? 
c_angle_d               ?     ?    ? ? 'X-RAY DIFFRACTION' ? 
c_angle_d_na            ?     ?    ? ? 'X-RAY DIFFRACTION' ? 
c_angle_d_prot          ?     ?    ? ? 'X-RAY DIFFRACTION' ? 
c_angle_deg             2.8   ?    ? ? 'X-RAY DIFFRACTION' ? 
c_angle_deg_na          ?     ?    ? ? 'X-RAY DIFFRACTION' ? 
c_angle_deg_prot        ?     ?    ? ? 'X-RAY DIFFRACTION' ? 
c_dihedral_angle_d      24.1  ?    ? ? 'X-RAY DIFFRACTION' ? 
c_dihedral_angle_d_na   ?     ?    ? ? 'X-RAY DIFFRACTION' ? 
c_dihedral_angle_d_prot ?     ?    ? ? 'X-RAY DIFFRACTION' ? 
c_improper_angle_d      2.10  ?    ? ? 'X-RAY DIFFRACTION' ? 
c_improper_angle_d_na   ?     ?    ? ? 'X-RAY DIFFRACTION' ? 
c_improper_angle_d_prot ?     ?    ? ? 'X-RAY DIFFRACTION' ? 
c_mcbond_it             1.33  1.50 ? ? 'X-RAY DIFFRACTION' ? 
c_mcangle_it            1.95  2.00 ? ? 'X-RAY DIFFRACTION' ? 
c_scbond_it             2.83  2.00 ? ? 'X-RAY DIFFRACTION' ? 
c_scangle_it            4.15  2.50 ? ? 'X-RAY DIFFRACTION' ? 
# 
_refine_ls_shell.pdbx_total_number_of_bins_used   6 
_refine_ls_shell.d_res_high                       1.65 
_refine_ls_shell.d_res_low                        1.75 
_refine_ls_shell.number_reflns_R_work             2853 
_refine_ls_shell.R_factor_R_work                  0.22 
_refine_ls_shell.percent_reflns_obs               99.9 
_refine_ls_shell.R_factor_R_free                  0.275 
_refine_ls_shell.R_factor_R_free_error            0.015 
_refine_ls_shell.percent_reflns_R_free            10.0 
_refine_ls_shell.number_reflns_R_free             317 
_refine_ls_shell.number_reflns_all                ? 
_refine_ls_shell.R_factor_all                     ? 
_refine_ls_shell.number_reflns_obs                ? 
_refine_ls_shell.redundancy_reflns_obs            ? 
_refine_ls_shell.pdbx_refine_id                   'X-RAY DIFFRACTION' 
# 
loop_
_pdbx_xplor_file.serial_no 
_pdbx_xplor_file.param_file 
_pdbx_xplor_file.topol_file 
_pdbx_xplor_file.pdbx_refine_id 
1 protein_rep.param protein.top        'X-RAY DIFFRACTION' 
2 water_rep.param   water.top          'X-RAY DIFFRACTION' 
3 ion.param         pgq_prodrg_top.txt 'X-RAY DIFFRACTION' 
4 pgq_prodrg_param  ?                  'X-RAY DIFFRACTION' 
# 
_struct.entry_id                  2Z3V 
_struct.title                     'Crystal structure of uncharacterized conserved protein from Thermus thermophilus HB8' 
_struct.pdbx_model_details        ? 
_struct.pdbx_CASP_flag            ? 
_struct.pdbx_model_type_details   ? 
# 
_struct_keywords.entry_id        2Z3V 
_struct_keywords.pdbx_keywords   'STRUCTURAL GENOMICS, UNKNOWN FUNCTION' 
_struct_keywords.text            
;Uncharacterized conserved protein, STRUCTURAL GENOMICS, UNKNOWN FUNCTION, NPPSFA, National Project on Protein Structural and Functional Analyses, RIKEN Structural Genomics/Proteomics Initiative, RSGI
;
# 
loop_
_struct_asym.id 
_struct_asym.pdbx_blank_PDB_chainid_flag 
_struct_asym.pdbx_modified 
_struct_asym.entity_id 
_struct_asym.details 
A N N 1 ? 
B N N 2 ? 
C N N 3 ? 
# 
_struct_biol.id        1 
_struct_biol.details   ? 
# 
loop_
_struct_conf.conf_type_id 
_struct_conf.id 
_struct_conf.pdbx_PDB_helix_id 
_struct_conf.beg_label_comp_id 
_struct_conf.beg_label_asym_id 
_struct_conf.beg_label_seq_id 
_struct_conf.pdbx_beg_PDB_ins_code 
_struct_conf.end_label_comp_id 
_struct_conf.end_label_asym_id 
_struct_conf.end_label_seq_id 
_struct_conf.pdbx_end_PDB_ins_code 
_struct_conf.beg_auth_comp_id 
_struct_conf.beg_auth_asym_id 
_struct_conf.beg_auth_seq_id 
_struct_conf.end_auth_comp_id 
_struct_conf.end_auth_asym_id 
_struct_conf.end_auth_seq_id 
_struct_conf.pdbx_PDB_helix_class 
_struct_conf.details 
_struct_conf.pdbx_PDB_helix_length 
HELX_P HELX_P1 1 SER A 12  ? GLY A 30  ? SER A 12  GLY A 30  1 ? 19 
HELX_P HELX_P2 2 PRO A 49  ? GLY A 74  ? PRO A 49  GLY A 74  1 ? 26 
HELX_P HELX_P3 3 PRO A 76  ? GLU A 78  ? PRO A 76  GLU A 78  5 ? 3  
HELX_P HELX_P4 4 VAL A 86  ? GLU A 98  ? VAL A 86  GLU A 98  1 ? 13 
HELX_P HELX_P5 5 GLY A 119 ? ALA A 129 ? GLY A 119 ALA A 129 1 ? 11 
# 
_struct_conf_type.id          HELX_P 
_struct_conf_type.criteria    ? 
_struct_conf_type.reference   ? 
# 
_struct_mon_prot_cis.pdbx_id                1 
_struct_mon_prot_cis.label_comp_id          GLU 
_struct_mon_prot_cis.label_seq_id           48 
_struct_mon_prot_cis.label_asym_id          A 
_struct_mon_prot_cis.label_alt_id           . 
_struct_mon_prot_cis.pdbx_PDB_ins_code      ? 
_struct_mon_prot_cis.auth_comp_id           GLU 
_struct_mon_prot_cis.auth_seq_id            48 
_struct_mon_prot_cis.auth_asym_id           A 
_struct_mon_prot_cis.pdbx_label_comp_id_2   PRO 
_struct_mon_prot_cis.pdbx_label_seq_id_2    49 
_struct_mon_prot_cis.pdbx_label_asym_id_2   A 
_struct_mon_prot_cis.pdbx_PDB_ins_code_2    ? 
_struct_mon_prot_cis.pdbx_auth_comp_id_2    PRO 
_struct_mon_prot_cis.pdbx_auth_seq_id_2     49 
_struct_mon_prot_cis.pdbx_auth_asym_id_2    A 
_struct_mon_prot_cis.pdbx_PDB_model_num     1 
_struct_mon_prot_cis.pdbx_omega_angle       -0.43 
# 
_struct_sheet.id               A 
_struct_sheet.type             ? 
_struct_sheet.number_strands   5 
_struct_sheet.details          ? 
# 
loop_
_struct_sheet_order.sheet_id 
_struct_sheet_order.range_id_1 
_struct_sheet_order.range_id_2 
_struct_sheet_order.offset 
_struct_sheet_order.sense 
A 1 2 ? parallel 
A 2 3 ? parallel 
A 3 4 ? parallel 
A 4 5 ? parallel 
# 
loop_
_struct_sheet_range.sheet_id 
_struct_sheet_range.id 
_struct_sheet_range.beg_label_comp_id 
_struct_sheet_range.beg_label_asym_id 
_struct_sheet_range.beg_label_seq_id 
_struct_sheet_range.pdbx_beg_PDB_ins_code 
_struct_sheet_range.end_label_comp_id 
_struct_sheet_range.end_label_asym_id 
_struct_sheet_range.end_label_seq_id 
_struct_sheet_range.pdbx_end_PDB_ins_code 
_struct_sheet_range.beg_auth_comp_id 
_struct_sheet_range.beg_auth_asym_id 
_struct_sheet_range.beg_auth_seq_id 
_struct_sheet_range.end_auth_comp_id 
_struct_sheet_range.end_auth_asym_id 
_struct_sheet_range.end_auth_seq_id 
A 1 ALA A 80  ? GLU A 84  ? ALA A 80  GLU A 84  
A 2 ARG A 32  ? TYR A 39  ? ARG A 32  TYR A 39  
A 3 THR A 4   ? ALA A 8   ? THR A 4   ALA A 8   
A 4 LEU A 102 ? GLY A 106 ? LEU A 102 GLY A 106 
A 5 VAL A 133 ? VAL A 136 ? VAL A 133 VAL A 136 
# 
loop_
_pdbx_struct_sheet_hbond.sheet_id 
_pdbx_struct_sheet_hbond.range_id_1 
_pdbx_struct_sheet_hbond.range_id_2 
_pdbx_struct_sheet_hbond.range_1_label_atom_id 
_pdbx_struct_sheet_hbond.range_1_label_comp_id 
_pdbx_struct_sheet_hbond.range_1_label_asym_id 
_pdbx_struct_sheet_hbond.range_1_label_seq_id 
_pdbx_struct_sheet_hbond.range_1_PDB_ins_code 
_pdbx_struct_sheet_hbond.range_1_auth_atom_id 
_pdbx_struct_sheet_hbond.range_1_auth_comp_id 
_pdbx_struct_sheet_hbond.range_1_auth_asym_id 
_pdbx_struct_sheet_hbond.range_1_auth_seq_id 
_pdbx_struct_sheet_hbond.range_2_label_atom_id 
_pdbx_struct_sheet_hbond.range_2_label_comp_id 
_pdbx_struct_sheet_hbond.range_2_label_asym_id 
_pdbx_struct_sheet_hbond.range_2_label_seq_id 
_pdbx_struct_sheet_hbond.range_2_PDB_ins_code 
_pdbx_struct_sheet_hbond.range_2_auth_atom_id 
_pdbx_struct_sheet_hbond.range_2_auth_comp_id 
_pdbx_struct_sheet_hbond.range_2_auth_asym_id 
_pdbx_struct_sheet_hbond.range_2_auth_seq_id 
A 1 2 O LEU A 81  ? O LEU A 81  N VAL A 35  ? N VAL A 35  
A 2 3 O ARG A 32  ? O ARG A 32  N ILE A 5   ? N ILE A 5   
A 3 4 N LEU A 6   ? N LEU A 6   O VAL A 104 ? O VAL A 104 
A 4 5 N ILE A 103 ? N ILE A 103 O LEU A 134 ? O LEU A 134 
# 
_struct_site.id                   AC1 
_struct_site.pdbx_evidence_code   Software 
_struct_site.pdbx_auth_asym_id    A 
_struct_site.pdbx_auth_comp_id    PGO 
_struct_site.pdbx_auth_seq_id     1000 
_struct_site.pdbx_auth_ins_code   ? 
_struct_site.pdbx_num_residues    8 
_struct_site.details              'BINDING SITE FOR RESIDUE PGO A 1000' 
# 
loop_
_struct_site_gen.id 
_struct_site_gen.site_id 
_struct_site_gen.pdbx_num_res 
_struct_site_gen.label_comp_id 
_struct_site_gen.label_asym_id 
_struct_site_gen.label_seq_id 
_struct_site_gen.pdbx_auth_ins_code 
_struct_site_gen.auth_comp_id 
_struct_site_gen.auth_asym_id 
_struct_site_gen.auth_seq_id 
_struct_site_gen.label_atom_id 
_struct_site_gen.label_alt_id 
_struct_site_gen.symmetry 
_struct_site_gen.details 
1 AC1 8 LYS A 77  ? LYS A 77   . ? 3_544 ? 
2 AC1 8 THR A 107 ? THR A 107  . ? 1_555 ? 
3 AC1 8 ARG A 108 ? ARG A 108  . ? 1_555 ? 
4 AC1 8 LEU A 116 ? LEU A 116  . ? 1_555 ? 
5 AC1 8 PHE A 117 ? PHE A 117  . ? 1_555 ? 
6 AC1 8 VAL A 126 ? VAL A 126  . ? 8_555 ? 
7 AC1 8 ALA A 127 ? ALA A 127  . ? 8_555 ? 
8 AC1 8 HOH C .   ? HOH A 1089 . ? 1_555 ? 
# 
_atom_sites.entry_id                    2Z3V 
_atom_sites.fract_transf_matrix[1][1]   0.00093555 
_atom_sites.fract_transf_matrix[1][2]   -0.01350849 
_atom_sites.fract_transf_matrix[1][3]   0.00199487 
_atom_sites.fract_transf_matrix[2][1]   0.00221638 
_atom_sites.fract_transf_matrix[2][2]   0.00212326 
_atom_sites.fract_transf_matrix[2][3]   0.01333842 
_atom_sites.fract_transf_matrix[3][1]   -0.01699818 
_atom_sites.fract_transf_matrix[3][2]   -0.00074266 
_atom_sites.fract_transf_matrix[3][3]   0.00294273 
_atom_sites.fract_transf_vector[1]      0.277149 
_atom_sites.fract_transf_vector[2]      0.008925 
_atom_sites.fract_transf_vector[3]      0.297805 
# 
loop_
_atom_type.symbol 
C 
N 
O 
S 
# 
loop_
_atom_site.group_PDB 
_atom_site.id 
_atom_site.type_symbol 
_atom_site.label_atom_id 
_atom_site.label_alt_id 
_atom_site.label_comp_id 
_atom_site.label_asym_id 
_atom_site.label_entity_id 
_atom_site.label_seq_id 
_atom_site.pdbx_PDB_ins_code 
_atom_site.Cartn_x 
_atom_site.Cartn_y 
_atom_site.Cartn_z 
_atom_site.occupancy 
_atom_site.B_iso_or_equiv 
_atom_site.pdbx_formal_charge 
_atom_site.auth_seq_id 
_atom_site.auth_comp_id 
_atom_site.auth_asym_id 
_atom_site.auth_atom_id 
_atom_site.pdbx_PDB_model_num 
ATOM   1    N N   . MET A 1 1   ? -13.041 21.376  3.833   1.00 30.28 ? 1    MET A N   1 
ATOM   2    C CA  . MET A 1 1   ? -12.928 20.024  3.188   1.00 31.72 ? 1    MET A CA  1 
ATOM   3    C C   . MET A 1 1   ? -11.485 19.591  3.194   1.00 29.50 ? 1    MET A C   1 
ATOM   4    O O   . MET A 1 1   ? -10.559 20.397  3.357   1.00 27.03 ? 1    MET A O   1 
ATOM   5    C CB  . MET A 1 1   ? -13.360 20.058  1.738   1.00 35.93 ? 1    MET A CB  1 
ATOM   6    C CG  . MET A 1 1   ? -12.726 21.126  0.896   1.00 38.22 ? 1    MET A CG  1 
ATOM   7    S SD  . MET A 1 1   ? -13.651 21.067  -0.741  1.00 46.22 ? 1    MET A SD  1 
ATOM   8    C CE  . MET A 1 1   ? -14.955 19.705  -0.329  1.00 42.14 ? 1    MET A CE  1 
ATOM   9    N N   . PHE A 1 2   ? -11.289 18.284  3.096   1.00 29.01 ? 2    PHE A N   1 
ATOM   10   C CA  . PHE A 1 2   ? -9.892  17.996  2.990   1.00 30.44 ? 2    PHE A CA  1 
ATOM   11   C C   . PHE A 1 2   ? -9.614  16.979  1.983   1.00 26.76 ? 2    PHE A C   1 
ATOM   12   O O   . PHE A 1 2   ? -10.480 16.231  1.610   1.00 27.54 ? 2    PHE A O   1 
ATOM   13   C CB  . PHE A 1 2   ? -9.130  17.755  4.287   1.00 34.17 ? 2    PHE A CB  1 
ATOM   14   C CG  . PHE A 1 2   ? -9.833  16.927  5.299   1.00 38.69 ? 2    PHE A CG  1 
ATOM   15   C CD1 . PHE A 1 2   ? -9.359  16.979  6.615   1.00 41.81 ? 2    PHE A CD1 1 
ATOM   16   C CD2 . PHE A 1 2   ? -10.849 16.090  4.998   1.00 41.73 ? 2    PHE A CD2 1 
ATOM   17   C CE1 . PHE A 1 2   ? -9.861  16.216  7.614   1.00 43.03 ? 2    PHE A CE1 1 
ATOM   18   C CE2 . PHE A 1 2   ? -11.386 15.272  6.040   1.00 43.16 ? 2    PHE A CE2 1 
ATOM   19   C CZ  . PHE A 1 2   ? -10.882 15.356  7.324   1.00 43.61 ? 2    PHE A CZ  1 
ATOM   20   N N   . LYS A 1 3   ? -8.434  17.182  1.436   1.00 25.48 ? 3    LYS A N   1 
ATOM   21   C CA  . LYS A 1 3   ? -7.900  16.296  0.431   1.00 23.91 ? 3    LYS A CA  1 
ATOM   22   C C   . LYS A 1 3   ? -7.176  15.153  1.160   1.00 21.34 ? 3    LYS A C   1 
ATOM   23   O O   . LYS A 1 3   ? -6.632  15.361  2.221   1.00 20.58 ? 3    LYS A O   1 
ATOM   24   C CB  . LYS A 1 3   ? -6.956  17.064  -0.442  1.00 24.80 ? 3    LYS A CB  1 
ATOM   25   C CG  . LYS A 1 3   ? -7.742  17.696  -1.639  1.00 30.40 ? 3    LYS A CG  1 
ATOM   26   C CD  . LYS A 1 3   ? -6.686  18.514  -2.465  1.00 34.29 ? 3    LYS A CD  1 
ATOM   27   C CE  . LYS A 1 3   ? -7.010  18.645  -3.939  1.00 37.51 ? 3    LYS A CE  1 
ATOM   28   N NZ  . LYS A 1 3   ? -8.197  19.485  -4.019  1.00 39.78 ? 3    LYS A NZ  1 
ATOM   29   N N   . THR A 1 4   ? -7.204  13.970  0.537   1.00 19.75 ? 4    THR A N   1 
ATOM   30   C CA  . THR A 1 4   ? -6.521  12.806  1.059   1.00 18.61 ? 4    THR A CA  1 
ATOM   31   C C   . THR A 1 4   ? -5.605  12.207  0.018   1.00 18.77 ? 4    THR A C   1 
ATOM   32   O O   . THR A 1 4   ? -6.011  12.036  -1.117  1.00 18.84 ? 4    THR A O   1 
ATOM   33   C CB  . THR A 1 4   ? -7.503  11.702  1.397   1.00 20.99 ? 4    THR A CB  1 
ATOM   34   O OG1 . THR A 1 4   ? -8.257  12.193  2.489   1.00 22.78 ? 4    THR A OG1 1 
ATOM   35   C CG2 . THR A 1 4   ? -6.741  10.409  1.910   1.00 18.98 ? 4    THR A CG2 1 
ATOM   36   N N   . ILE A 1 5   ? -4.372  12.040  0.426   1.00 16.51 ? 5    ILE A N   1 
ATOM   37   C CA  . ILE A 1 5   ? -3.356  11.368  -0.500  1.00 16.58 ? 5    ILE A CA  1 
ATOM   38   C C   . ILE A 1 5   ? -3.250  9.913   0.082   1.00 15.59 ? 5    ILE A C   1 
ATOM   39   O O   . ILE A 1 5   ? -3.033  9.771   1.298   1.00 16.82 ? 5    ILE A O   1 
ATOM   40   C CB  . ILE A 1 5   ? -2.025  12.025  -0.353  1.00 17.74 ? 5    ILE A CB  1 
ATOM   41   C CG1 . ILE A 1 5   ? -2.031  13.564  -0.685  1.00 19.79 ? 5    ILE A CG1 1 
ATOM   42   C CG2 . ILE A 1 5   ? -0.887  11.265  -1.294  1.00 19.77 ? 5    ILE A CG2 1 
ATOM   43   C CD1 . ILE A 1 5   ? -2.788  13.890  -1.905  1.00 22.39 ? 5    ILE A CD1 1 
ATOM   44   N N   . LEU A 1 6   ? -3.372  8.889   -0.776  1.00 13.91 ? 6    LEU A N   1 
ATOM   45   C CA  . LEU A 1 6   ? -3.230  7.490   -0.293  1.00 14.92 ? 6    LEU A CA  1 
ATOM   46   C C   . LEU A 1 6   ? -1.937  6.967   -0.907  1.00 15.75 ? 6    LEU A C   1 
ATOM   47   O O   . LEU A 1 6   ? -1.822  6.945   -2.098  1.00 17.16 ? 6    LEU A O   1 
ATOM   48   C CB  . LEU A 1 6   ? -4.420  6.663   -0.799  1.00 16.51 ? 6    LEU A CB  1 
ATOM   49   C CG  . LEU A 1 6   ? -4.499  5.255   -0.170  1.00 20.45 ? 6    LEU A CG  1 
ATOM   50   C CD1 . LEU A 1 6   ? -5.974  4.661   -0.479  1.00 24.65 ? 6    LEU A CD1 1 
ATOM   51   C CD2 . LEU A 1 6   ? -3.661  4.330   -0.890  1.00 23.09 ? 6    LEU A CD2 1 
ATOM   52   N N   . LEU A 1 7   ? -1.038  6.535   -0.028  1.00 13.60 ? 7    LEU A N   1 
ATOM   53   C CA  . LEU A 1 7   ? 0.220   5.905   -0.456  1.00 14.07 ? 7    LEU A CA  1 
ATOM   54   C C   . LEU A 1 7   ? 0.102   4.381   -0.347  1.00 13.71 ? 7    LEU A C   1 
ATOM   55   O O   . LEU A 1 7   ? -0.244  3.904   0.727   1.00 14.71 ? 7    LEU A O   1 
ATOM   56   C CB  . LEU A 1 7   ? 1.343   6.458   0.430   1.00 12.95 ? 7    LEU A CB  1 
ATOM   57   C CG  . LEU A 1 7   ? 2.593   5.585   0.251   1.00 11.85 ? 7    LEU A CG  1 
ATOM   58   C CD1 . LEU A 1 7   ? 3.333   5.767   -1.168  1.00 12.00 ? 7    LEU A CD1 1 
ATOM   59   C CD2 . LEU A 1 7   ? 3.638   5.997   1.390   1.00 12.47 ? 7    LEU A CD2 1 
ATOM   60   N N   . ALA A 1 8   ? 0.423   3.646   -1.460  1.00 12.51 ? 8    ALA A N   1 
ATOM   61   C CA  . ALA A 1 8   ? 0.454   2.154   -1.373  1.00 14.87 ? 8    ALA A CA  1 
ATOM   62   C C   . ALA A 1 8   ? 1.889   1.830   -1.136  1.00 16.05 ? 8    ALA A C   1 
ATOM   63   O O   . ALA A 1 8   ? 2.758   2.249   -1.877  1.00 16.78 ? 8    ALA A O   1 
ATOM   64   C CB  . ALA A 1 8   ? -0.079  1.539   -2.656  1.00 15.65 ? 8    ALA A CB  1 
ATOM   65   N N   . TYR A 1 9   ? 2.201   1.104   -0.057  1.00 14.26 ? 9    TYR A N   1 
ATOM   66   C CA  . TYR A 1 9   ? 3.597   0.823   0.260   1.00 13.20 ? 9    TYR A CA  1 
ATOM   67   C C   . TYR A 1 9   ? 3.816   -0.667  0.481   1.00 16.32 ? 9    TYR A C   1 
ATOM   68   O O   . TYR A 1 9   ? 3.125   -1.260  1.284   1.00 17.75 ? 9    TYR A O   1 
ATOM   69   C CB  . TYR A 1 9   ? 3.963   1.579   1.542   1.00 14.59 ? 9    TYR A CB  1 
ATOM   70   C CG  . TYR A 1 9   ? 5.403   1.496   1.929   1.00 13.04 ? 9    TYR A CG  1 
ATOM   71   C CD1 . TYR A 1 9   ? 6.343   2.445   1.474   1.00 13.30 ? 9    TYR A CD1 1 
ATOM   72   C CD2 . TYR A 1 9   ? 5.904   0.427   2.803   1.00 13.14 ? 9    TYR A CD2 1 
ATOM   73   C CE1 . TYR A 1 9   ? 7.691   2.385   1.848   1.00 15.12 ? 9    TYR A CE1 1 
ATOM   74   C CE2 . TYR A 1 9   ? 7.247   0.400   3.217   1.00 14.43 ? 9    TYR A CE2 1 
ATOM   75   C CZ  . TYR A 1 9   ? 8.151   1.366   2.726   1.00 16.03 ? 9    TYR A CZ  1 
ATOM   76   O OH  . TYR A 1 9   ? 9.449   1.339   3.112   1.00 17.59 ? 9    TYR A OH  1 
ATOM   77   N N   . ASP A 1 10  ? 4.866   -1.209  -0.138  1.00 16.60 ? 10   ASP A N   1 
ATOM   78   C CA  . ASP A 1 10  ? 5.250   -2.633  0.073   1.00 17.78 ? 10   ASP A CA  1 
ATOM   79   C C   . ASP A 1 10  ? 6.667   -2.881  0.459   1.00 17.92 ? 10   ASP A C   1 
ATOM   80   O O   . ASP A 1 10  ? 7.056   -4.077  0.505   1.00 20.25 ? 10   ASP A O   1 
ATOM   81   C CB  . ASP A 1 10  ? 4.889   -3.396  -1.189  1.00 19.52 ? 10   ASP A CB  1 
ATOM   82   C CG  . ASP A 1 10  ? 5.806   -2.976  -2.412  1.00 19.93 ? 10   ASP A CG  1 
ATOM   83   O OD1 . ASP A 1 10  ? 6.667   -2.085  -2.303  1.00 20.32 ? 10   ASP A OD1 1 
ATOM   84   O OD2 . ASP A 1 10  ? 5.585   -3.618  -3.500  1.00 27.17 ? 10   ASP A OD2 1 
ATOM   85   N N   . GLY A 1 11  ? 7.451   -1.854  0.794   1.00 16.29 ? 11   GLY A N   1 
ATOM   86   C CA  . GLY A 1 11  ? 8.830   -2.006  1.258   1.00 17.09 ? 11   GLY A CA  1 
ATOM   87   C C   . GLY A 1 11  ? 9.813   -2.060  0.052   1.00 14.88 ? 11   GLY A C   1 
ATOM   88   O O   . GLY A 1 11  ? 10.998  -1.941  0.311   1.00 17.55 ? 11   GLY A O   1 
ATOM   89   N N   . SER A 1 12  ? 9.294   -2.075  -1.141  1.00 14.53 ? 12   SER A N   1 
ATOM   90   C CA  . SER A 1 12  ? 10.252  -2.048  -2.352  1.00 14.74 ? 12   SER A CA  1 
ATOM   91   C C   . SER A 1 12  ? 10.882  -0.690  -2.508  1.00 16.31 ? 12   SER A C   1 
ATOM   92   O O   . SER A 1 12  ? 10.429  0.311   -1.900  1.00 14.90 ? 12   SER A O   1 
ATOM   93   C CB  . SER A 1 12  ? 9.521   -2.313  -3.657  1.00 14.21 ? 12   SER A CB  1 
ATOM   94   O OG  . SER A 1 12  ? 8.628   -1.239  -4.005  1.00 16.54 ? 12   SER A OG  1 
ATOM   95   N N   . GLU A 1 13  ? 11.969  -0.632  -3.283  1.00 13.13 ? 13   GLU A N   1 
ATOM   96   C CA  . GLU A 1 13  ? 12.629  0.680   -3.501  1.00 14.75 ? 13   GLU A CA  1 
ATOM   97   C C   . GLU A 1 13  ? 11.617  1.635   -4.221  1.00 13.19 ? 13   GLU A C   1 
ATOM   98   O O   . GLU A 1 13  ? 11.656  2.848   -4.023  1.00 14.11 ? 13   GLU A O   1 
ATOM   99   C CB  . GLU A 1 13  ? 13.872  0.609   -4.430  1.00 16.63 ? 13   GLU A CB  1 
ATOM   100  C CG  . GLU A 1 13  ? 15.012  -0.194  -3.683  1.00 21.67 ? 13   GLU A CG  1 
ATOM   101  C CD  . GLU A 1 13  ? 15.702  0.582   -2.566  1.00 26.67 ? 13   GLU A CD  1 
ATOM   102  O OE1 . GLU A 1 13  ? 15.231  1.658   -2.099  1.00 26.89 ? 13   GLU A OE1 1 
ATOM   103  O OE2 . GLU A 1 13  ? 16.802  0.015   -2.117  1.00 30.40 ? 13   GLU A OE2 1 
ATOM   104  N N   . HIS A 1 14  ? 10.814  1.088   -5.103  1.00 13.37 ? 14   HIS A N   1 
ATOM   105  C CA  . HIS A 1 14  ? 9.764   1.896   -5.744  1.00 11.44 ? 14   HIS A CA  1 
ATOM   106  C C   . HIS A 1 14  ? 8.855   2.535   -4.725  1.00 12.43 ? 14   HIS A C   1 
ATOM   107  O O   . HIS A 1 14  ? 8.538   3.698   -4.875  1.00 12.75 ? 14   HIS A O   1 
ATOM   108  C CB  . HIS A 1 14  ? 8.868   1.066   -6.712  1.00 13.79 ? 14   HIS A CB  1 
ATOM   109  C CG  . HIS A 1 14  ? 9.643   0.299   -7.701  1.00 15.28 ? 14   HIS A CG  1 
ATOM   110  N ND1 . HIS A 1 14  ? 9.696   -1.090  -7.696  1.00 18.04 ? 14   HIS A ND1 1 
ATOM   111  C CD2 . HIS A 1 14  ? 10.455  0.730   -8.720  1.00 14.68 ? 14   HIS A CD2 1 
ATOM   112  C CE1 . HIS A 1 14  ? 10.534  -1.483  -8.672  1.00 14.78 ? 14   HIS A CE1 1 
ATOM   113  N NE2 . HIS A 1 14  ? 11.005  -0.404  -9.280  1.00 18.10 ? 14   HIS A NE2 1 
ATOM   114  N N   . ALA A 1 15  ? 8.457   1.717   -3.781  1.00 12.77 ? 15   ALA A N   1 
ATOM   115  C CA  . ALA A 1 15  ? 7.550   2.238   -2.750  1.00 12.17 ? 15   ALA A CA  1 
ATOM   116  C C   . ALA A 1 15  ? 8.244   3.273   -1.830  1.00 13.08 ? 15   ALA A C   1 
ATOM   117  O O   . ALA A 1 15  ? 7.483   4.202   -1.327  1.00 13.30 ? 15   ALA A O   1 
ATOM   118  C CB  . ALA A 1 15  ? 7.026   1.073   -1.865  1.00 13.15 ? 15   ALA A CB  1 
ATOM   119  N N   . ARG A 1 16  ? 9.582   3.111   -1.549  1.00 12.47 ? 16   ARG A N   1 
ATOM   120  C CA  . ARG A 1 16  ? 10.266  4.109   -0.739  1.00 14.16 ? 16   ARG A CA  1 
ATOM   121  C C   . ARG A 1 16  ? 10.284  5.455   -1.485  1.00 13.49 ? 16   ARG A C   1 
ATOM   122  O O   . ARG A 1 16  ? 10.084  6.514   -0.856  1.00 13.55 ? 16   ARG A O   1 
ATOM   123  C CB  . ARG A 1 16  ? 11.697  3.617   -0.320  1.00 17.06 ? 16   ARG A CB  1 
ATOM   124  C CG  . ARG A 1 16  ? 11.523  2.384   0.557   1.00 21.16 ? 16   ARG A CG  1 
ATOM   125  C CD  . ARG A 1 16  ? 12.889  1.908   1.011   1.00 26.69 ? 16   ARG A CD  1 
ATOM   126  N NE  . ARG A 1 16  ? 13.568  2.830   1.844   1.00 30.16 ? 16   ARG A NE  1 
ATOM   127  C CZ  . ARG A 1 16  ? 13.454  2.966   3.181   1.00 33.60 ? 16   ARG A CZ  1 
ATOM   128  N NH1 . ARG A 1 16  ? 12.606  2.214   3.966   1.00 33.41 ? 16   ARG A NH1 1 
ATOM   129  N NH2 . ARG A 1 16  ? 14.304  3.816   3.778   1.00 34.25 ? 16   ARG A NH2 1 
ATOM   130  N N   . ARG A 1 17  ? 10.573  5.394   -2.773  1.00 13.75 ? 17   ARG A N   1 
ATOM   131  C CA  . ARG A 1 17  ? 10.510  6.598   -3.557  1.00 13.50 ? 17   ARG A CA  1 
ATOM   132  C C   . ARG A 1 17  ? 9.096   7.158   -3.624  1.00 13.87 ? 17   ARG A C   1 
ATOM   133  O O   . ARG A 1 17  ? 8.919   8.423   -3.527  1.00 14.19 ? 17   ARG A O   1 
ATOM   134  C CB  . ARG A 1 17  ? 11.056  6.372   -4.982  1.00 14.65 ? 17   ARG A CB  1 
ATOM   135  C CG  . ARG A 1 17  ? 12.570  6.211   -4.894  1.00 16.80 ? 17   ARG A CG  1 
ATOM   136  C CD  . ARG A 1 17  ? 13.175  6.145   -6.321  1.00 18.24 ? 17   ARG A CD  1 
ATOM   137  N NE  . ARG A 1 17  ? 12.907  4.891   -7.002  1.00 21.49 ? 17   ARG A NE  1 
ATOM   138  C CZ  . ARG A 1 17  ? 13.728  3.783   -6.922  1.00 20.71 ? 17   ARG A CZ  1 
ATOM   139  N NH1 . ARG A 1 17  ? 14.805  3.796   -6.190  1.00 22.25 ? 17   ARG A NH1 1 
ATOM   140  N NH2 . ARG A 1 17  ? 13.429  2.698   -7.585  1.00 21.39 ? 17   ARG A NH2 1 
ATOM   141  N N   . ALA A 1 18  ? 8.129   6.262   -3.746  1.00 12.93 ? 18   ALA A N   1 
ATOM   142  C CA  . ALA A 1 18  ? 6.710   6.768   -3.752  1.00 12.20 ? 18   ALA A CA  1 
ATOM   143  C C   . ALA A 1 18  ? 6.400   7.424   -2.405  1.00 12.65 ? 18   ALA A C   1 
ATOM   144  O O   . ALA A 1 18  ? 5.662   8.419   -2.376  1.00 14.06 ? 18   ALA A O   1 
ATOM   145  C CB  . ALA A 1 18  ? 5.732   5.618   -4.039  1.00 11.17 ? 18   ALA A CB  1 
ATOM   146  N N   . ALA A 1 19  ? 6.962   6.881   -1.312  1.00 11.16 ? 19   ALA A N   1 
ATOM   147  C CA  . ALA A 1 19  ? 6.696   7.505   -0.031  1.00 13.31 ? 19   ALA A CA  1 
ATOM   148  C C   . ALA A 1 19  ? 7.198   8.926   0.076   1.00 13.37 ? 19   ALA A C   1 
ATOM   149  O O   . ALA A 1 19  ? 6.481   9.729   0.693   1.00 14.36 ? 19   ALA A O   1 
ATOM   150  C CB  . ALA A 1 19  ? 7.329   6.595   1.211   1.00 14.59 ? 19   ALA A CB  1 
ATOM   151  N N   . GLU A 1 20  ? 8.373   9.182   -0.527  1.00 13.68 ? 20   GLU A N   1 
ATOM   152  C CA  . GLU A 1 20  ? 8.968   10.553  -0.480  1.00 15.82 ? 20   GLU A CA  1 
ATOM   153  C C   . GLU A 1 20  ? 8.051   11.458  -1.310  1.00 14.50 ? 20   GLU A C   1 
ATOM   154  O O   . GLU A 1 20  ? 7.734   12.607  -0.871  1.00 15.47 ? 20   GLU A O   1 
ATOM   155  C CB  . GLU A 1 20  ? 10.423  10.520  -0.998  1.00 18.90 ? 20   GLU A CB  1 
ATOM   156  C CG  . GLU A 1 20  ? 11.290  9.826   0.117   1.00 28.04 ? 20   GLU A CG  1 
ATOM   157  C CD  . GLU A 1 20  ? 11.060  10.529  1.607   1.00 33.06 ? 20   GLU A CD  1 
ATOM   158  O OE1 . GLU A 1 20  ? 11.236  11.833  1.755   1.00 36.91 ? 20   GLU A OE1 1 
ATOM   159  O OE2 . GLU A 1 20  ? 10.607  9.848   2.622   1.00 36.64 ? 20   GLU A OE2 1 
ATOM   160  N N   . VAL A 1 21  ? 7.527   10.908  -2.463  1.00 13.60 ? 21   VAL A N   1 
ATOM   161  C CA  . VAL A 1 21  ? 6.654   11.756  -3.289  1.00 13.31 ? 21   VAL A CA  1 
ATOM   162  C C   . VAL A 1 21  ? 5.332   12.072  -2.551  1.00 12.24 ? 21   VAL A C   1 
ATOM   163  O O   . VAL A 1 21  ? 4.869   13.171  -2.560  1.00 13.45 ? 21   VAL A O   1 
ATOM   164  C CB  . VAL A 1 21  ? 6.394   11.054  -4.641  1.00 12.72 ? 21   VAL A CB  1 
ATOM   165  C CG1 . VAL A 1 21  ? 5.165   11.710  -5.426  1.00 13.38 ? 21   VAL A CG1 1 
ATOM   166  C CG2 . VAL A 1 21  ? 7.702   11.103  -5.502  1.00 14.90 ? 21   VAL A CG2 1 
ATOM   167  N N   . ALA A 1 22  ? 4.783   11.036  -1.923  1.00 13.27 ? 22   ALA A N   1 
ATOM   168  C CA  . ALA A 1 22  ? 3.468   11.216  -1.254  1.00 14.27 ? 22   ALA A CA  1 
ATOM   169  C C   . ALA A 1 22  ? 3.564   12.188  -0.011  1.00 14.43 ? 22   ALA A C   1 
ATOM   170  O O   . ALA A 1 22  ? 2.668   12.981  0.152   1.00 14.31 ? 22   ALA A O   1 
ATOM   171  C CB  . ALA A 1 22  ? 2.924   9.804   -0.791  1.00 13.95 ? 22   ALA A CB  1 
ATOM   172  N N   . LYS A 1 23  ? 4.705   12.113  0.670   1.00 13.37 ? 23   LYS A N   1 
ATOM   173  C CA  . LYS A 1 23  ? 4.935   13.008  1.822   1.00 15.70 ? 23   LYS A CA  1 
ATOM   174  C C   . LYS A 1 23  ? 4.969   14.443  1.261   1.00 14.93 ? 23   LYS A C   1 
ATOM   175  O O   . LYS A 1 23  ? 4.298   15.366  1.841   1.00 15.99 ? 23   LYS A O   1 
ATOM   176  C CB  . LYS A 1 23  ? 6.232   12.600  2.568   1.00 15.72 ? 23   LYS A CB  1 
ATOM   177  C CG  . LYS A 1 23  ? 6.507   13.467  3.810   1.00 19.72 ? 23   LYS A CG  1 
ATOM   178  C CD  . LYS A 1 23  ? 7.834   12.943  4.461   1.00 23.02 ? 23   LYS A CD  1 
ATOM   179  C CE  . LYS A 1 23  ? 8.149   13.575  5.837   1.00 30.42 ? 23   LYS A CE  1 
ATOM   180  N NZ  . LYS A 1 23  ? 8.187   15.034  5.805   1.00 31.48 ? 23   LYS A NZ  1 
ATOM   181  N N   . ALA A 1 24  ? 5.706   14.637  0.167   1.00 15.51 ? 24   ALA A N   1 
ATOM   182  C CA  . ALA A 1 24  ? 5.779   16.017  -0.399  1.00 15.32 ? 24   ALA A CA  1 
ATOM   183  C C   . ALA A 1 24  ? 4.420   16.482  -0.923  1.00 16.44 ? 24   ALA A C   1 
ATOM   184  O O   . ALA A 1 24  ? 4.038   17.665  -0.824  1.00 16.67 ? 24   ALA A O   1 
ATOM   185  C CB  . ALA A 1 24  ? 6.814   16.048  -1.528  1.00 17.71 ? 24   ALA A CB  1 
ATOM   186  N N   . GLU A 1 25  ? 3.635   15.576  -1.480  1.00 15.33 ? 25   GLU A N   1 
ATOM   187  C CA  . GLU A 1 25  ? 2.317   16.012  -2.015  1.00 13.56 ? 25   GLU A CA  1 
ATOM   188  C C   . GLU A 1 25  ? 1.414   16.388  -0.845  1.00 15.48 ? 25   GLU A C   1 
ATOM   189  O O   . GLU A 1 25  ? 0.667   17.372  -0.923  1.00 14.82 ? 25   GLU A O   1 
ATOM   190  C CB  . GLU A 1 25  ? 1.624   14.820  -2.765  1.00 16.18 ? 25   GLU A CB  1 
ATOM   191  C CG  . GLU A 1 25  ? 2.265   14.404  -4.084  1.00 19.75 ? 25   GLU A CG  1 
ATOM   192  C CD  . GLU A 1 25  ? 2.069   15.558  -5.101  1.00 23.89 ? 25   GLU A CD  1 
ATOM   193  O OE1 . GLU A 1 25  ? 1.153   16.327  -4.978  1.00 28.35 ? 25   GLU A OE1 1 
ATOM   194  O OE2 . GLU A 1 25  ? 2.822   15.714  -5.991  1.00 27.67 ? 25   GLU A OE2 1 
ATOM   195  N N   . ALA A 1 26  ? 1.425   15.558  0.201   1.00 14.83 ? 26   ALA A N   1 
ATOM   196  C CA  . ALA A 1 26  ? 0.501   15.882  1.340   1.00 16.05 ? 26   ALA A CA  1 
ATOM   197  C C   . ALA A 1 26  ? 0.923   17.255  1.939   1.00 17.30 ? 26   ALA A C   1 
ATOM   198  O O   . ALA A 1 26  ? 0.035   18.079  2.323   1.00 17.64 ? 26   ALA A O   1 
ATOM   199  C CB  . ALA A 1 26  ? 0.582   14.758  2.419   1.00 18.20 ? 26   ALA A CB  1 
ATOM   200  N N   . GLU A 1 27  ? 2.211   17.469  2.125   1.00 16.32 ? 27   GLU A N   1 
ATOM   201  C CA  . GLU A 1 27  ? 2.687   18.760  2.684   1.00 17.63 ? 27   GLU A CA  1 
ATOM   202  C C   . GLU A 1 27  ? 2.305   19.920  1.758   1.00 17.81 ? 27   GLU A C   1 
ATOM   203  O O   . GLU A 1 27  ? 1.782   20.980  2.251   1.00 18.19 ? 27   GLU A O   1 
ATOM   204  C CB  . GLU A 1 27  ? 4.165   18.764  2.829   1.00 20.90 ? 27   GLU A CB  1 
ATOM   205  C CG  . GLU A 1 27  ? 4.539   17.797  3.972   1.00 27.13 ? 27   GLU A CG  1 
ATOM   206  C CD  . GLU A 1 27  ? 6.007   17.538  4.127   1.00 30.63 ? 27   GLU A CD  1 
ATOM   207  O OE1 . GLU A 1 27  ? 6.815   17.865  3.184   1.00 34.32 ? 27   GLU A OE1 1 
ATOM   208  O OE2 . GLU A 1 27  ? 6.340   16.909  5.199   1.00 33.57 ? 27   GLU A OE2 1 
ATOM   209  N N   . ALA A 1 28  ? 2.566   19.788  0.463   1.00 16.23 ? 28   ALA A N   1 
ATOM   210  C CA  . ALA A 1 28  ? 2.249   20.879  -0.474  1.00 16.80 ? 28   ALA A CA  1 
ATOM   211  C C   . ALA A 1 28  ? 0.766   21.211  -0.535  1.00 17.44 ? 28   ALA A C   1 
ATOM   212  O O   . ALA A 1 28  ? 0.400   22.390  -0.604  1.00 17.31 ? 28   ALA A O   1 
ATOM   213  C CB  . ALA A 1 28  ? 2.737   20.503  -1.939  1.00 16.94 ? 28   ALA A CB  1 
ATOM   214  N N   . HIS A 1 29  ? -0.112  20.205  -0.484  1.00 17.33 ? 29   HIS A N   1 
ATOM   215  C CA  . HIS A 1 29  ? -1.555  20.439  -0.595  1.00 18.61 ? 29   HIS A CA  1 
ATOM   216  C C   . HIS A 1 29  ? -2.232  20.674  0.716   1.00 19.94 ? 29   HIS A C   1 
ATOM   217  O O   . HIS A 1 29  ? -3.486  20.888  0.748   1.00 21.06 ? 29   HIS A O   1 
ATOM   218  C CB  . HIS A 1 29  ? -2.245  19.207  -1.273  1.00 18.39 ? 29   HIS A CB  1 
ATOM   219  C CG  . HIS A 1 29  ? -1.997  19.141  -2.727  1.00 18.61 ? 29   HIS A CG  1 
ATOM   220  N ND1 . HIS A 1 29  ? -1.059  18.310  -3.330  1.00 22.50 ? 29   HIS A ND1 1 
ATOM   221  C CD2 . HIS A 1 29  ? -2.538  19.872  -3.711  1.00 17.64 ? 29   HIS A CD2 1 
ATOM   222  C CE1 . HIS A 1 29  ? -1.030  18.565  -4.631  1.00 19.37 ? 29   HIS A CE1 1 
ATOM   223  N NE2 . HIS A 1 29  ? -1.914  19.523  -4.878  1.00 23.39 ? 29   HIS A NE2 1 
ATOM   224  N N   . GLY A 1 30  ? -1.466  20.454  1.803   1.00 20.41 ? 30   GLY A N   1 
ATOM   225  C CA  . GLY A 1 30  ? -2.092  20.528  3.145   1.00 21.12 ? 30   GLY A CA  1 
ATOM   226  C C   . GLY A 1 30  ? -3.111  19.422  3.276   1.00 21.33 ? 30   GLY A C   1 
ATOM   227  O O   . GLY A 1 30  ? -4.207  19.554  3.805   1.00 22.23 ? 30   GLY A O   1 
ATOM   228  N N   . ALA A 1 31  ? -2.776  18.232  2.738   1.00 18.50 ? 31   ALA A N   1 
ATOM   229  C CA  . ALA A 1 31  ? -3.703  17.118  2.708   1.00 17.15 ? 31   ALA A CA  1 
ATOM   230  C C   . ALA A 1 31  ? -3.391  16.056  3.767   1.00 18.33 ? 31   ALA A C   1 
ATOM   231  O O   . ALA A 1 31  ? -2.260  15.994  4.283   1.00 19.07 ? 31   ALA A O   1 
ATOM   232  C CB  . ALA A 1 31  ? -3.586  16.407  1.394   1.00 17.95 ? 31   ALA A CB  1 
ATOM   233  N N   . ARG A 1 32  ? -4.380  15.217  4.057   1.00 18.07 ? 32   ARG A N   1 
ATOM   234  C CA  . ARG A 1 32  ? -4.178  14.084  5.019   1.00 19.80 ? 32   ARG A CA  1 
ATOM   235  C C   . ARG A 1 32  ? -3.425  12.973  4.190   1.00 18.85 ? 32   ARG A C   1 
ATOM   236  O O   . ARG A 1 32  ? -3.672  12.857  2.982   1.00 20.58 ? 32   ARG A O   1 
ATOM   237  C CB  . ARG A 1 32  ? -5.548  13.494  5.449   1.00 22.78 ? 32   ARG A CB  1 
ATOM   238  C CG  . ARG A 1 32  ? -5.328  12.221  6.229   1.00 28.59 ? 32   ARG A CG  1 
ATOM   239  C CD  . ARG A 1 32  ? -6.752  11.787  6.729   1.00 30.33 ? 32   ARG A CD  1 
ATOM   240  N NE  . ARG A 1 32  ? -7.695  11.486  5.638   1.00 31.22 ? 32   ARG A NE  1 
ATOM   241  C CZ  . ARG A 1 32  ? -8.652  10.573  5.764   1.00 31.43 ? 32   ARG A CZ  1 
ATOM   242  N NH1 . ARG A 1 32  ? -8.769  9.908   6.955   1.00 29.06 ? 32   ARG A NH1 1 
ATOM   243  N NH2 . ARG A 1 32  ? -9.430  10.267  4.709   1.00 30.68 ? 32   ARG A NH2 1 
ATOM   244  N N   . LEU A 1 33  ? -2.404  12.361  4.783   1.00 16.55 ? 33   LEU A N   1 
ATOM   245  C CA  . LEU A 1 33  ? -1.713  11.237  4.066   1.00 16.71 ? 33   LEU A CA  1 
ATOM   246  C C   . LEU A 1 33  ? -2.085  9.932   4.791   1.00 17.34 ? 33   LEU A C   1 
ATOM   247  O O   . LEU A 1 33  ? -1.866  9.780   6.032   1.00 18.79 ? 33   LEU A O   1 
ATOM   248  C CB  . LEU A 1 33  ? -0.251  11.407  4.219   1.00 16.67 ? 33   LEU A CB  1 
ATOM   249  C CG  . LEU A 1 33  ? 0.612   10.275  3.598   1.00 15.90 ? 33   LEU A CG  1 
ATOM   250  C CD1 . LEU A 1 33  ? 0.265   10.050  2.054   1.00 17.59 ? 33   LEU A CD1 1 
ATOM   251  C CD2 . LEU A 1 33  ? 2.066   10.701  3.731   1.00 18.43 ? 33   LEU A CD2 1 
ATOM   252  N N   . ILE A 1 34  ? -2.641  8.995   4.056   1.00 16.57 ? 34   ILE A N   1 
ATOM   253  C CA  . ILE A 1 34  ? -3.010  7.675   4.570   1.00 16.65 ? 34   ILE A CA  1 
ATOM   254  C C   . ILE A 1 34  ? -2.040  6.725   3.878   1.00 16.75 ? 34   ILE A C   1 
ATOM   255  O O   . ILE A 1 34  ? -1.851  6.861   2.660   1.00 17.27 ? 34   ILE A O   1 
ATOM   256  C CB  . ILE A 1 34  ? -4.388  7.298   4.169   1.00 17.88 ? 34   ILE A CB  1 
ATOM   257  C CG1 . ILE A 1 34  ? -5.398  8.303   4.866   1.00 19.05 ? 34   ILE A CG1 1 
ATOM   258  C CG2 . ILE A 1 34  ? -4.670  5.792   4.671   1.00 20.35 ? 34   ILE A CG2 1 
ATOM   259  C CD1 . ILE A 1 34  ? -5.109  8.424   6.361   1.00 24.45 ? 34   ILE A CD1 1 
ATOM   260  N N   . VAL A 1 35  ? -1.402  5.840   4.647   1.00 14.61 ? 35   VAL A N   1 
ATOM   261  C CA  . VAL A 1 35  ? -0.443  4.891   4.069   1.00 15.30 ? 35   VAL A CA  1 
ATOM   262  C C   . VAL A 1 35  ? -1.083  3.549   4.191   1.00 15.35 ? 35   VAL A C   1 
ATOM   263  O O   . VAL A 1 35  ? -1.646  3.207   5.293   1.00 17.12 ? 35   VAL A O   1 
ATOM   264  C CB  . VAL A 1 35  ? 0.914   4.973   4.837   1.00 16.05 ? 35   VAL A CB  1 
ATOM   265  C CG1 . VAL A 1 35  ? 1.819   3.946   4.267   1.00 20.43 ? 35   VAL A CG1 1 
ATOM   266  C CG2 . VAL A 1 35  ? 1.513   6.417   4.699   1.00 15.96 ? 35   VAL A CG2 1 
ATOM   267  N N   . VAL A 1 36  ? -1.056  2.757   3.123   1.00 13.31 ? 36   VAL A N   1 
ATOM   268  C CA  . VAL A 1 36  ? -1.665  1.403   3.237   1.00 14.08 ? 36   VAL A CA  1 
ATOM   269  C C   . VAL A 1 36  ? -0.629  0.358   2.834   1.00 16.53 ? 36   VAL A C   1 
ATOM   270  O O   . VAL A 1 36  ? 0.019   0.503   1.779   1.00 15.90 ? 36   VAL A O   1 
ATOM   271  C CB  . VAL A 1 36  ? -2.822  1.231   2.213   1.00 17.55 ? 36   VAL A CB  1 
ATOM   272  C CG1 . VAL A 1 36  ? -3.340  -0.246  2.194   1.00 20.00 ? 36   VAL A CG1 1 
ATOM   273  C CG2 . VAL A 1 36  ? -4.024  2.227   2.630   1.00 23.46 ? 36   VAL A CG2 1 
ATOM   274  N N   . HIS A 1 37  ? -0.574  -0.728  3.594   1.00 12.95 ? 37   HIS A N   1 
ATOM   275  C CA  . HIS A 1 37  ? 0.200   -1.893  3.153   1.00 13.85 ? 37   HIS A CA  1 
ATOM   276  C C   . HIS A 1 37  ? -0.770  -3.020  3.101   1.00 14.71 ? 37   HIS A C   1 
ATOM   277  O O   . HIS A 1 37  ? -1.455  -3.239  4.084   1.00 14.47 ? 37   HIS A O   1 
ATOM   278  C CB  . HIS A 1 37  ? 1.378   -2.212  4.070   1.00 12.71 ? 37   HIS A CB  1 
ATOM   279  C CG  . HIS A 1 37  ? 2.079   -3.495  3.704   1.00 14.58 ? 37   HIS A CG  1 
ATOM   280  N ND1 . HIS A 1 37  ? 2.471   -3.786  2.404   1.00 16.41 ? 37   HIS A ND1 1 
ATOM   281  C CD2 . HIS A 1 37  ? 2.448   -4.561  4.458   1.00 17.61 ? 37   HIS A CD2 1 
ATOM   282  C CE1 . HIS A 1 37  ? 3.051   -4.982  2.363   1.00 17.39 ? 37   HIS A CE1 1 
ATOM   283  N NE2 . HIS A 1 37  ? 3.051   -5.480  3.601   1.00 17.86 ? 37   HIS A NE2 1 
ATOM   284  N N   . ALA A 1 38  ? -0.828  -3.775  2.012   1.00 14.51 ? 38   ALA A N   1 
ATOM   285  C CA  . ALA A 1 38  ? -1.816  -4.909  1.927   1.00 17.28 ? 38   ALA A CA  1 
ATOM   286  C C   . ALA A 1 38  ? -1.002  -6.147  1.836   1.00 20.13 ? 38   ALA A C   1 
ATOM   287  O O   . ALA A 1 38  ? 0.001   -6.141  1.068   1.00 23.58 ? 38   ALA A O   1 
ATOM   288  C CB  . ALA A 1 38  ? -2.679  -4.735  0.639   1.00 18.45 ? 38   ALA A CB  1 
ATOM   289  N N   . TYR A 1 39  ? -1.408  -7.206  2.474   1.00 22.12 ? 39   TYR A N   1 
ATOM   290  C CA  . TYR A 1 39  ? -0.616  -8.528  2.414   1.00 23.11 ? 39   TYR A CA  1 
ATOM   291  C C   . TYR A 1 39  ? -1.692  -9.591  2.118   1.00 24.52 ? 39   TYR A C   1 
ATOM   292  O O   . TYR A 1 39  ? -2.861  -9.409  2.407   1.00 20.57 ? 39   TYR A O   1 
ATOM   293  C CB  . TYR A 1 39  ? 0.137   -8.768  3.728   1.00 24.99 ? 39   TYR A CB  1 
ATOM   294  C CG  . TYR A 1 39  ? -0.637  -9.040  4.992   1.00 26.18 ? 39   TYR A CG  1 
ATOM   295  C CD1 . TYR A 1 39  ? -0.865  -10.355 5.444   1.00 28.08 ? 39   TYR A CD1 1 
ATOM   296  C CD2 . TYR A 1 39  ? -1.192  -8.008  5.733   1.00 26.26 ? 39   TYR A CD2 1 
ATOM   297  C CE1 . TYR A 1 39  ? -1.644  -10.609 6.569   1.00 29.42 ? 39   TYR A CE1 1 
ATOM   298  C CE2 . TYR A 1 39  ? -2.003  -8.262  6.893   1.00 28.75 ? 39   TYR A CE2 1 
ATOM   299  C CZ  . TYR A 1 39  ? -2.239  -9.572  7.304   1.00 29.96 ? 39   TYR A CZ  1 
ATOM   300  O OH  . TYR A 1 39  ? -3.121  -9.831  8.373   1.00 31.05 ? 39   TYR A OH  1 
ATOM   301  N N   . GLU A 1 40  ? -1.313  -10.637 1.384   1.00 26.49 ? 40   GLU A N   1 
ATOM   302  C CA  . GLU A 1 40  ? -2.238  -11.747 1.143   1.00 26.98 ? 40   GLU A CA  1 
ATOM   303  C C   . GLU A 1 40  ? -2.075  -12.702 2.382   1.00 25.38 ? 40   GLU A C   1 
ATOM   304  O O   . GLU A 1 40  ? -1.017  -12.868 3.023   1.00 24.98 ? 40   GLU A O   1 
ATOM   305  C CB  . GLU A 1 40  ? -1.874  -12.514 -0.183  1.00 30.84 ? 40   GLU A CB  1 
ATOM   306  C CG  . GLU A 1 40  ? -1.408  -11.485 -1.275  1.00 37.23 ? 40   GLU A CG  1 
ATOM   307  C CD  . GLU A 1 40  ? -1.778  -11.603 -2.778  1.00 42.14 ? 40   GLU A CD  1 
ATOM   308  O OE1 . GLU A 1 40  ? -2.912  -12.050 -3.236  1.00 43.93 ? 40   GLU A OE1 1 
ATOM   309  O OE2 . GLU A 1 40  ? -0.902  -11.084 -3.562  1.00 43.74 ? 40   GLU A OE2 1 
ATOM   310  N N   . PRO A 1 41  ? -3.178  -13.327 2.716   1.00 25.61 ? 41   PRO A N   1 
ATOM   311  C CA  . PRO A 1 41  ? -3.210  -14.262 3.819   1.00 24.37 ? 41   PRO A CA  1 
ATOM   312  C C   . PRO A 1 41  ? -2.382  -15.524 3.533   1.00 25.02 ? 41   PRO A C   1 
ATOM   313  O O   . PRO A 1 41  ? -2.133  -15.885 2.358   1.00 24.78 ? 41   PRO A O   1 
ATOM   314  C CB  . PRO A 1 41  ? -4.666  -14.643 3.931   1.00 25.77 ? 41   PRO A CB  1 
ATOM   315  C CG  . PRO A 1 41  ? -5.169  -14.546 2.404   1.00 27.63 ? 41   PRO A CG  1 
ATOM   316  C CD  . PRO A 1 41  ? -4.476  -13.188 2.037   1.00 25.59 ? 41   PRO A CD  1 
ATOM   317  N N   . VAL A 1 42  ? -1.882  -16.153 4.589   1.00 23.65 ? 42   VAL A N   1 
ATOM   318  C CA  . VAL A 1 42  ? -1.219  -17.428 4.471   1.00 25.56 ? 42   VAL A CA  1 
ATOM   319  C C   . VAL A 1 42  ? -2.214  -18.452 3.879   1.00 24.21 ? 42   VAL A C   1 
ATOM   320  O O   . VAL A 1 42  ? -3.369  -18.532 4.298   1.00 24.64 ? 42   VAL A O   1 
ATOM   321  C CB  . VAL A 1 42  ? -0.739  -17.890 5.859   1.00 25.58 ? 42   VAL A CB  1 
ATOM   322  C CG1 . VAL A 1 42  ? -0.246  -19.297 5.825   1.00 28.34 ? 42   VAL A CG1 1 
ATOM   323  C CG2 . VAL A 1 42  ? 0.493   -16.932 6.286   1.00 26.90 ? 42   VAL A CG2 1 
ATOM   324  N N   . PRO A 1 43  ? -1.763  -19.284 2.900   1.00 25.35 ? 43   PRO A N   1 
ATOM   325  C CA  . PRO A 1 43  ? -2.715  -20.270 2.348   1.00 25.04 ? 43   PRO A CA  1 
ATOM   326  C C   . PRO A 1 43  ? -3.209  -21.337 3.373   1.00 23.81 ? 43   PRO A C   1 
ATOM   327  O O   . PRO A 1 43  ? -2.455  -21.898 4.128   1.00 23.62 ? 43   PRO A O   1 
ATOM   328  C CB  . PRO A 1 43  ? -1.935  -20.949 1.210   1.00 26.93 ? 43   PRO A CB  1 
ATOM   329  C CG  . PRO A 1 43  ? -0.476  -20.846 1.676   1.00 30.46 ? 43   PRO A CG  1 
ATOM   330  C CD  . PRO A 1 43  ? -0.398  -19.437 2.368   1.00 26.78 ? 43   PRO A CD  1 
ATOM   331  N N   . ASP A 1 44  ? -4.493  -21.600 3.308   1.00 24.04 ? 44   ASP A N   1 
ATOM   332  C CA  . ASP A 1 44  ? -4.991  -22.529 4.305   1.00 25.14 ? 44   ASP A CA  1 
ATOM   333  C C   . ASP A 1 44  ? -4.913  -24.014 3.969   1.00 24.79 ? 44   ASP A C   1 
ATOM   334  O O   . ASP A 1 44  ? -5.483  -24.836 4.649   1.00 22.74 ? 44   ASP A O   1 
ATOM   335  C CB  . ASP A 1 44  ? -6.358  -22.137 4.723   1.00 29.90 ? 44   ASP A CB  1 
ATOM   336  C CG  . ASP A 1 44  ? -7.315  -22.121 3.659   1.00 30.49 ? 44   ASP A CG  1 
ATOM   337  O OD1 . ASP A 1 44  ? -7.120  -22.667 2.481   1.00 34.72 ? 44   ASP A OD1 1 
ATOM   338  O OD2 . ASP A 1 44  ? -8.298  -21.446 4.135   1.00 35.45 ? 44   ASP A OD2 1 
ATOM   339  N N   . TYR A 1 45  ? -4.159  -24.328 2.925   1.00 24.18 ? 45   TYR A N   1 
ATOM   340  C CA  . TYR A 1 45  ? -3.873  -25.758 2.732   1.00 24.59 ? 45   TYR A CA  1 
ATOM   341  C C   . TYR A 1 45  ? -2.656  -26.144 3.528   1.00 23.88 ? 45   TYR A C   1 
ATOM   342  O O   . TYR A 1 45  ? -2.330  -27.348 3.604   1.00 24.18 ? 45   TYR A O   1 
ATOM   343  C CB  . TYR A 1 45  ? -3.668  -26.079 1.223   1.00 27.08 ? 45   TYR A CB  1 
ATOM   344  C CG  . TYR A 1 45  ? -2.604  -25.258 0.536   1.00 30.59 ? 45   TYR A CG  1 
ATOM   345  C CD1 . TYR A 1 45  ? -1.289  -25.516 0.775   1.00 32.35 ? 45   TYR A CD1 1 
ATOM   346  C CD2 . TYR A 1 45  ? -2.948  -24.248 -0.374  1.00 31.89 ? 45   TYR A CD2 1 
ATOM   347  C CE1 . TYR A 1 45  ? -0.291  -24.762 0.127   1.00 35.13 ? 45   TYR A CE1 1 
ATOM   348  C CE2 . TYR A 1 45  ? -1.968  -23.503 -1.049  1.00 33.53 ? 45   TYR A CE2 1 
ATOM   349  C CZ  . TYR A 1 45  ? -0.653  -23.772 -0.767  1.00 34.40 ? 45   TYR A CZ  1 
ATOM   350  O OH  . TYR A 1 45  ? 0.402   -23.000 -1.301  1.00 38.63 ? 45   TYR A OH  1 
ATOM   351  N N   . LEU A 1 46  ? -1.919  -25.205 4.146   1.00 22.72 ? 46   LEU A N   1 
ATOM   352  C CA  . LEU A 1 46  ? -0.805  -25.614 4.979   1.00 21.74 ? 46   LEU A CA  1 
ATOM   353  C C   . LEU A 1 46  ? -1.321  -26.302 6.232   1.00 21.88 ? 46   LEU A C   1 
ATOM   354  O O   . LEU A 1 46  ? -2.254  -25.783 6.858   1.00 23.47 ? 46   LEU A O   1 
ATOM   355  C CB  . LEU A 1 46  ? 0.073   -24.408 5.514   1.00 22.22 ? 46   LEU A CB  1 
ATOM   356  C CG  . LEU A 1 46  ? 0.829   -23.700 4.458   1.00 22.99 ? 46   LEU A CG  1 
ATOM   357  C CD1 . LEU A 1 46  ? 1.591   -22.538 5.208   1.00 22.86 ? 46   LEU A CD1 1 
ATOM   358  C CD2 . LEU A 1 46  ? 1.886   -24.763 3.951   1.00 23.43 ? 46   LEU A CD2 1 
ATOM   359  N N   . GLY A 1 47  ? -0.701  -27.385 6.666   1.00 21.13 ? 47   GLY A N   1 
ATOM   360  C CA  . GLY A 1 47  ? -1.155  -28.050 7.878   1.00 20.76 ? 47   GLY A CA  1 
ATOM   361  C C   . GLY A 1 47  ? -0.569  -27.552 9.178   1.00 20.46 ? 47   GLY A C   1 
ATOM   362  O O   . GLY A 1 47  ? 0.302   -26.698 9.164   1.00 20.04 ? 47   GLY A O   1 
ATOM   363  N N   . GLU A 1 48  ? -1.067  -28.030 10.311  1.00 19.81 ? 48   GLU A N   1 
ATOM   364  C CA  . GLU A 1 48  ? -0.437  -27.721 11.618  1.00 21.26 ? 48   GLU A CA  1 
ATOM   365  C C   . GLU A 1 48  ? 0.980   -28.388 11.700  1.00 23.18 ? 48   GLU A C   1 
ATOM   366  O O   . GLU A 1 48  ? 1.164   -29.518 11.226  1.00 24.73 ? 48   GLU A O   1 
ATOM   367  C CB  . GLU A 1 48  ? -1.315  -28.292 12.767  1.00 20.19 ? 48   GLU A CB  1 
ATOM   368  C CG  . GLU A 1 48  ? -2.597  -27.372 13.086  1.00 19.91 ? 48   GLU A CG  1 
ATOM   369  C CD  . GLU A 1 48  ? -3.438  -27.129 11.892  1.00 20.05 ? 48   GLU A CD  1 
ATOM   370  O OE1 . GLU A 1 48  ? -3.686  -25.907 11.544  1.00 21.16 ? 48   GLU A OE1 1 
ATOM   371  O OE2 . GLU A 1 48  ? -3.906  -28.143 11.259  1.00 21.12 ? 48   GLU A OE2 1 
ATOM   372  N N   . PRO A 1 49  ? 1.965   -27.731 12.303  1.00 22.05 ? 49   PRO A N   1 
ATOM   373  C CA  . PRO A 1 49  ? 1.906   -26.389 12.930  1.00 22.03 ? 49   PRO A CA  1 
ATOM   374  C C   . PRO A 1 49  ? 2.422   -25.316 11.970  1.00 22.05 ? 49   PRO A C   1 
ATOM   375  O O   . PRO A 1 49  ? 2.575   -24.100 12.346  1.00 19.92 ? 49   PRO A O   1 
ATOM   376  C CB  . PRO A 1 49  ? 2.862   -26.503 14.153  1.00 23.58 ? 49   PRO A CB  1 
ATOM   377  C CG  . PRO A 1 49  ? 3.930   -27.391 13.535  1.00 22.50 ? 49   PRO A CG  1 
ATOM   378  C CD  . PRO A 1 49  ? 3.218   -28.459 12.680  1.00 24.38 ? 49   PRO A CD  1 
ATOM   379  N N   . PHE A 1 50  ? 2.688   -25.706 10.743  1.00 21.04 ? 50   PHE A N   1 
ATOM   380  C CA  . PHE A 1 50  ? 3.236   -24.818 9.744   1.00 21.02 ? 50   PHE A CA  1 
ATOM   381  C C   . PHE A 1 50  ? 2.341   -23.619 9.449   1.00 20.59 ? 50   PHE A C   1 
ATOM   382  O O   . PHE A 1 50  ? 2.856   -22.520 9.233   1.00 19.17 ? 50   PHE A O   1 
ATOM   383  C CB  . PHE A 1 50  ? 3.500   -25.642 8.469   1.00 22.60 ? 50   PHE A CB  1 
ATOM   384  C CG  . PHE A 1 50  ? 4.302   -26.872 8.769   1.00 27.16 ? 50   PHE A CG  1 
ATOM   385  C CD1 . PHE A 1 50  ? 5.660   -26.759 9.058   1.00 30.15 ? 50   PHE A CD1 1 
ATOM   386  C CD2 . PHE A 1 50  ? 3.691   -28.154 8.789   1.00 29.49 ? 50   PHE A CD2 1 
ATOM   387  C CE1 . PHE A 1 50  ? 6.436   -27.930 9.387   1.00 31.66 ? 50   PHE A CE1 1 
ATOM   388  C CE2 . PHE A 1 50  ? 4.486   -29.330 9.115   1.00 31.65 ? 50   PHE A CE2 1 
ATOM   389  C CZ  . PHE A 1 50  ? 5.827   -29.190 9.407   1.00 32.65 ? 50   PHE A CZ  1 
ATOM   390  N N   . PHE A 1 51  ? 1.027   -23.863 9.329   1.00 18.32 ? 51   PHE A N   1 
ATOM   391  C CA  . PHE A 1 51  ? 0.125   -22.752 9.025   1.00 16.75 ? 51   PHE A CA  1 
ATOM   392  C C   . PHE A 1 51  ? 0.280   -21.671 10.105  1.00 16.06 ? 51   PHE A C   1 
ATOM   393  O O   . PHE A 1 51  ? 0.346   -20.459 9.769   1.00 16.22 ? 51   PHE A O   1 
ATOM   394  C CB  . PHE A 1 51  ? -1.363  -23.221 8.996   1.00 17.06 ? 51   PHE A CB  1 
ATOM   395  C CG  . PHE A 1 51  ? -2.336  -22.110 8.828   1.00 16.69 ? 51   PHE A CG  1 
ATOM   396  C CD1 . PHE A 1 51  ? -2.585  -21.580 7.582   1.00 16.37 ? 51   PHE A CD1 1 
ATOM   397  C CD2 . PHE A 1 51  ? -3.036  -21.629 9.913   1.00 15.84 ? 51   PHE A CD2 1 
ATOM   398  C CE1 . PHE A 1 51  ? -3.552  -20.605 7.417   1.00 18.85 ? 51   PHE A CE1 1 
ATOM   399  C CE2 . PHE A 1 51  ? -3.990  -20.666 9.727   1.00 17.55 ? 51   PHE A CE2 1 
ATOM   400  C CZ  . PHE A 1 51  ? -4.253  -20.172 8.528   1.00 17.04 ? 51   PHE A CZ  1 
ATOM   401  N N   . GLU A 1 52  ? 0.230   -22.118 11.368  1.00 16.14 ? 52   GLU A N   1 
ATOM   402  C CA  . GLU A 1 52  ? 0.235   -21.108 12.484  1.00 17.45 ? 52   GLU A CA  1 
ATOM   403  C C   . GLU A 1 52  ? 1.549   -20.369 12.551  1.00 17.73 ? 52   GLU A C   1 
ATOM   404  O O   . GLU A 1 52  ? 1.603   -19.187 12.868  1.00 16.51 ? 52   GLU A O   1 
ATOM   405  C CB  . GLU A 1 52  ? 0.044   -21.817 13.805  1.00 15.88 ? 52   GLU A CB  1 
ATOM   406  C CG  . GLU A 1 52  ? -1.399  -22.428 13.890  1.00 17.47 ? 52   GLU A CG  1 
ATOM   407  C CD  . GLU A 1 52  ? -1.725  -23.714 13.061  1.00 19.57 ? 52   GLU A CD  1 
ATOM   408  O OE1 . GLU A 1 52  ? -0.802  -24.408 12.500  1.00 19.01 ? 52   GLU A OE1 1 
ATOM   409  O OE2 . GLU A 1 52  ? -2.967  -23.992 12.879  1.00 18.47 ? 52   GLU A OE2 1 
ATOM   410  N N   . GLU A 1 53  ? 2.645   -21.110 12.331  1.00 17.94 ? 53   GLU A N   1 
ATOM   411  C CA  . GLU A 1 53  ? 3.955   -20.432 12.335  1.00 18.81 ? 53   GLU A CA  1 
ATOM   412  C C   . GLU A 1 53  ? 4.040   -19.397 11.169  1.00 19.23 ? 53   GLU A C   1 
ATOM   413  O O   . GLU A 1 53  ? 4.523   -18.259 11.362  1.00 18.55 ? 53   GLU A O   1 
ATOM   414  C CB  . GLU A 1 53  ? 5.075   -21.527 12.209  1.00 21.66 ? 53   GLU A CB  1 
ATOM   415  C CG  . GLU A 1 53  ? 4.977   -22.346 13.437  1.00 27.11 ? 53   GLU A CG  1 
ATOM   416  C CD  . GLU A 1 53  ? 5.981   -23.540 13.510  1.00 32.09 ? 53   GLU A CD  1 
ATOM   417  O OE1 . GLU A 1 53  ? 6.596   -23.853 12.491  1.00 33.05 ? 53   GLU A OE1 1 
ATOM   418  O OE2 . GLU A 1 53  ? 6.091   -24.149 14.624  1.00 33.49 ? 53   GLU A OE2 1 
ATOM   419  N N   . ALA A 1 54  ? 3.521   -19.753 9.989   1.00 18.62 ? 54   ALA A N   1 
ATOM   420  C CA  . ALA A 1 54  ? 3.542   -18.858 8.792   1.00 19.37 ? 54   ALA A CA  1 
ATOM   421  C C   . ALA A 1 54  ? 2.617   -17.648 9.019   1.00 19.90 ? 54   ALA A C   1 
ATOM   422  O O   . ALA A 1 54  ? 3.019   -16.504 8.770   1.00 20.29 ? 54   ALA A O   1 
ATOM   423  C CB  . ALA A 1 54  ? 3.089   -19.643 7.584   1.00 18.44 ? 54   ALA A CB  1 
ATOM   424  N N   . LEU A 1 55  ? 1.479   -17.875 9.696   1.00 17.47 ? 55   LEU A N   1 
ATOM   425  C CA  . LEU A 1 55  ? 0.512   -16.798 10.021  1.00 17.88 ? 55   LEU A CA  1 
ATOM   426  C C   . LEU A 1 55  ? 1.216   -15.728 10.896  1.00 18.05 ? 55   LEU A C   1 
ATOM   427  O O   . LEU A 1 55  ? 1.141   -14.520 10.621  1.00 17.31 ? 55   LEU A O   1 
ATOM   428  C CB  . LEU A 1 55  ? -0.620  -17.468 10.823  1.00 19.33 ? 55   LEU A CB  1 
ATOM   429  C CG  . LEU A 1 55  ? -1.746  -16.544 11.307  1.00 23.22 ? 55   LEU A CG  1 
ATOM   430  C CD1 . LEU A 1 55  ? -3.038  -17.487 11.596  1.00 22.98 ? 55   LEU A CD1 1 
ATOM   431  C CD2 . LEU A 1 55  ? -1.282  -15.871 12.617  1.00 21.34 ? 55   LEU A CD2 1 
ATOM   432  N N   . ARG A 1 56  ? 1.906   -16.196 11.930  1.00 17.36 ? 56   ARG A N   1 
ATOM   433  C CA  . ARG A 1 56  ? 2.630   -15.269 12.839  1.00 17.62 ? 56   ARG A CA  1 
ATOM   434  C C   . ARG A 1 56  ? 3.729   -14.503 12.130  1.00 16.70 ? 56   ARG A C   1 
ATOM   435  O O   . ARG A 1 56  ? 3.803   -13.280 12.357  1.00 18.09 ? 56   ARG A O   1 
ATOM   436  C CB  . ARG A 1 56  ? 3.296   -16.103 14.005  1.00 21.56 ? 56   ARG A CB  1 
ATOM   437  C CG  . ARG A 1 56  ? 2.305   -16.353 14.995  1.00 23.33 ? 56   ARG A CG  1 
ATOM   438  C CD  . ARG A 1 56  ? 3.061   -17.113 16.170  1.00 23.10 ? 56   ARG A CD  1 
ATOM   439  N NE  . ARG A 1 56  ? 3.371   -18.524 16.054  1.00 22.52 ? 56   ARG A NE  1 
ATOM   440  C CZ  . ARG A 1 56  ? 2.405   -19.495 16.207  1.00 25.35 ? 56   ARG A CZ  1 
ATOM   441  N NH1 . ARG A 1 56  ? 1.111   -19.248 16.463  1.00 21.49 ? 56   ARG A NH1 1 
ATOM   442  N NH2 . ARG A 1 56  ? 2.742   -20.749 16.153  1.00 25.71 ? 56   ARG A NH2 1 
ATOM   443  N N   . ARG A 1 57  ? 4.534   -15.183 11.328  1.00 16.01 ? 57   ARG A N   1 
ATOM   444  C CA  . ARG A 1 57  ? 5.679   -14.480 10.692  1.00 17.68 ? 57   ARG A CA  1 
ATOM   445  C C   . ARG A 1 57  ? 5.151   -13.536 9.666   1.00 17.35 ? 57   ARG A C   1 
ATOM   446  O O   . ARG A 1 57  ? 5.625   -12.434 9.563   1.00 17.96 ? 57   ARG A O   1 
ATOM   447  C CB  . ARG A 1 57  ? 6.590   -15.485 9.969   1.00 19.88 ? 57   ARG A CB  1 
ATOM   448  C CG  . ARG A 1 57  ? 7.444   -16.366 10.901  1.00 22.85 ? 57   ARG A CG  1 
ATOM   449  C CD  . ARG A 1 57  ? 8.339   -17.337 10.094  1.00 27.15 ? 57   ARG A CD  1 
ATOM   450  N NE  . ARG A 1 57  ? 7.734   -18.124 8.956   1.00 33.86 ? 57   ARG A NE  1 
ATOM   451  C CZ  . ARG A 1 57  ? 7.431   -19.448 9.008   1.00 33.16 ? 57   ARG A CZ  1 
ATOM   452  N NH1 . ARG A 1 57  ? 7.655   -20.154 10.097  1.00 36.12 ? 57   ARG A NH1 1 
ATOM   453  N NH2 . ARG A 1 57  ? 6.827   -20.043 8.019   1.00 35.33 ? 57   ARG A NH2 1 
ATOM   454  N N   . ARG A 1 58  ? 4.114   -13.956 8.925   1.00 17.24 ? 58   ARG A N   1 
ATOM   455  C CA  . ARG A 1 58  ? 3.584   -13.113 7.828   1.00 19.34 ? 58   ARG A CA  1 
ATOM   456  C C   . ARG A 1 58  ? 3.032   -11.792 8.424   1.00 17.90 ? 58   ARG A C   1 
ATOM   457  O O   . ARG A 1 58  ? 3.319   -10.691 7.870   1.00 17.08 ? 58   ARG A O   1 
ATOM   458  C CB  . ARG A 1 58  ? 2.459   -13.843 7.069   1.00 21.84 ? 58   ARG A CB  1 
ATOM   459  C CG  . ARG A 1 58  ? 1.629   -13.014 6.049   1.00 28.13 ? 58   ARG A CG  1 
ATOM   460  C CD  . ARG A 1 58  ? 2.270   -12.893 4.737   1.00 31.75 ? 58   ARG A CD  1 
ATOM   461  N NE  . ARG A 1 58  ? 2.630   -14.195 4.076   1.00 32.77 ? 58   ARG A NE  1 
ATOM   462  C CZ  . ARG A 1 58  ? 2.007   -14.956 3.146   1.00 34.82 ? 58   ARG A CZ  1 
ATOM   463  N NH1 . ARG A 1 58  ? 0.842   -14.682 2.607   1.00 34.48 ? 58   ARG A NH1 1 
ATOM   464  N NH2 . ARG A 1 58  ? 2.644   -16.055 2.681   1.00 37.72 ? 58   ARG A NH2 1 
ATOM   465  N N   . LEU A 1 59  ? 2.294   -11.900 9.528   1.00 16.65 ? 59   LEU A N   1 
ATOM   466  C CA  . LEU A 1 59  ? 1.723   -10.670 10.075  1.00 15.85 ? 59   LEU A CA  1 
ATOM   467  C C   . LEU A 1 59  ? 2.860   -9.790  10.651  1.00 15.91 ? 59   LEU A C   1 
ATOM   468  O O   . LEU A 1 59  ? 2.831   -8.554  10.486  1.00 15.29 ? 59   LEU A O   1 
ATOM   469  C CB  . LEU A 1 59  ? 0.741   -11.001 11.244  1.00 16.96 ? 59   LEU A CB  1 
ATOM   470  C CG  . LEU A 1 59  ? 0.205   -9.671  11.908  1.00 16.96 ? 59   LEU A CG  1 
ATOM   471  C CD1 . LEU A 1 59  ? -0.655  -8.851  10.980  1.00 17.33 ? 59   LEU A CD1 1 
ATOM   472  C CD2 . LEU A 1 59  ? -0.704  -10.208 13.118  1.00 20.21 ? 59   LEU A CD2 1 
ATOM   473  N N   . GLU A 1 60  ? 3.803   -10.391 11.331  1.00 14.71 ? 60   GLU A N   1 
ATOM   474  C CA  . GLU A 1 60  ? 4.900   -9.607  11.905  1.00 16.05 ? 60   GLU A CA  1 
ATOM   475  C C   . GLU A 1 60  ? 5.676   -8.881  10.803  1.00 15.59 ? 60   GLU A C   1 
ATOM   476  O O   . GLU A 1 60  ? 6.041   -7.721  11.020  1.00 15.38 ? 60   GLU A O   1 
ATOM   477  C CB  . GLU A 1 60  ? 5.818   -10.486 12.742  1.00 20.58 ? 60   GLU A CB  1 
ATOM   478  C CG  . GLU A 1 60  ? 6.434   -9.695  13.810  1.00 24.28 ? 60   GLU A CG  1 
ATOM   479  C CD  . GLU A 1 60  ? 7.114   -10.589 14.864  1.00 27.13 ? 60   GLU A CD  1 
ATOM   480  O OE1 . GLU A 1 60  ? 6.690   -10.567 16.035  1.00 28.26 ? 60   GLU A OE1 1 
ATOM   481  O OE2 . GLU A 1 60  ? 8.038   -11.374 14.537  1.00 28.45 ? 60   GLU A OE2 1 
ATOM   482  N N   . ARG A 1 61  ? 5.912   -9.549  9.668   1.00 15.09 ? 61   ARG A N   1 
ATOM   483  C CA  . ARG A 1 61  ? 6.650   -8.832  8.629   1.00 15.10 ? 61   ARG A CA  1 
ATOM   484  C C   . ARG A 1 61  ? 5.815   -7.730  8.021   1.00 13.90 ? 61   ARG A C   1 
ATOM   485  O O   . ARG A 1 61  ? 6.329   -6.680  7.616   1.00 15.33 ? 61   ARG A O   1 
ATOM   486  C CB  . ARG A 1 61  ? 7.050   -9.780  7.484   1.00 12.72 ? 61   ARG A CB  1 
ATOM   487  C CG  . ARG A 1 61  ? 7.994   -10.973 7.920   1.00 14.83 ? 61   ARG A CG  1 
ATOM   488  C CD  . ARG A 1 61  ? 9.369   -10.449 8.409   1.00 15.00 ? 61   ARG A CD  1 
ATOM   489  N NE  . ARG A 1 61  ? 9.411   -9.891  9.788   1.00 15.49 ? 61   ARG A NE  1 
ATOM   490  C CZ  . ARG A 1 61  ? 9.400   -10.634 10.899  1.00 18.52 ? 61   ARG A CZ  1 
ATOM   491  N NH1 . ARG A 1 61  ? 9.307   -11.988 10.783  1.00 19.29 ? 61   ARG A NH1 1 
ATOM   492  N NH2 . ARG A 1 61  ? 9.605   -10.048 12.110  1.00 20.42 ? 61   ARG A NH2 1 
ATOM   493  N N   . ALA A 1 62  ? 4.540   -8.023  7.786   1.00 13.85 ? 62   ALA A N   1 
ATOM   494  C CA  . ALA A 1 62  ? 3.637   -6.981  7.244   1.00 13.42 ? 62   ALA A CA  1 
ATOM   495  C C   . ALA A 1 62  ? 3.582   -5.752  8.139   1.00 13.75 ? 62   ALA A C   1 
ATOM   496  O O   . ALA A 1 62  ? 3.636   -4.636  7.679   1.00 13.40 ? 62   ALA A O   1 
ATOM   497  C CB  . ALA A 1 62  ? 2.188   -7.570  7.027   1.00 12.37 ? 62   ALA A CB  1 
ATOM   498  N N   . GLU A 1 63  ? 3.545   -5.967  9.467   1.00 13.39 ? 63   GLU A N   1 
ATOM   499  C CA  . GLU A 1 63  ? 3.534   -4.842  10.372  1.00 12.56 ? 63   GLU A CA  1 
ATOM   500  C C   . GLU A 1 63  ? 4.936   -4.131  10.304  1.00 14.30 ? 63   GLU A C   1 
ATOM   501  O O   . GLU A 1 63  ? 4.952   -2.915  10.425  1.00 14.14 ? 63   GLU A O   1 
ATOM   502  C CB  . GLU A 1 63  ? 3.261   -5.363  11.827  1.00 14.77 ? 63   GLU A CB  1 
ATOM   503  C CG  . GLU A 1 63  ? 1.856   -5.819  12.006  1.00 14.89 ? 63   GLU A CG  1 
ATOM   504  C CD  . GLU A 1 63  ? 1.677   -6.538  13.391  1.00 21.01 ? 63   GLU A CD  1 
ATOM   505  O OE1 . GLU A 1 63  ? 2.651   -7.072  13.938  1.00 24.49 ? 63   GLU A OE1 1 
ATOM   506  O OE2 . GLU A 1 63  ? 0.474   -6.723  13.782  1.00 20.93 ? 63   GLU A OE2 1 
ATOM   507  N N   . GLY A 1 64  ? 6.031   -4.877  10.132  1.00 13.19 ? 64   GLY A N   1 
ATOM   508  C CA  . GLY A 1 64  ? 7.352   -4.243  10.065  1.00 14.88 ? 64   GLY A CA  1 
ATOM   509  C C   . GLY A 1 64  ? 7.416   -3.360  8.801   1.00 14.48 ? 64   GLY A C   1 
ATOM   510  O O   . GLY A 1 64  ? 7.974   -2.234  8.857   1.00 14.15 ? 64   GLY A O   1 
ATOM   511  N N   . VAL A 1 65  ? 6.839   -3.844  7.708   1.00 13.68 ? 65   VAL A N   1 
ATOM   512  C CA  . VAL A 1 65  ? 6.904   -3.046  6.446   1.00 13.66 ? 65   VAL A CA  1 
ATOM   513  C C   . VAL A 1 65  ? 6.064   -1.738  6.652   1.00 12.91 ? 65   VAL A C   1 
ATOM   514  O O   . VAL A 1 65  ? 6.472   -0.637  6.245   1.00 12.24 ? 65   VAL A O   1 
ATOM   515  C CB  . VAL A 1 65  ? 6.311   -3.904  5.334   1.00 12.55 ? 65   VAL A CB  1 
ATOM   516  C CG1 . VAL A 1 65  ? 5.967   -3.013  4.047   1.00 14.66 ? 65   VAL A CG1 1 
ATOM   517  C CG2 . VAL A 1 65  ? 7.434   -4.995  4.913   1.00 14.20 ? 65   VAL A CG2 1 
ATOM   518  N N   . LEU A 1 66  ? 4.850   -1.905  7.272   1.00 13.02 ? 66   LEU A N   1 
ATOM   519  C CA  . LEU A 1 66  ? 3.996   -0.716  7.446   1.00 13.37 ? 66   LEU A CA  1 
ATOM   520  C C   . LEU A 1 66  ? 4.652   0.265   8.432   1.00 14.07 ? 66   LEU A C   1 
ATOM   521  O O   . LEU A 1 66  ? 4.499   1.478   8.236   1.00 14.59 ? 66   LEU A O   1 
ATOM   522  C CB  . LEU A 1 66  ? 2.573   -1.189  7.893   1.00 13.89 ? 66   LEU A CB  1 
ATOM   523  C CG  . LEU A 1 66  ? 1.579   0.008   8.066   1.00 14.96 ? 66   LEU A CG  1 
ATOM   524  C CD1 . LEU A 1 66  ? 1.372   0.804   6.729   1.00 13.65 ? 66   LEU A CD1 1 
ATOM   525  C CD2 . LEU A 1 66  ? 0.227   -0.595  8.473   1.00 13.92 ? 66   LEU A CD2 1 
ATOM   526  N N   . GLU A 1 67  ? 5.324   -0.269  9.474   1.00 12.83 ? 67   GLU A N   1 
ATOM   527  C CA  . GLU A 1 67  ? 6.018   0.638   10.425  1.00 14.69 ? 67   GLU A CA  1 
ATOM   528  C C   . GLU A 1 67  ? 7.111   1.379   9.686   1.00 15.82 ? 67   GLU A C   1 
ATOM   529  O O   . GLU A 1 67  ? 7.314   2.607   9.969   1.00 16.85 ? 67   GLU A O   1 
ATOM   530  C CB  . GLU A 1 67  ? 6.626   -0.125  11.575  1.00 18.33 ? 67   GLU A CB  1 
ATOM   531  C CG  . GLU A 1 67  ? 5.530   -0.589  12.581  1.00 22.72 ? 67   GLU A CG  1 
ATOM   532  C CD  . GLU A 1 67  ? 5.095   0.530   13.623  1.00 26.97 ? 67   GLU A CD  1 
ATOM   533  O OE1 . GLU A 1 67  ? 5.523   1.791   13.427  1.00 29.59 ? 67   GLU A OE1 1 
ATOM   534  O OE2 . GLU A 1 67  ? 4.275   0.070   14.569  1.00 29.54 ? 67   GLU A OE2 1 
ATOM   535  N N   . GLU A 1 68  ? 7.752   0.743   8.751   1.00 15.18 ? 68   GLU A N   1 
ATOM   536  C CA  . GLU A 1 68  ? 8.766   1.470   7.995   1.00 17.20 ? 68   GLU A CA  1 
ATOM   537  C C   . GLU A 1 68  ? 8.156   2.664   7.245   1.00 17.15 ? 68   GLU A C   1 
ATOM   538  O O   . GLU A 1 68  ? 8.757   3.797   7.150   1.00 18.51 ? 68   GLU A O   1 
ATOM   539  C CB  . GLU A 1 68  ? 9.482   0.464   7.026   1.00 19.84 ? 68   GLU A CB  1 
ATOM   540  C CG  . GLU A 1 68  ? 10.601  1.025   6.321   1.00 24.23 ? 68   GLU A CG  1 
ATOM   541  C CD  . GLU A 1 68  ? 11.237  -0.174  5.486   1.00 24.54 ? 68   GLU A CD  1 
ATOM   542  O OE1 . GLU A 1 68  ? 10.596  -0.571  4.434   1.00 24.34 ? 68   GLU A OE1 1 
ATOM   543  O OE2 . GLU A 1 68  ? 12.237  -0.750  6.040   1.00 21.33 ? 68   GLU A OE2 1 
ATOM   544  N N   . ALA A 1 69  ? 7.017   2.451   6.584   1.00 15.25 ? 69   ALA A N   1 
ATOM   545  C CA  . ALA A 1 69  ? 6.379   3.477   5.820   1.00 14.83 ? 69   ALA A CA  1 
ATOM   546  C C   . ALA A 1 69  ? 5.951   4.577   6.794   1.00 17.50 ? 69   ALA A C   1 
ATOM   547  O O   . ALA A 1 69  ? 6.077   5.767   6.455   1.00 17.36 ? 69   ALA A O   1 
ATOM   548  C CB  . ALA A 1 69  ? 5.102   2.949   5.161   1.00 16.43 ? 69   ALA A CB  1 
ATOM   549  N N   . ARG A 1 70  ? 5.461   4.197   8.013   1.00 15.99 ? 70   ARG A N   1 
ATOM   550  C CA  . ARG A 1 70  ? 5.037   5.262   8.947   1.00 17.26 ? 70   ARG A CA  1 
ATOM   551  C C   . ARG A 1 70  ? 6.283   6.100   9.382   1.00 19.03 ? 70   ARG A C   1 
ATOM   552  O O   . ARG A 1 70  ? 6.158   7.346   9.481   1.00 20.66 ? 70   ARG A O   1 
ATOM   553  C CB  . ARG A 1 70  ? 4.354   4.601   10.160  1.00 18.03 ? 70   ARG A CB  1 
ATOM   554  C CG  . ARG A 1 70  ? 3.856   5.741   11.083  1.00 23.87 ? 70   ARG A CG  1 
ATOM   555  C CD  . ARG A 1 70  ? 3.341   5.273   12.428  1.00 25.92 ? 70   ARG A CD  1 
ATOM   556  N NE  . ARG A 1 70  ? 4.278   4.580   13.314  1.00 33.18 ? 70   ARG A NE  1 
ATOM   557  C CZ  . ARG A 1 70  ? 4.689   5.063   14.524  1.00 34.21 ? 70   ARG A CZ  1 
ATOM   558  N NH1 . ARG A 1 70  ? 4.276   6.257   14.924  1.00 34.24 ? 70   ARG A NH1 1 
ATOM   559  N NH2 . ARG A 1 70  ? 5.354   4.292   15.404  1.00 36.68 ? 70   ARG A NH2 1 
ATOM   560  N N   . ALA A 1 71  ? 7.411   5.438   9.586   1.00 19.36 ? 71   ALA A N   1 
ATOM   561  C CA  . ALA A 1 71  ? 8.665   6.121   9.974   1.00 20.66 ? 71   ALA A CA  1 
ATOM   562  C C   . ALA A 1 71  ? 9.155   7.012   8.806   1.00 21.26 ? 71   ALA A C   1 
ATOM   563  O O   . ALA A 1 71  ? 9.671   8.164   9.059   1.00 23.23 ? 71   ALA A O   1 
ATOM   564  C CB  . ALA A 1 71  ? 9.729   5.108   10.334  1.00 21.73 ? 71   ALA A CB  1 
ATOM   565  N N   . LEU A 1 72  ? 8.946   6.614   7.552   1.00 19.81 ? 72   LEU A N   1 
ATOM   566  C CA  . LEU A 1 72  ? 9.464   7.456   6.412   1.00 20.64 ? 72   LEU A CA  1 
ATOM   567  C C   . LEU A 1 72  ? 8.514   8.638   6.163   1.00 21.63 ? 72   LEU A C   1 
ATOM   568  O O   . LEU A 1 72  ? 8.983   9.752   5.720   1.00 21.70 ? 72   LEU A O   1 
ATOM   569  C CB  . LEU A 1 72  ? 9.478   6.672   5.066   1.00 22.04 ? 72   LEU A CB  1 
ATOM   570  C CG  . LEU A 1 72  ? 10.475  5.573   4.934   1.00 24.46 ? 72   LEU A CG  1 
ATOM   571  C CD1 . LEU A 1 72  ? 10.118  4.728   3.664   1.00 28.02 ? 72   LEU A CD1 1 
ATOM   572  C CD2 . LEU A 1 72  ? 11.910  6.304   4.667   1.00 25.97 ? 72   LEU A CD2 1 
ATOM   573  N N   . THR A 1 73  ? 7.238   8.530   6.490   1.00 17.78 ? 73   THR A N   1 
ATOM   574  C CA  . THR A 1 73  ? 6.314   9.594   6.156   1.00 16.64 ? 73   THR A CA  1 
ATOM   575  C C   . THR A 1 73  ? 5.949   10.472  7.323   1.00 17.40 ? 73   THR A C   1 
ATOM   576  O O   . THR A 1 73  ? 5.364   11.547  7.084   1.00 20.19 ? 73   THR A O   1 
ATOM   577  C CB  . THR A 1 73  ? 4.965   9.018   5.567   1.00 17.50 ? 73   THR A CB  1 
ATOM   578  O OG1 . THR A 1 73  ? 4.397   8.049   6.527   1.00 17.26 ? 73   THR A OG1 1 
ATOM   579  C CG2 . THR A 1 73  ? 5.243   8.268   4.192   1.00 16.06 ? 73   THR A CG2 1 
ATOM   580  N N   . GLY A 1 74  ? 6.074   9.917   8.558   1.00 17.40 ? 74   GLY A N   1 
ATOM   581  C CA  . GLY A 1 74  ? 5.698   10.657  9.776   1.00 18.89 ? 74   GLY A CA  1 
ATOM   582  C C   . GLY A 1 74  ? 4.200   10.682  10.080  1.00 19.95 ? 74   GLY A C   1 
ATOM   583  O O   . GLY A 1 74  ? 3.739   11.521  10.908  1.00 21.75 ? 74   GLY A O   1 
ATOM   584  N N   . VAL A 1 75  ? 3.393   9.835   9.472   1.00 17.71 ? 75   VAL A N   1 
ATOM   585  C CA  . VAL A 1 75  ? 1.967   9.938   9.746   1.00 16.36 ? 75   VAL A CA  1 
ATOM   586  C C   . VAL A 1 75  ? 1.622   9.258   11.111  1.00 16.46 ? 75   VAL A C   1 
ATOM   587  O O   . VAL A 1 75  ? 2.398   8.447   11.639  1.00 16.28 ? 75   VAL A O   1 
ATOM   588  C CB  . VAL A 1 75  ? 1.057   9.199   8.664   1.00 18.01 ? 75   VAL A CB  1 
ATOM   589  C CG1 . VAL A 1 75  ? 1.365   9.863   7.243   1.00 19.45 ? 75   VAL A CG1 1 
ATOM   590  C CG2 . VAL A 1 75  ? 1.357   7.719   8.614   1.00 17.60 ? 75   VAL A CG2 1 
ATOM   591  N N   . PRO A 1 76  ? 0.552   9.753   11.688  1.00 16.24 ? 76   PRO A N   1 
ATOM   592  C CA  . PRO A 1 76  ? 0.150   9.106   12.934  1.00 17.64 ? 76   PRO A CA  1 
ATOM   593  C C   . PRO A 1 76  ? -0.175  7.631   12.713  1.00 15.87 ? 76   PRO A C   1 
ATOM   594  O O   . PRO A 1 76  ? -0.630  7.172   11.642  1.00 14.99 ? 76   PRO A O   1 
ATOM   595  C CB  . PRO A 1 76  ? -1.161  9.801   13.323  1.00 18.16 ? 76   PRO A CB  1 
ATOM   596  C CG  . PRO A 1 76  ? -1.374  10.896  12.437  1.00 20.99 ? 76   PRO A CG  1 
ATOM   597  C CD  . PRO A 1 76  ? -0.413  10.802  11.267  1.00 18.85 ? 76   PRO A CD  1 
ATOM   598  N N   . LYS A 1 77  ? -0.073  6.852   13.810  1.00 15.79 ? 77   LYS A N   1 
ATOM   599  C CA  . LYS A 1 77  ? -0.429  5.431   13.681  1.00 15.40 ? 77   LYS A CA  1 
ATOM   600  C C   . LYS A 1 77  ? -1.816  5.097   13.113  1.00 15.79 ? 77   LYS A C   1 
ATOM   601  O O   . LYS A 1 77  ? -1.936  4.081   12.395  1.00 14.66 ? 77   LYS A O   1 
ATOM   602  C CB  . LYS A 1 77  ? -0.269  4.749   15.045  1.00 16.13 ? 77   LYS A CB  1 
ATOM   603  C CG  . LYS A 1 77  ? 1.213   4.598   15.531  1.00 18.44 ? 77   LYS A CG  1 
ATOM   604  C CD  . LYS A 1 77  ? 1.163   4.030   16.932  1.00 20.13 ? 77   LYS A CD  1 
ATOM   605  C CE  . LYS A 1 77  ? 2.613   3.551   17.182  1.00 21.38 ? 77   LYS A CE  1 
ATOM   606  N NZ  . LYS A 1 77  ? 2.838   2.707   18.365  1.00 24.66 ? 77   LYS A NZ  1 
ATOM   607  N N   . GLU A 1 78  ? -2.839  5.890   13.401  1.00 15.55 ? 78   GLU A N   1 
ATOM   608  C CA  . GLU A 1 78  ? -4.153  5.578   12.918  1.00 16.48 ? 78   GLU A CA  1 
ATOM   609  C C   . GLU A 1 78  ? -4.263  5.785   11.448  1.00 17.19 ? 78   GLU A C   1 
ATOM   610  O O   . GLU A 1 78  ? -5.275  5.331   10.868  1.00 18.63 ? 78   GLU A O   1 
ATOM   611  C CB  . GLU A 1 78  ? -5.277  6.441   13.592  1.00 22.02 ? 78   GLU A CB  1 
ATOM   612  C CG  . GLU A 1 78  ? -5.160  7.899   13.468  1.00 24.97 ? 78   GLU A CG  1 
ATOM   613  C CD  . GLU A 1 78  ? -4.258  8.546   14.573  1.00 28.55 ? 78   GLU A CD  1 
ATOM   614  O OE1 . GLU A 1 78  ? -3.374  7.854   15.275  1.00 26.97 ? 78   GLU A OE1 1 
ATOM   615  O OE2 . GLU A 1 78  ? -4.412  9.808   14.682  1.00 31.23 ? 78   GLU A OE2 1 
ATOM   616  N N   . ASP A 1 79  ? -3.288  6.474   10.901  1.00 15.89 ? 79   ASP A N   1 
ATOM   617  C CA  . ASP A 1 79  ? -3.365  6.723   9.448   1.00 16.18 ? 79   ASP A CA  1 
ATOM   618  C C   . ASP A 1 79  ? -2.496  5.758   8.672   1.00 16.41 ? 79   ASP A C   1 
ATOM   619  O O   . ASP A 1 79  ? -2.248  5.999   7.459   1.00 17.92 ? 79   ASP A O   1 
ATOM   620  C CB  . ASP A 1 79  ? -2.936  8.160   9.127   1.00 18.38 ? 79   ASP A CB  1 
ATOM   621  C CG  . ASP A 1 79  ? -4.002  9.149   9.561   1.00 21.93 ? 79   ASP A CG  1 
ATOM   622  O OD1 . ASP A 1 79  ? -5.134  8.739   9.837   1.00 24.23 ? 79   ASP A OD1 1 
ATOM   623  O OD2 . ASP A 1 79  ? -3.709  10.366  9.569   1.00 25.88 ? 79   ASP A OD2 1 
ATOM   624  N N   . ALA A 1 80  ? -1.942  4.752   9.342   1.00 14.80 ? 80   ALA A N   1 
ATOM   625  C CA  . ALA A 1 80  ? -1.154  3.733   8.627   1.00 14.68 ? 80   ALA A CA  1 
ATOM   626  C C   . ALA A 1 80  ? -1.977  2.451   8.715   1.00 14.83 ? 80   ALA A C   1 
ATOM   627  O O   . ALA A 1 80  ? -2.187  1.851   9.808   1.00 14.87 ? 80   ALA A O   1 
ATOM   628  C CB  . ALA A 1 80  ? 0.167   3.553   9.354   1.00 13.95 ? 80   ALA A CB  1 
ATOM   629  N N   . LEU A 1 81  ? -2.505  2.025   7.572   1.00 14.09 ? 81   LEU A N   1 
ATOM   630  C CA  . LEU A 1 81  ? -3.492  0.904   7.561   1.00 13.85 ? 81   LEU A CA  1 
ATOM   631  C C   . LEU A 1 81  ? -2.892  -0.344  7.019   1.00 15.24 ? 81   LEU A C   1 
ATOM   632  O O   . LEU A 1 81  ? -2.094  -0.358  6.084   1.00 14.49 ? 81   LEU A O   1 
ATOM   633  C CB  . LEU A 1 81  ? -4.689  1.252   6.583   1.00 15.13 ? 81   LEU A CB  1 
ATOM   634  C CG  . LEU A 1 81  ? -5.352  2.614   6.849   1.00 16.55 ? 81   LEU A CG  1 
ATOM   635  C CD1 . LEU A 1 81  ? -6.543  2.745   5.972   1.00 19.65 ? 81   LEU A CD1 1 
ATOM   636  C CD2 . LEU A 1 81  ? -5.826  2.663   8.384   1.00 18.10 ? 81   LEU A CD2 1 
ATOM   637  N N   . LEU A 1 82  ? -3.260  -1.459  7.655   1.00 11.47 ? 82   LEU A N   1 
ATOM   638  C CA  . LEU A 1 82  ? -2.698  -2.777  7.263   1.00 12.61 ? 82   LEU A CA  1 
ATOM   639  C C   . LEU A 1 82  ? -3.931  -3.570  6.821   1.00 15.08 ? 82   LEU A C   1 
ATOM   640  O O   . LEU A 1 82  ? -4.872  -3.779  7.594   1.00 16.16 ? 82   LEU A O   1 
ATOM   641  C CB  . LEU A 1 82  ? -2.052  -3.451  8.471   1.00 16.95 ? 82   LEU A CB  1 
ATOM   642  C CG  . LEU A 1 82  ? -1.452  -4.788  8.000   1.00 19.83 ? 82   LEU A CG  1 
ATOM   643  C CD1 . LEU A 1 82  ? -0.323  -4.624  6.971   1.00 23.13 ? 82   LEU A CD1 1 
ATOM   644  C CD2 . LEU A 1 82  ? -0.884  -5.491  9.274   1.00 25.92 ? 82   LEU A CD2 1 
ATOM   645  N N   . LEU A 1 83  ? -3.966  -3.936  5.560   1.00 15.60 ? 83   LEU A N   1 
ATOM   646  C CA  . LEU A 1 83  ? -5.138  -4.622  5.010   1.00 17.84 ? 83   LEU A CA  1 
ATOM   647  C C   . LEU A 1 83  ? -4.762  -5.990  4.507   1.00 18.13 ? 83   LEU A C   1 
ATOM   648  O O   . LEU A 1 83  ? -3.708  -6.161  3.890   1.00 19.74 ? 83   LEU A O   1 
ATOM   649  C CB  . LEU A 1 83  ? -5.728  -3.797  3.883   1.00 18.59 ? 83   LEU A CB  1 
ATOM   650  C CG  . LEU A 1 83  ? -6.012  -2.271  4.245   1.00 21.95 ? 83   LEU A CG  1 
ATOM   651  C CD1 . LEU A 1 83  ? -6.636  -1.608  2.930   1.00 26.94 ? 83   LEU A CD1 1 
ATOM   652  C CD2 . LEU A 1 83  ? -6.803  -2.058  5.443   1.00 21.69 ? 83   LEU A CD2 1 
ATOM   653  N N   . GLU A 1 84  ? -5.616  -6.966  4.806   1.00 19.48 ? 84   GLU A N   1 
ATOM   654  C CA  . GLU A 1 84  ? -5.261  -8.335  4.352   1.00 20.36 ? 84   GLU A CA  1 
ATOM   655  C C   . GLU A 1 84  ? -6.166  -8.618  3.158   1.00 21.32 ? 84   GLU A C   1 
ATOM   656  O O   . GLU A 1 84  ? -7.391  -8.389  3.275   1.00 23.19 ? 84   GLU A O   1 
ATOM   657  C CB  . GLU A 1 84  ? -5.568  -9.375  5.507   1.00 23.18 ? 84   GLU A CB  1 
ATOM   658  C CG  . GLU A 1 84  ? -5.070  -10.768 5.130   1.00 27.35 ? 84   GLU A CG  1 
ATOM   659  C CD  . GLU A 1 84  ? -5.248  -11.771 6.315   1.00 30.98 ? 84   GLU A CD  1 
ATOM   660  O OE1 . GLU A 1 84  ? -6.327  -11.630 6.901   1.00 32.33 ? 84   GLU A OE1 1 
ATOM   661  O OE2 . GLU A 1 84  ? -4.312  -12.613 6.611   1.00 32.06 ? 84   GLU A OE2 1 
ATOM   662  N N   . GLY A 1 85  ? -5.576  -9.068  2.018   1.00 20.43 ? 85   GLY A N   1 
ATOM   663  C CA  . GLY A 1 85  ? -6.417  -9.416  0.840   1.00 22.26 ? 85   GLY A CA  1 
ATOM   664  C C   . GLY A 1 85  ? -5.611  -9.204  -0.434  1.00 21.60 ? 85   GLY A C   1 
ATOM   665  O O   . GLY A 1 85  ? -4.397  -9.016  -0.349  1.00 24.04 ? 85   GLY A O   1 
ATOM   666  N N   . VAL A 1 86  ? -6.295  -9.221  -1.599  1.00 21.13 ? 86   VAL A N   1 
ATOM   667  C CA  . VAL A 1 86  ? -5.608  -8.975  -2.848  1.00 22.81 ? 86   VAL A CA  1 
ATOM   668  C C   . VAL A 1 86  ? -5.209  -7.496  -2.787  1.00 21.87 ? 86   VAL A C   1 
ATOM   669  O O   . VAL A 1 86  ? -6.094  -6.615  -2.681  1.00 20.42 ? 86   VAL A O   1 
ATOM   670  C CB  . VAL A 1 86  ? -6.569  -9.230  -4.047  1.00 25.20 ? 86   VAL A CB  1 
ATOM   671  C CG1 . VAL A 1 86  ? -5.796  -8.742  -5.361  1.00 25.09 ? 86   VAL A CG1 1 
ATOM   672  C CG2 . VAL A 1 86  ? -7.149  -10.740 -4.007  1.00 27.50 ? 86   VAL A CG2 1 
ATOM   673  N N   . PRO A 1 87  ? -3.942  -7.188  -2.951  1.00 21.61 ? 87   PRO A N   1 
ATOM   674  C CA  . PRO A 1 87  ? -3.424  -5.818  -2.871  1.00 19.86 ? 87   PRO A CA  1 
ATOM   675  C C   . PRO A 1 87  ? -4.153  -4.748  -3.634  1.00 18.02 ? 87   PRO A C   1 
ATOM   676  O O   . PRO A 1 87  ? -4.482  -3.695  -3.103  1.00 16.87 ? 87   PRO A O   1 
ATOM   677  C CB  . PRO A 1 87  ? -1.950  -5.940  -3.298  1.00 23.86 ? 87   PRO A CB  1 
ATOM   678  C CG  . PRO A 1 87  ? -1.644  -7.432  -2.812  1.00 21.82 ? 87   PRO A CG  1 
ATOM   679  C CD  . PRO A 1 87  ? -2.866  -8.191  -3.293  1.00 23.84 ? 87   PRO A CD  1 
ATOM   680  N N   . ALA A 1 88  ? -4.330  -4.951  -4.935  1.00 17.26 ? 88   ALA A N   1 
ATOM   681  C CA  . ALA A 1 88  ? -5.016  -3.854  -5.628  1.00 17.04 ? 88   ALA A CA  1 
ATOM   682  C C   . ALA A 1 88  ? -6.431  -3.651  -5.135  1.00 17.42 ? 88   ALA A C   1 
ATOM   683  O O   . ALA A 1 88  ? -6.936  -2.538  -5.147  1.00 17.14 ? 88   ALA A O   1 
ATOM   684  C CB  . ALA A 1 88  ? -5.058  -4.169  -7.163  1.00 18.01 ? 88   ALA A CB  1 
ATOM   685  N N   . GLU A 1 89  ? -7.116  -4.739  -4.783  1.00 18.09 ? 89   GLU A N   1 
ATOM   686  C CA  . GLU A 1 89  ? -8.491  -4.576  -4.322  1.00 18.39 ? 89   GLU A CA  1 
ATOM   687  C C   . GLU A 1 89  ? -8.538  -3.859  -2.967  1.00 18.07 ? 89   GLU A C   1 
ATOM   688  O O   . GLU A 1 89  ? -9.437  -2.999  -2.749  1.00 19.49 ? 89   GLU A O   1 
ATOM   689  C CB  . GLU A 1 89  ? -9.157  -5.980  -4.231  1.00 21.04 ? 89   GLU A CB  1 
ATOM   690  C CG  . GLU A 1 89  ? -9.372  -6.591  -5.608  1.00 28.66 ? 89   GLU A CG  1 
ATOM   691  C CD  . GLU A 1 89  ? -10.072 -5.641  -6.674  1.00 32.57 ? 89   GLU A CD  1 
ATOM   692  O OE1 . GLU A 1 89  ? -11.042 -4.873  -6.302  1.00 36.25 ? 89   GLU A OE1 1 
ATOM   693  O OE2 . GLU A 1 89  ? -9.671  -5.643  -7.900  1.00 37.28 ? 89   GLU A OE2 1 
ATOM   694  N N   . ALA A 1 90  ? -7.574  -4.167  -2.105  1.00 17.08 ? 90   ALA A N   1 
ATOM   695  C CA  . ALA A 1 90  ? -7.476  -3.496  -0.788  1.00 18.18 ? 90   ALA A CA  1 
ATOM   696  C C   . ALA A 1 90  ? -7.197  -2.005  -1.031  1.00 17.97 ? 90   ALA A C   1 
ATOM   697  O O   . ALA A 1 90  ? -7.824  -1.115  -0.372  1.00 17.91 ? 90   ALA A O   1 
ATOM   698  C CB  . ALA A 1 90  ? -6.256  -4.051  0.062   1.00 19.78 ? 90   ALA A CB  1 
ATOM   699  N N   . ILE A 1 91  ? -6.287  -1.743  -1.938  1.00 16.43 ? 91   ILE A N   1 
ATOM   700  C CA  . ILE A 1 91  ? -5.945  -0.345  -2.205  1.00 15.88 ? 91   ILE A CA  1 
ATOM   701  C C   . ILE A 1 91  ? -7.189  0.419   -2.797  1.00 14.19 ? 91   ILE A C   1 
ATOM   702  O O   . ILE A 1 91  ? -7.428  1.573   -2.403  1.00 16.23 ? 91   ILE A O   1 
ATOM   703  C CB  . ILE A 1 91  ? -4.761  -0.263  -3.216  1.00 17.86 ? 91   ILE A CB  1 
ATOM   704  C CG1 . ILE A 1 91  ? -3.537  -0.772  -2.483  1.00 16.63 ? 91   ILE A CG1 1 
ATOM   705  C CG2 . ILE A 1 91  ? -4.568  1.186   -3.787  1.00 19.51 ? 91   ILE A CG2 1 
ATOM   706  C CD1 . ILE A 1 91  ? -3.131  -0.031  -1.319  1.00 25.97 ? 91   ILE A CD1 1 
ATOM   707  N N   . LEU A 1 92  ? -7.897  -0.202  -3.748  1.00 14.72 ? 92   LEU A N   1 
ATOM   708  C CA  . LEU A 1 92  ? -8.957  0.498   -4.364  1.00 15.59 ? 92   LEU A CA  1 
ATOM   709  C C   . LEU A 1 92  ? -10.074 0.701   -3.294  1.00 15.59 ? 92   LEU A C   1 
ATOM   710  O O   . LEU A 1 92  ? -10.716 1.712   -3.325  1.00 17.87 ? 92   LEU A O   1 
ATOM   711  C CB  . LEU A 1 92  ? -9.554  -0.317  -5.497  1.00 14.57 ? 92   LEU A CB  1 
ATOM   712  C CG  . LEU A 1 92  ? -8.593  -0.405  -6.679  1.00 15.23 ? 92   LEU A CG  1 
ATOM   713  C CD1 . LEU A 1 92  ? -8.942  -1.491  -7.744  1.00 17.73 ? 92   LEU A CD1 1 
ATOM   714  C CD2 . LEU A 1 92  ? -8.682  1.041   -7.389  1.00 18.91 ? 92   LEU A CD2 1 
ATOM   715  N N   . GLN A 1 93  ? -10.337 -0.325  -2.425  1.00 17.97 ? 93   GLN A N   1 
ATOM   716  C CA  . GLN A 1 93  ? -11.387 -0.224  -1.405  1.00 20.40 ? 93   GLN A CA  1 
ATOM   717  C C   . GLN A 1 93  ? -10.993 0.869   -0.433  1.00 18.38 ? 93   GLN A C   1 
ATOM   718  O O   . GLN A 1 93  ? -11.907 1.714   -0.075  1.00 19.26 ? 93   GLN A O   1 
ATOM   719  C CB  . GLN A 1 93  ? -11.568 -1.546  -0.651  1.00 24.56 ? 93   GLN A CB  1 
ATOM   720  C CG  . GLN A 1 93  ? -12.248 -2.641  -1.485  1.00 30.50 ? 93   GLN A CG  1 
ATOM   721  C CD  . GLN A 1 93  ? -12.240 -4.006  -0.680  1.00 34.81 ? 93   GLN A CD  1 
ATOM   722  O OE1 . GLN A 1 93  ? -12.336 -4.020  0.613   1.00 38.32 ? 93   GLN A OE1 1 
ATOM   723  N NE2 . GLN A 1 93  ? -12.135 -5.139  -1.411  1.00 36.74 ? 93   GLN A NE2 1 
ATOM   724  N N   . ALA A 1 94  ? -9.715  0.964   -0.028  1.00 17.82 ? 94   ALA A N   1 
ATOM   725  C CA  . ALA A 1 94  ? -9.328  2.051   0.853   1.00 17.31 ? 94   ALA A CA  1 
ATOM   726  C C   . ALA A 1 94  ? -9.490  3.418   0.158   1.00 17.62 ? 94   ALA A C   1 
ATOM   727  O O   . ALA A 1 94  ? -9.916  4.398   0.790   1.00 19.64 ? 94   ALA A O   1 
ATOM   728  C CB  . ALA A 1 94  ? -7.869  1.892   1.297   1.00 19.79 ? 94   ALA A CB  1 
ATOM   729  N N   . ALA A 1 95  ? -9.185  3.480   -1.142  1.00 17.09 ? 95   ALA A N   1 
ATOM   730  C CA  . ALA A 1 95  ? -9.238  4.765   -1.824  1.00 16.32 ? 95   ALA A CA  1 
ATOM   731  C C   . ALA A 1 95  ? -10.678 5.240   -1.895  1.00 18.65 ? 95   ALA A C   1 
ATOM   732  O O   . ALA A 1 95  ? -10.910 6.434   -1.768  1.00 19.45 ? 95   ALA A O   1 
ATOM   733  C CB  . ALA A 1 95  ? -8.694  4.635   -3.270  1.00 17.63 ? 95   ALA A CB  1 
ATOM   734  N N   . ARG A 1 96  ? -11.576 4.306   -2.090  1.00 19.02 ? 96   ARG A N   1 
ATOM   735  C CA  . ARG A 1 96  ? -13.027 4.651   -2.165  1.00 21.63 ? 96   ARG A CA  1 
ATOM   736  C C   . ARG A 1 96  ? -13.541 5.081   -0.770  1.00 21.93 ? 96   ARG A C   1 
ATOM   737  O O   . ARG A 1 96  ? -14.173 6.161   -0.571  1.00 23.11 ? 96   ARG A O   1 
ATOM   738  C CB  . ARG A 1 96  ? -13.812 3.429   -2.654  1.00 21.90 ? 96   ARG A CB  1 
ATOM   739  C CG  . ARG A 1 96  ? -13.548 3.231   -4.160  1.00 24.68 ? 96   ARG A CG  1 
ATOM   740  C CD  . ARG A 1 96  ? -14.514 2.197   -4.841  1.00 30.88 ? 96   ARG A CD  1 
ATOM   741  N NE  . ARG A 1 96  ? -14.357 0.893   -4.254  1.00 33.41 ? 96   ARG A NE  1 
ATOM   742  C CZ  . ARG A 1 96  ? -13.715 -0.147  -4.810  1.00 34.67 ? 96   ARG A CZ  1 
ATOM   743  N NH1 . ARG A 1 96  ? -13.110 -0.101  -6.024  1.00 35.32 ? 96   ARG A NH1 1 
ATOM   744  N NH2 . ARG A 1 96  ? -13.697 -1.247  -4.084  1.00 35.68 ? 96   ARG A NH2 1 
ATOM   745  N N   . ALA A 1 97  ? -13.202 4.283   0.227   1.00 22.54 ? 97   ALA A N   1 
ATOM   746  C CA  . ALA A 1 97  ? -13.659 4.541   1.597   1.00 24.25 ? 97   ALA A CA  1 
ATOM   747  C C   . ALA A 1 97  ? -13.099 5.843   2.166   1.00 24.66 ? 97   ALA A C   1 
ATOM   748  O O   . ALA A 1 97  ? -13.849 6.600   2.937   1.00 25.70 ? 97   ALA A O   1 
ATOM   749  C CB  . ALA A 1 97  ? -13.261 3.320   2.473   1.00 23.94 ? 97   ALA A CB  1 
ATOM   750  N N   . GLU A 1 98  ? -11.839 6.157   1.841   1.00 23.81 ? 98   GLU A N   1 
ATOM   751  C CA  . GLU A 1 98  ? -11.192 7.364   2.357   1.00 24.80 ? 98   GLU A CA  1 
ATOM   752  C C   . GLU A 1 98  ? -11.390 8.572   1.417   1.00 24.14 ? 98   GLU A C   1 
ATOM   753  O O   . GLU A 1 98  ? -10.824 9.654   1.674   1.00 26.58 ? 98   GLU A O   1 
ATOM   754  C CB  . GLU A 1 98  ? -9.695  7.043   2.599   1.00 27.31 ? 98   GLU A CB  1 
ATOM   755  C CG  . GLU A 1 98  ? -9.437  5.970   3.602   1.00 28.77 ? 98   GLU A CG  1 
ATOM   756  C CD  . GLU A 1 98  ? -9.843  6.303   5.037   1.00 32.05 ? 98   GLU A CD  1 
ATOM   757  O OE1 . GLU A 1 98  ? -10.086 7.482   5.347   1.00 33.91 ? 98   GLU A OE1 1 
ATOM   758  O OE2 . GLU A 1 98  ? -9.927  5.389   5.875   1.00 35.51 ? 98   GLU A OE2 1 
ATOM   759  N N   . LYS A 1 99  ? -12.201 8.415   0.382   1.00 23.56 ? 99   LYS A N   1 
ATOM   760  C CA  . LYS A 1 99  ? -12.425 9.485   -0.597  1.00 24.97 ? 99   LYS A CA  1 
ATOM   761  C C   . LYS A 1 99  ? -11.122 10.081  -1.042  1.00 24.53 ? 99   LYS A C   1 
ATOM   762  O O   . LYS A 1 99  ? -10.889 11.317  -1.058  1.00 25.02 ? 99   LYS A O   1 
ATOM   763  C CB  . LYS A 1 99  ? -13.346 10.563  0.050   1.00 27.34 ? 99   LYS A CB  1 
ATOM   764  C CG  . LYS A 1 99  ? -14.590 9.841   0.428   1.00 29.80 ? 99   LYS A CG  1 
ATOM   765  C CD  . LYS A 1 99  ? -15.407 9.651   -0.807  1.00 33.80 ? 99   LYS A CD  1 
ATOM   766  C CE  . LYS A 1 99  ? -16.482 10.810  -0.739  1.00 36.73 ? 99   LYS A CE  1 
ATOM   767  N NZ  . LYS A 1 99  ? -17.706 10.259  0.103   1.00 38.89 ? 99   LYS A NZ  1 
ATOM   768  N N   . ALA A 1 100 ? -10.201 9.186   -1.410  1.00 20.56 ? 100  ALA A N   1 
ATOM   769  C CA  . ALA A 1 100 ? -8.925  9.677   -1.839  1.00 19.36 ? 100  ALA A CA  1 
ATOM   770  C C   . ALA A 1 100 ? -8.932  10.574  -3.055  1.00 16.84 ? 100  ALA A C   1 
ATOM   771  O O   . ALA A 1 100 ? -9.738  10.353  -3.933  1.00 18.58 ? 100  ALA A O   1 
ATOM   772  C CB  . ALA A 1 100 ? -7.901  8.503   -2.101  1.00 18.07 ? 100  ALA A CB  1 
ATOM   773  N N   . ASP A 1 101 ? -8.036  11.549  -3.027  1.00 16.71 ? 101  ASP A N   1 
ATOM   774  C CA  . ASP A 1 101 ? -7.909  12.496  -4.179  1.00 16.77 ? 101  ASP A CA  1 
ATOM   775  C C   . ASP A 1 101 ? -6.807  12.098  -5.042  1.00 16.65 ? 101  ASP A C   1 
ATOM   776  O O   . ASP A 1 101 ? -6.698  12.604  -6.200  1.00 17.42 ? 101  ASP A O   1 
ATOM   777  C CB  . ASP A 1 101 ? -7.695  13.900  -3.663  1.00 18.66 ? 101  ASP A CB  1 
ATOM   778  C CG  . ASP A 1 101 ? -8.917  14.337  -2.914  1.00 21.62 ? 101  ASP A CG  1 
ATOM   779  O OD1 . ASP A 1 101 ? -9.884  14.648  -3.623  1.00 23.64 ? 101  ASP A OD1 1 
ATOM   780  O OD2 . ASP A 1 101 ? -8.953  14.301  -1.641  1.00 22.73 ? 101  ASP A OD2 1 
ATOM   781  N N   . LEU A 1 102 ? -5.868  11.322  -4.503  1.00 16.69 ? 102  LEU A N   1 
ATOM   782  C CA  . LEU A 1 102 ? -4.747  10.849  -5.369  1.00 16.57 ? 102  LEU A CA  1 
ATOM   783  C C   . LEU A 1 102 ? -4.259  9.560   -4.720  1.00 15.82 ? 102  LEU A C   1 
ATOM   784  O O   . LEU A 1 102 ? -4.224  9.468   -3.473  1.00 16.24 ? 102  LEU A O   1 
ATOM   785  C CB  . LEU A 1 102 ? -3.627  11.884  -5.261  1.00 16.79 ? 102  LEU A CB  1 
ATOM   786  C CG  . LEU A 1 102 ? -2.317  11.623  -6.060  1.00 19.00 ? 102  LEU A CG  1 
ATOM   787  C CD1 . LEU A 1 102 ? -2.697  11.720  -7.546  1.00 16.67 ? 102  LEU A CD1 1 
ATOM   788  C CD2 . LEU A 1 102 ? -1.262  12.790  -5.719  1.00 18.96 ? 102  LEU A CD2 1 
ATOM   789  N N   . ILE A 1 103 ? -3.845  8.601   -5.551  1.00 13.58 ? 103  ILE A N   1 
ATOM   790  C CA  . ILE A 1 103 ? -3.192  7.429   -4.997  1.00 12.80 ? 103  ILE A CA  1 
ATOM   791  C C   . ILE A 1 103 ? -1.761  7.548   -5.533  1.00 13.03 ? 103  ILE A C   1 
ATOM   792  O O   . ILE A 1 103 ? -1.526  7.839   -6.722  1.00 13.82 ? 103  ILE A O   1 
ATOM   793  C CB  . ILE A 1 103 ? -3.865  6.134   -5.605  1.00 12.83 ? 103  ILE A CB  1 
ATOM   794  C CG1 . ILE A 1 103 ? -5.277  5.967   -4.981  1.00 13.48 ? 103  ILE A CG1 1 
ATOM   795  C CG2 . ILE A 1 103 ? -2.855  4.877   -5.358  1.00 13.33 ? 103  ILE A CG2 1 
ATOM   796  C CD1 . ILE A 1 103 ? -6.005  4.890   -5.782  1.00 14.01 ? 103  ILE A CD1 1 
ATOM   797  N N   . VAL A 1 104 ? -0.755  7.400   -4.635  1.00 11.36 ? 104  VAL A N   1 
ATOM   798  C CA  . VAL A 1 104 ? 0.644   7.477   -5.073  1.00 11.90 ? 104  VAL A CA  1 
ATOM   799  C C   . VAL A 1 104 ? 1.179   6.055   -4.853  1.00 14.60 ? 104  VAL A C   1 
ATOM   800  O O   . VAL A 1 104 ? 0.988   5.456   -3.779  1.00 13.34 ? 104  VAL A O   1 
ATOM   801  C CB  . VAL A 1 104 ? 1.508   8.472   -4.167  1.00 13.11 ? 104  VAL A CB  1 
ATOM   802  C CG1 . VAL A 1 104 ? 2.986   8.465   -4.644  1.00 13.82 ? 104  VAL A CG1 1 
ATOM   803  C CG2 . VAL A 1 104 ? 0.847   9.888   -4.229  1.00 12.25 ? 104  VAL A CG2 1 
ATOM   804  N N   . MET A 1 105 ? 1.770   5.480   -5.923  1.00 12.67 ? 105  MET A N   1 
ATOM   805  C CA  . MET A 1 105 ? 2.240   4.064   -5.834  1.00 12.29 ? 105  MET A CA  1 
ATOM   806  C C   . MET A 1 105 ? 3.381   3.818   -6.802  1.00 13.92 ? 105  MET A C   1 
ATOM   807  O O   . MET A 1 105 ? 3.578   4.540   -7.776  1.00 14.24 ? 105  MET A O   1 
ATOM   808  C CB  . MET A 1 105 ? 1.081   3.131   -6.149  1.00 14.48 ? 105  MET A CB  1 
ATOM   809  C CG  . MET A 1 105 ? 0.664   3.174   -7.480  1.00 16.60 ? 105  MET A CG  1 
ATOM   810  S SD  . MET A 1 105 ? -0.876  2.095   -7.723  1.00 21.80 ? 105  MET A SD  1 
ATOM   811  C CE  . MET A 1 105 ? -0.589  0.857   -7.016  1.00 11.01 ? 105  MET A CE  1 
ATOM   812  N N   . GLY A 1 106 ? 4.163   2.832   -6.372  1.00 13.77 ? 106  GLY A N   1 
ATOM   813  C CA  . GLY A 1 106 ? 5.267   2.426   -7.278  1.00 15.30 ? 106  GLY A CA  1 
ATOM   814  C C   . GLY A 1 106 ? 4.721   1.780   -8.540  1.00 15.00 ? 106  GLY A C   1 
ATOM   815  O O   . GLY A 1 106 ? 3.625   1.233   -8.627  1.00 15.33 ? 106  GLY A O   1 
ATOM   816  N N   . THR A 1 107 ? 5.561   1.846   -9.561  1.00 16.06 ? 107  THR A N   1 
ATOM   817  C CA  . THR A 1 107 ? 5.157   1.229   -10.879 1.00 16.73 ? 107  THR A CA  1 
ATOM   818  C C   . THR A 1 107 ? 5.137   -0.290  -10.797 1.00 17.90 ? 107  THR A C   1 
ATOM   819  O O   . THR A 1 107 ? 4.367   -0.903  -11.519 1.00 17.93 ? 107  THR A O   1 
ATOM   820  C CB  . THR A 1 107 ? 6.275   1.665   -11.936 1.00 19.14 ? 107  THR A CB  1 
ATOM   821  O OG1 . THR A 1 107 ? 7.557   1.373   -11.332 1.00 19.83 ? 107  THR A OG1 1 
ATOM   822  C CG2 . THR A 1 107 ? 6.052   3.170   -12.314 1.00 21.03 ? 107  THR A CG2 1 
ATOM   823  N N   . ARG A 1 108 ? 5.968   -0.814  -9.924  1.00 20.02 ? 108  ARG A N   1 
ATOM   824  C CA  . ARG A 1 108 ? 6.122   -2.224  -9.737  1.00 24.24 ? 108  ARG A CA  1 
ATOM   825  C C   . ARG A 1 108 ? 6.154   -2.486  -8.207  1.00 25.49 ? 108  ARG A C   1 
ATOM   826  O O   . ARG A 1 108 ? 6.437   -1.607  -7.413  1.00 25.80 ? 108  ARG A O   1 
ATOM   827  C CB  . ARG A 1 108 ? 7.502   -2.633  -10.457 1.00 26.76 ? 108  ARG A CB  1 
ATOM   828  C CG  . ARG A 1 108 ? 7.424   -2.455  -12.105 1.00 30.05 ? 108  ARG A CG  1 
ATOM   829  C CD  . ARG A 1 108 ? 8.576   -1.913  -13.171 1.00 37.13 ? 108  ARG A CD  1 
ATOM   830  N NE  . ARG A 1 108 ? 9.967   -2.275  -13.017 1.00 37.56 ? 108  ARG A NE  1 
ATOM   831  C CZ  . ARG A 1 108 ? 10.990  -2.185  -13.909 1.00 39.23 ? 108  ARG A CZ  1 
ATOM   832  N NH1 . ARG A 1 108 ? 10.925  -1.738  -15.184 1.00 38.62 ? 108  ARG A NH1 1 
ATOM   833  N NH2 . ARG A 1 108 ? 12.198  -2.503  -13.481 1.00 38.11 ? 108  ARG A NH2 1 
ATOM   834  N N   . GLY A 1 109 ? 5.997   -3.750  -7.857  1.00 27.34 ? 109  GLY A N   1 
ATOM   835  C CA  . GLY A 1 109 ? 5.905   -4.205  -6.464  1.00 29.48 ? 109  GLY A CA  1 
ATOM   836  C C   . GLY A 1 109 ? 4.436   -4.649  -6.107  1.00 31.64 ? 109  GLY A C   1 
ATOM   837  O O   . GLY A 1 109 ? 3.596   -4.973  -6.950  1.00 31.52 ? 109  GLY A O   1 
ATOM   838  N N   . LEU A 1 110 ? 4.117   -4.729  -4.822  1.00 32.56 ? 110  LEU A N   1 
ATOM   839  C CA  . LEU A 1 110 ? 2.763   -5.060  -4.411  1.00 33.34 ? 110  LEU A CA  1 
ATOM   840  C C   . LEU A 1 110 ? 2.216   -6.480  -4.695  1.00 34.91 ? 110  LEU A C   1 
ATOM   841  O O   . LEU A 1 110 ? 1.190   -6.840  -4.183  1.00 37.55 ? 110  LEU A O   1 
ATOM   842  C CB  . LEU A 1 110 ? 1.812   -4.026  -5.010  1.00 34.10 ? 110  LEU A CB  1 
ATOM   843  C CG  . LEU A 1 110 ? 2.109   -2.564  -4.733  1.00 35.14 ? 110  LEU A CG  1 
ATOM   844  C CD1 . LEU A 1 110 ? 1.155   -1.742  -5.542  1.00 34.70 ? 110  LEU A CD1 1 
ATOM   845  C CD2 . LEU A 1 110 ? 1.913   -2.246  -3.182  1.00 36.42 ? 110  LEU A CD2 1 
ATOM   846  N N   . GLY A 1 111 ? 2.889   -7.320  -5.464  1.00 34.50 ? 111  GLY A N   1 
ATOM   847  C CA  . GLY A 1 111 ? 2.305   -8.652  -5.652  1.00 31.95 ? 111  GLY A CA  1 
ATOM   848  C C   . GLY A 1 111 ? 3.412   -9.505  -6.335  1.00 31.10 ? 111  GLY A C   1 
ATOM   849  O O   . GLY A 1 111 ? 4.564   -9.041  -6.529  1.00 30.99 ? 111  GLY A O   1 
ATOM   850  N N   . ALA A 1 112 ? 2.992   -10.694 -6.720  1.00 29.73 ? 112  ALA A N   1 
ATOM   851  C CA  . ALA A 1 112 ? 3.829   -11.627 -7.331  1.00 29.48 ? 112  ALA A CA  1 
ATOM   852  C C   . ALA A 1 112 ? 3.854   -11.634 -8.891  1.00 29.52 ? 112  ALA A C   1 
ATOM   853  O O   . ALA A 1 112 ? 4.719   -12.323 -9.431  1.00 31.63 ? 112  ALA A O   1 
ATOM   854  C CB  . ALA A 1 112 ? 3.437   -12.990 -6.862  1.00 31.84 ? 112  ALA A CB  1 
ATOM   855  N N   . LEU A 1 113 ? 2.934   -10.966 -9.610  1.00 24.68 ? 113  LEU A N   1 
ATOM   856  C CA  . LEU A 1 113 ? 2.975   -11.022 -11.053 1.00 22.52 ? 113  LEU A CA  1 
ATOM   857  C C   . LEU A 1 113 ? 3.136   -9.607  -11.591 1.00 21.29 ? 113  LEU A C   1 
ATOM   858  O O   . LEU A 1 113 ? 2.547   -8.690  -11.008 1.00 19.12 ? 113  LEU A O   1 
ATOM   859  C CB  . LEU A 1 113 ? 1.678   -11.549 -11.579 1.00 26.08 ? 113  LEU A CB  1 
ATOM   860  C CG  . LEU A 1 113 ? 1.158   -12.820 -10.871 1.00 30.76 ? 113  LEU A CG  1 
ATOM   861  C CD1 . LEU A 1 113 ? -0.100  -13.275 -11.663 1.00 34.08 ? 113  LEU A CD1 1 
ATOM   862  C CD2 . LEU A 1 113 ? 2.170   -14.029 -10.911 1.00 34.17 ? 113  LEU A CD2 1 
ATOM   863  N N   . GLY A 1 114 ? 4.028   -9.415  -12.605 1.00 19.62 ? 114  GLY A N   1 
ATOM   864  C CA  . GLY A 1 114 ? 4.107   -8.084  -13.170 1.00 17.55 ? 114  GLY A CA  1 
ATOM   865  C C   . GLY A 1 114 ? 4.992   -8.123  -14.404 1.00 17.97 ? 114  GLY A C   1 
ATOM   866  O O   . GLY A 1 114 ? 5.475   -9.200  -14.700 1.00 19.51 ? 114  GLY A O   1 
ATOM   867  N N   . SER A 1 115 ? 5.150   -7.002  -15.087 1.00 16.16 ? 115  SER A N   1 
ATOM   868  C CA  . SER A 1 115 ? 6.059   -6.960  -16.245 1.00 14.03 ? 115  SER A CA  1 
ATOM   869  C C   . SER A 1 115 ? 7.030   -5.838  -15.992 1.00 14.64 ? 115  SER A C   1 
ATOM   870  O O   . SER A 1 115 ? 6.914   -5.122  -14.984 1.00 14.72 ? 115  SER A O   1 
ATOM   871  C CB  . SER A 1 115 ? 5.264   -6.807  -17.557 1.00 14.46 ? 115  SER A CB  1 
ATOM   872  O OG  . SER A 1 115 ? 4.729   -5.422  -17.578 1.00 15.52 ? 115  SER A OG  1 
ATOM   873  N N   . LEU A 1 116 ? 7.936   -5.585  -16.945 1.00 14.16 ? 116  LEU A N   1 
ATOM   874  C CA  . LEU A 1 116 ? 8.822   -4.468  -16.819 1.00 14.06 ? 116  LEU A CA  1 
ATOM   875  C C   . LEU A 1 116 ? 8.050   -3.126  -17.143 1.00 15.87 ? 116  LEU A C   1 
ATOM   876  O O   . LEU A 1 116 ? 8.658   -2.048  -16.948 1.00 17.36 ? 116  LEU A O   1 
ATOM   877  C CB  . LEU A 1 116 ? 10.036  -4.560  -17.765 1.00 14.22 ? 116  LEU A CB  1 
ATOM   878  C CG  . LEU A 1 116 ? 11.058  -5.619  -17.195 1.00 13.46 ? 116  LEU A CG  1 
ATOM   879  C CD1 . LEU A 1 116 ? 12.207  -5.665  -18.357 1.00 15.98 ? 116  LEU A CD1 1 
ATOM   880  C CD2 . LEU A 1 116 ? 11.648  -5.287  -15.844 1.00 15.97 ? 116  LEU A CD2 1 
ATOM   881  N N   . PHE A 1 117 ? 6.861   -3.227  -17.695 1.00 15.41 ? 117  PHE A N   1 
ATOM   882  C CA  . PHE A 1 117 ? 6.055   -2.010  -17.868 1.00 14.96 ? 117  PHE A CA  1 
ATOM   883  C C   . PHE A 1 117 ? 5.376   -1.651  -16.517 1.00 15.21 ? 117  PHE A C   1 
ATOM   884  O O   . PHE A 1 117 ? 5.551   -0.488  -16.019 1.00 17.74 ? 117  PHE A O   1 
ATOM   885  C CB  . PHE A 1 117 ? 5.001   -2.310  -18.960 1.00 16.33 ? 117  PHE A CB  1 
ATOM   886  C CG  . PHE A 1 117 ? 3.975   -1.177  -19.081 1.00 16.56 ? 117  PHE A CG  1 
ATOM   887  C CD1 . PHE A 1 117 ? 4.419   0.128   -19.283 1.00 17.88 ? 117  PHE A CD1 1 
ATOM   888  C CD2 . PHE A 1 117 ? 2.637   -1.463  -18.909 1.00 18.48 ? 117  PHE A CD2 1 
ATOM   889  C CE1 . PHE A 1 117 ? 3.384   1.273   -19.336 1.00 17.87 ? 117  PHE A CE1 1 
ATOM   890  C CE2 . PHE A 1 117 ? 1.639   -0.428  -18.928 1.00 19.75 ? 117  PHE A CE2 1 
ATOM   891  C CZ  . PHE A 1 117 ? 1.993   0.915   -19.146 1.00 19.98 ? 117  PHE A CZ  1 
ATOM   892  N N   . LEU A 1 118 ? 4.549   -2.546  -15.924 1.00 15.86 ? 118  LEU A N   1 
ATOM   893  C CA  . LEU A 1 118 ? 3.906   -2.264  -14.594 1.00 16.53 ? 118  LEU A CA  1 
ATOM   894  C C   . LEU A 1 118 ? 3.695   -3.576  -13.869 1.00 15.11 ? 118  LEU A C   1 
ATOM   895  O O   . LEU A 1 118 ? 3.522   -4.665  -14.518 1.00 15.87 ? 118  LEU A O   1 
ATOM   896  C CB  . LEU A 1 118 ? 2.459   -1.659  -14.766 1.00 16.19 ? 118  LEU A CB  1 
ATOM   897  C CG  . LEU A 1 118 ? 2.401   -0.186  -15.217 1.00 20.21 ? 118  LEU A CG  1 
ATOM   898  C CD1 . LEU A 1 118 ? 0.782   0.064   -15.292 1.00 22.05 ? 118  LEU A CD1 1 
ATOM   899  C CD2 . LEU A 1 118 ? 3.048   0.837   -14.218 1.00 20.78 ? 118  LEU A CD2 1 
ATOM   900  N N   . GLY A 1 119 ? 3.706   -3.530  -12.539 1.00 14.74 ? 119  GLY A N   1 
ATOM   901  C CA  . GLY A 1 119 ? 3.287   -4.742  -11.809 1.00 15.01 ? 119  GLY A CA  1 
ATOM   902  C C   . GLY A 1 119 ? 1.790   -4.958  -12.067 1.00 16.03 ? 119  GLY A C   1 
ATOM   903  O O   . GLY A 1 119 ? 1.046   -3.969  -12.345 1.00 14.41 ? 119  GLY A O   1 
ATOM   904  N N   . SER A 1 120 ? 1.295   -6.177  -11.895 1.00 16.36 ? 120  SER A N   1 
ATOM   905  C CA  . SER A 1 120 ? -0.108  -6.495  -12.124 1.00 16.59 ? 120  SER A CA  1 
ATOM   906  C C   . SER A 1 120 ? -1.035  -5.713  -11.152 1.00 16.61 ? 120  SER A C   1 
ATOM   907  O O   . SER A 1 120 ? -2.083  -5.240  -11.562 1.00 16.86 ? 120  SER A O   1 
ATOM   908  C CB  . SER A 1 120 ? -0.456  -8.003  -12.051 1.00 18.78 ? 120  SER A CB  1 
ATOM   909  O OG  . SER A 1 120 ? -0.310  -8.474  -10.724 1.00 25.05 ? 120  SER A OG  1 
ATOM   910  N N   . GLN A 1 121 ? -0.556  -5.504  -9.907  1.00 17.71 ? 121  GLN A N   1 
ATOM   911  C CA  . GLN A 1 121 ? -1.365  -4.727  -8.962  1.00 19.40 ? 121  GLN A CA  1 
ATOM   912  C C   . GLN A 1 121 ? -1.415  -3.254  -9.312  1.00 17.59 ? 121  GLN A C   1 
ATOM   913  O O   . GLN A 1 121 ? -2.526  -2.666  -9.291  1.00 17.67 ? 121  GLN A O   1 
ATOM   914  C CB  . GLN A 1 121 ? -0.809  -4.910  -7.521  1.00 21.05 ? 121  GLN A CB  1 
ATOM   915  C CG  . GLN A 1 121 ? -0.800  -6.453  -7.139  1.00 24.12 ? 121  GLN A CG  1 
ATOM   916  C CD  . GLN A 1 121 ? -2.125  -7.171  -7.298  1.00 28.05 ? 121  GLN A CD  1 
ATOM   917  O OE1 . GLN A 1 121 ? -3.106  -6.904  -6.587  1.00 26.29 ? 121  GLN A OE1 1 
ATOM   918  N NE2 . GLN A 1 121 ? -2.217  -8.043  -8.355  1.00 31.76 ? 121  GLN A NE2 1 
ATOM   919  N N   . SER A 1 122 ? -0.318  -2.637  -9.746  1.00 17.61 ? 122  SER A N   1 
ATOM   920  C CA  . SER A 1 122 ? -0.364  -1.207  -10.156 1.00 16.77 ? 122  SER A CA  1 
ATOM   921  C C   . SER A 1 122 ? -1.267  -1.107  -11.383 1.00 16.24 ? 122  SER A C   1 
ATOM   922  O O   . SER A 1 122 ? -1.995  -0.149  -11.551 1.00 16.01 ? 122  SER A O   1 
ATOM   923  C CB  . SER A 1 122 ? 1.026   -0.607  -10.478 1.00 18.53 ? 122  SER A CB  1 
ATOM   924  O OG  . SER A 1 122 ? 1.726   -0.728  -9.283  1.00 19.38 ? 122  SER A OG  1 
ATOM   925  N N   . GLN A 1 123 ? -1.140  -2.068  -12.305 1.00 15.49 ? 123  GLN A N   1 
ATOM   926  C CA  . GLN A 1 123 ? -1.985  -1.982  -13.525 1.00 15.01 ? 123  GLN A CA  1 
ATOM   927  C C   . GLN A 1 123 ? -3.461  -2.036  -13.119 1.00 15.28 ? 123  GLN A C   1 
ATOM   928  O O   . GLN A 1 123 ? -4.297  -1.269  -13.656 1.00 15.53 ? 123  GLN A O   1 
ATOM   929  C CB  . GLN A 1 123 ? -1.606  -3.121  -14.503 1.00 18.27 ? 123  GLN A CB  1 
ATOM   930  C CG  . GLN A 1 123 ? -2.402  -3.203  -15.743 1.00 22.75 ? 123  GLN A CG  1 
ATOM   931  C CD  . GLN A 1 123 ? -1.520  -3.876  -16.897 1.00 27.79 ? 123  GLN A CD  1 
ATOM   932  O OE1 . GLN A 1 123 ? -0.306  -3.736  -16.928 1.00 29.81 ? 123  GLN A OE1 1 
ATOM   933  N NE2 . GLN A 1 123 ? -2.178  -4.476  -17.875 1.00 32.32 ? 123  GLN A NE2 1 
ATOM   934  N N   . ARG A 1 124 ? -3.838  -2.878  -12.173 1.00 14.38 ? 124  ARG A N   1 
ATOM   935  C CA  . ARG A 1 124 ? -5.282  -2.947  -11.815 1.00 15.94 ? 124  ARG A CA  1 
ATOM   936  C C   . ARG A 1 124 ? -5.739  -1.659  -11.151 1.00 14.89 ? 124  ARG A C   1 
ATOM   937  O O   . ARG A 1 124 ? -6.844  -1.180  -11.353 1.00 16.20 ? 124  ARG A O   1 
ATOM   938  C CB  . ARG A 1 124 ? -5.444  -4.150  -10.879 1.00 16.99 ? 124  ARG A CB  1 
ATOM   939  C CG  . ARG A 1 124 ? -6.829  -4.199  -10.290 1.00 23.78 ? 124  ARG A CG  1 
ATOM   940  C CD  . ARG A 1 124 ? -7.920  -4.546  -11.283 1.00 28.79 ? 124  ARG A CD  1 
ATOM   941  N NE  . ARG A 1 124 ? -9.189  -4.788  -10.571 1.00 36.13 ? 124  ARG A NE  1 
ATOM   942  C CZ  . ARG A 1 124 ? -10.340 -5.086  -11.215 1.00 39.34 ? 124  ARG A CZ  1 
ATOM   943  N NH1 . ARG A 1 124 ? -10.347 -5.158  -12.566 1.00 39.50 ? 124  ARG A NH1 1 
ATOM   944  N NH2 . ARG A 1 124 ? -11.468 -5.341  -10.500 1.00 40.85 ? 124  ARG A NH2 1 
ATOM   945  N N   . VAL A 1 125 ? -4.841  -1.081  -10.300 1.00 12.88 ? 125  VAL A N   1 
ATOM   946  C CA  . VAL A 1 125 ? -5.257  0.186   -9.677  1.00 13.76 ? 125  VAL A CA  1 
ATOM   947  C C   . VAL A 1 125 ? -5.417  1.256   -10.706 1.00 15.24 ? 125  VAL A C   1 
ATOM   948  O O   . VAL A 1 125 ? -6.401  2.085   -10.605 1.00 15.73 ? 125  VAL A O   1 
ATOM   949  C CB  . VAL A 1 125 ? -4.236  0.565   -8.556  1.00 13.64 ? 125  VAL A CB  1 
ATOM   950  C CG1 . VAL A 1 125 ? -4.488  2.005   -8.084  1.00 15.62 ? 125  VAL A CG1 1 
ATOM   951  C CG2 . VAL A 1 125 ? -4.280  -0.410  -7.340  1.00 14.76 ? 125  VAL A CG2 1 
ATOM   952  N N   . VAL A 1 126 ? -4.489  1.352   -11.691 1.00 13.99 ? 126  VAL A N   1 
ATOM   953  C CA  . VAL A 1 126 ? -4.589  2.383   -12.746 1.00 15.35 ? 126  VAL A CA  1 
ATOM   954  C C   . VAL A 1 126 ? -5.897  2.154   -13.503 1.00 17.20 ? 126  VAL A C   1 
ATOM   955  O O   . VAL A 1 126 ? -6.571  3.157   -13.869 1.00 18.48 ? 126  VAL A O   1 
ATOM   956  C CB  . VAL A 1 126 ? -3.399  2.278   -13.739 1.00 16.66 ? 126  VAL A CB  1 
ATOM   957  C CG1 . VAL A 1 126 ? -3.670  3.169   -15.032 1.00 18.99 ? 126  VAL A CG1 1 
ATOM   958  C CG2 . VAL A 1 126 ? -2.114  2.886   -12.922 1.00 17.27 ? 126  VAL A CG2 1 
ATOM   959  N N   . ALA A 1 127 ? -6.282  0.914   -13.710 1.00 15.50 ? 127  ALA A N   1 
ATOM   960  C CA  . ALA A 1 127 ? -7.516  0.658   -14.506 1.00 15.96 ? 127  ALA A CA  1 
ATOM   961  C C   . ALA A 1 127 ? -8.800  1.050   -13.737 1.00 16.73 ? 127  ALA A C   1 
ATOM   962  O O   . ALA A 1 127 ? -9.799  1.534   -14.385 1.00 17.98 ? 127  ALA A O   1 
ATOM   963  C CB  . ALA A 1 127 ? -7.591  -0.854  -14.760 1.00 16.06 ? 127  ALA A CB  1 
ATOM   964  N N   . GLU A 1 128 ? -8.782  0.928   -12.424 1.00 16.03 ? 128  GLU A N   1 
ATOM   965  C CA  . GLU A 1 128 ? -10.032 1.064   -11.676 1.00 15.40 ? 128  GLU A CA  1 
ATOM   966  C C   . GLU A 1 128 ? -10.092 2.126   -10.659 1.00 16.95 ? 128  GLU A C   1 
ATOM   967  O O   . GLU A 1 128 ? -11.057 2.220   -9.947  1.00 16.85 ? 128  GLU A O   1 
ATOM   968  C CB  . GLU A 1 128 ? -10.377 -0.330  -10.979 1.00 18.29 ? 128  GLU A CB  1 
ATOM   969  C CG  . GLU A 1 128 ? -10.517 -1.455  -12.065 1.00 22.39 ? 128  GLU A CG  1 
ATOM   970  C CD  . GLU A 1 128 ? -11.622 -1.156  -13.057 1.00 26.87 ? 128  GLU A CD  1 
ATOM   971  O OE1 . GLU A 1 128 ? -12.668 -0.553  -12.739 1.00 27.30 ? 128  GLU A OE1 1 
ATOM   972  O OE2 . GLU A 1 128 ? -11.421 -1.467  -14.268 1.00 29.14 ? 128  GLU A OE2 1 
ATOM   973  N N   . ALA A 1 129 ? -9.041  2.948   -10.528 1.00 14.75 ? 129  ALA A N   1 
ATOM   974  C CA  . ALA A 1 129 ? -9.065  3.900   -9.418  1.00 14.24 ? 129  ALA A CA  1 
ATOM   975  C C   . ALA A 1 129 ? -10.137 4.950   -9.495  1.00 16.64 ? 129  ALA A C   1 
ATOM   976  O O   . ALA A 1 129 ? -10.426 5.470   -10.574 1.00 18.25 ? 129  ALA A O   1 
ATOM   977  C CB  . ALA A 1 129 ? -7.654  4.658   -9.301  1.00 14.84 ? 129  ALA A CB  1 
ATOM   978  N N   . PRO A 1 130 ? -10.621 5.351   -8.319  1.00 16.36 ? 130  PRO A N   1 
ATOM   979  C CA  . PRO A 1 130 ? -11.684 6.388   -8.270  1.00 18.35 ? 130  PRO A CA  1 
ATOM   980  C C   . PRO A 1 130 ? -11.107 7.784   -8.291  1.00 18.69 ? 130  PRO A C   1 
ATOM   981  O O   . PRO A 1 130 ? -11.874 8.746   -8.055  1.00 21.14 ? 130  PRO A O   1 
ATOM   982  C CB  . PRO A 1 130 ? -12.345 6.168   -6.878  1.00 19.43 ? 130  PRO A CB  1 
ATOM   983  C CG  . PRO A 1 130 ? -11.186 5.570   -6.012  1.00 20.22 ? 130  PRO A CG  1 
ATOM   984  C CD  . PRO A 1 130 ? -10.280 4.782   -6.989  1.00 18.58 ? 130  PRO A CD  1 
ATOM   985  N N   . CYS A 1 131 ? -9.819  7.944   -8.502  1.00 15.41 ? 131  CYS A N   1 
ATOM   986  C CA  . CYS A 1 131 ? -9.117  9.253   -8.458  1.00 15.13 ? 131  CYS A CA  1 
ATOM   987  C C   . CYS A 1 131 ? -7.858  9.145   -9.291  1.00 13.66 ? 131  CYS A C   1 
ATOM   988  O O   . CYS A 1 131 ? -7.489  8.022   -9.682  1.00 13.28 ? 131  CYS A O   1 
ATOM   989  C CB  . CYS A 1 131 ? -8.818  9.662   -6.985  1.00 14.34 ? 131  CYS A CB  1 
ATOM   990  S SG  . CYS A 1 131 ? -7.699  8.406   -6.167  1.00 17.90 ? 131  CYS A SG  1 
ATOM   991  N N   . PRO A 1 132 ? -7.124  10.249  -9.462  1.00 12.56 ? 132  PRO A N   1 
ATOM   992  C CA  . PRO A 1 132 ? -5.919  10.199  -10.292 1.00 13.91 ? 132  PRO A CA  1 
ATOM   993  C C   . PRO A 1 132 ? -4.887  9.337   -9.561  1.00 13.38 ? 132  PRO A C   1 
ATOM   994  O O   . PRO A 1 132 ? -4.925  9.136   -8.325  1.00 13.45 ? 132  PRO A O   1 
ATOM   995  C CB  . PRO A 1 132 ? -5.441  11.681  -10.311 1.00 12.87 ? 132  PRO A CB  1 
ATOM   996  C CG  . PRO A 1 132 ? -6.797  12.407  -10.341 1.00 14.55 ? 132  PRO A CG  1 
ATOM   997  C CD  . PRO A 1 132 ? -7.634  11.644  -9.307  1.00 13.53 ? 132  PRO A CD  1 
ATOM   998  N N   . VAL A 1 133 ? -3.988  8.738   -10.344 1.00 12.82 ? 133  VAL A N   1 
ATOM   999  C CA  . VAL A 1 133 ? -2.899  7.899   -9.796  1.00 12.92 ? 133  VAL A CA  1 
ATOM   1000 C C   . VAL A 1 133 ? -1.539  8.495   -10.189 1.00 12.20 ? 133  VAL A C   1 
ATOM   1001 O O   . VAL A 1 133 ? -1.328  8.763   -11.390 1.00 12.26 ? 133  VAL A O   1 
ATOM   1002 C CB  . VAL A 1 133 ? -3.035  6.478   -10.383 1.00 11.47 ? 133  VAL A CB  1 
ATOM   1003 C CG1 . VAL A 1 133 ? -1.826  5.573   -9.890  1.00 12.20 ? 133  VAL A CG1 1 
ATOM   1004 C CG2 . VAL A 1 133 ? -4.418  5.840   -9.813  1.00 13.89 ? 133  VAL A CG2 1 
ATOM   1005 N N   . LEU A 1 134 ? -0.613  8.574   -9.216  1.00 11.84 ? 134  LEU A N   1 
ATOM   1006 C CA  . LEU A 1 134 ? 0.705   9.161   -9.444  1.00 11.60 ? 134  LEU A CA  1 
ATOM   1007 C C   . LEU A 1 134 ? 1.616   7.929   -9.304  1.00 10.85 ? 134  LEU A C   1 
ATOM   1008 O O   . LEU A 1 134 ? 1.786   7.369   -8.195  1.00 12.79 ? 134  LEU A O   1 
ATOM   1009 C CB  . LEU A 1 134 ? 0.949   10.235  -8.364  1.00 12.36 ? 134  LEU A CB  1 
ATOM   1010 C CG  . LEU A 1 134 ? 2.173   11.123  -8.753  1.00 15.14 ? 134  LEU A CG  1 
ATOM   1011 C CD1 . LEU A 1 134 ? 2.212   12.352  -7.690  1.00 16.35 ? 134  LEU A CD1 1 
ATOM   1012 C CD2 . LEU A 1 134 ? 3.541   10.426  -8.763  1.00 19.27 ? 134  LEU A CD2 1 
ATOM   1013 N N   . LEU A 1 135 ? 2.200   7.518   -10.450 1.00 10.33 ? 135  LEU A N   1 
ATOM   1014 C CA  . LEU A 1 135 ? 3.079   6.387   -10.539 1.00 11.23 ? 135  LEU A CA  1 
ATOM   1015 C C   . LEU A 1 135 ? 4.571   6.878   -10.362 1.00 11.62 ? 135  LEU A C   1 
ATOM   1016 O O   . LEU A 1 135 ? 4.971   7.857   -11.028 1.00 12.87 ? 135  LEU A O   1 
ATOM   1017 C CB  . LEU A 1 135 ? 2.945   5.742   -11.903 1.00 11.87 ? 135  LEU A CB  1 
ATOM   1018 C CG  . LEU A 1 135 ? 1.584   5.054   -12.131 1.00 13.25 ? 135  LEU A CG  1 
ATOM   1019 C CD1 . LEU A 1 135 ? 1.517   4.569   -13.646 1.00 14.30 ? 135  LEU A CD1 1 
ATOM   1020 C CD2 . LEU A 1 135 ? 1.406   3.803   -11.218 1.00 12.78 ? 135  LEU A CD2 1 
ATOM   1021 N N   . VAL A 1 136 ? 5.327   6.109   -9.577  1.00 12.60 ? 136  VAL A N   1 
ATOM   1022 C CA  . VAL A 1 136 ? 6.657   6.464   -9.272  1.00 12.79 ? 136  VAL A CA  1 
ATOM   1023 C C   . VAL A 1 136 ? 7.603   5.239   -9.483  1.00 14.65 ? 136  VAL A C   1 
ATOM   1024 O O   . VAL A 1 136 ? 7.272   4.132   -8.976  1.00 14.88 ? 136  VAL A O   1 
ATOM   1025 C CB  . VAL A 1 136 ? 6.757   6.846   -7.751  1.00 15.06 ? 136  VAL A CB  1 
ATOM   1026 C CG1 . VAL A 1 136 ? 8.279   7.220   -7.388  1.00 13.24 ? 136  VAL A CG1 1 
ATOM   1027 C CG2 . VAL A 1 136 ? 5.773   8.069   -7.439  1.00 14.00 ? 136  VAL A CG2 1 
ATOM   1028 N N   . ARG A 1 137 ? 8.691   5.429   -10.244 1.00 14.92 ? 137  ARG A N   1 
ATOM   1029 C CA  . ARG A 1 137 ? 9.570   4.326   -10.419 1.00 18.01 ? 137  ARG A CA  1 
ATOM   1030 C C   . ARG A 1 137 ? 10.591  4.271   -9.302  1.00 20.17 ? 137  ARG A C   1 
ATOM   1031 O O   . ARG A 1 137 ? 10.889  5.366   -8.775  1.00 23.08 ? 137  ARG A O   1 
ATOM   1032 C CB  . ARG A 1 137 ? 10.363  4.407   -11.760 1.00 22.91 ? 137  ARG A CB  1 
ATOM   1033 C CG  . ARG A 1 137 ? 11.098  3.049   -12.093 1.00 27.75 ? 137  ARG A CG  1 
ATOM   1034 C CD  . ARG A 1 137 ? 12.040  3.276   -13.360 1.00 32.61 ? 137  ARG A CD  1 
ATOM   1035 N NE  . ARG A 1 137 ? 12.200  4.721   -13.498 1.00 37.65 ? 137  ARG A NE  1 
ATOM   1036 C CZ  . ARG A 1 137 ? 11.588  5.472   -14.428 1.00 40.38 ? 137  ARG A CZ  1 
ATOM   1037 N NH1 . ARG A 1 137 ? 10.789  4.893   -15.326 1.00 42.85 ? 137  ARG A NH1 1 
ATOM   1038 N NH2 . ARG A 1 137 ? 11.815  6.807   -14.460 1.00 43.54 ? 137  ARG A NH2 1 
ATOM   1039 O OXT . ARG A 1 137 ? 11.208  3.152   -9.056  1.00 23.27 ? 137  ARG A OXT 1 
HETATM 1040 C C1  . PGO B 2 .   ? 8.556   1.343   -15.022 1.00 31.64 ? 1000 PGO A C1  1 
HETATM 1041 C C2  . PGO B 2 .   ? 8.181   1.687   -16.462 1.00 30.30 ? 1000 PGO A C2  1 
HETATM 1042 C C3  . PGO B 2 .   ? 6.659   1.795   -16.445 1.00 31.81 ? 1000 PGO A C3  1 
HETATM 1043 O O1  . PGO B 2 .   ? 7.813   0.186   -14.655 1.00 32.40 ? 1000 PGO A O1  1 
HETATM 1044 O O2  . PGO B 2 .   ? 8.690   0.724   -17.397 1.00 28.33 ? 1000 PGO A O2  1 
HETATM 1045 O O   . HOH C 3 .   ? 13.194  -2.952  -4.474  1.00 17.28 ? 1001 HOH A O   1 
HETATM 1046 O O   . HOH C 3 .   ? 0.780   -2.748  -0.256  1.00 28.46 ? 1002 HOH A O   1 
HETATM 1047 O O   . HOH C 3 .   ? 13.162  -2.184  -7.029  1.00 19.20 ? 1003 HOH A O   1 
HETATM 1048 O O   . HOH C 3 .   ? 3.874   -8.119  3.670   1.00 33.65 ? 1004 HOH A O   1 
HETATM 1049 O O   . HOH C 3 .   ? 0.713   8.126   16.235  1.00 25.66 ? 1005 HOH A O   1 
HETATM 1050 O O   . HOH C 3 .   ? 3.954   1.092   -4.196  1.00 25.11 ? 1006 HOH A O   1 
HETATM 1051 O O   . HOH C 3 .   ? 2.511   -3.277  -9.004  1.00 22.02 ? 1007 HOH A O   1 
HETATM 1052 O O   . HOH C 3 .   ? 9.175   -2.554  13.258  1.00 28.77 ? 1008 HOH A O   1 
HETATM 1053 O O   . HOH C 3 .   ? -8.621  6.355   8.493   1.00 51.35 ? 1009 HOH A O   1 
HETATM 1054 O O   . HOH C 3 .   ? -1.680  11.511  8.115   1.00 26.12 ? 1010 HOH A O   1 
HETATM 1055 O O   . HOH C 3 .   ? 5.739   -0.738  -5.044  1.00 30.29 ? 1011 HOH A O   1 
HETATM 1056 O O   . HOH C 3 .   ? 2.121   -5.217  -18.329 1.00 29.67 ? 1012 HOH A O   1 
HETATM 1057 O O   . HOH C 3 .   ? 6.823   -6.305  13.305  1.00 29.28 ? 1013 HOH A O   1 
HETATM 1058 O O   . HOH C 3 .   ? 6.126   -8.828  -9.653  1.00 38.64 ? 1014 HOH A O   1 
HETATM 1059 O O   . HOH C 3 .   ? 2.085   -6.720  -8.860  1.00 25.05 ? 1015 HOH A O   1 
HETATM 1060 O O   . HOH C 3 .   ? 7.081   -23.152 10.182  1.00 32.84 ? 1016 HOH A O   1 
HETATM 1061 O O   . HOH C 3 .   ? -6.652  19.542  2.421   1.00 40.38 ? 1017 HOH A O   1 
HETATM 1062 O O   . HOH C 3 .   ? -2.626  -15.062 6.966   1.00 32.44 ? 1018 HOH A O   1 
HETATM 1063 O O   . HOH C 3 .   ? 9.530   -13.571 13.212  1.00 40.02 ? 1019 HOH A O   1 
HETATM 1064 O O   . HOH C 3 .   ? -5.440  -16.556 7.962   1.00 46.42 ? 1020 HOH A O   1 
HETATM 1065 O O   . HOH C 3 .   ? 4.369   -10.430 4.695   1.00 45.48 ? 1021 HOH A O   1 
HETATM 1066 O O   . HOH C 3 .   ? 4.772   -6.512  15.340  1.00 31.98 ? 1022 HOH A O   1 
HETATM 1067 O O   . HOH C 3 .   ? 7.184   20.475  -3.171  1.00 38.52 ? 1023 HOH A O   1 
HETATM 1068 O O   . HOH C 3 .   ? 4.571   -2.303  14.676  1.00 44.94 ? 1024 HOH A O   1 
HETATM 1069 O O   . HOH C 3 .   ? -8.137  14.501  -7.396  1.00 33.71 ? 1025 HOH A O   1 
HETATM 1070 O O   . HOH C 3 .   ? 1.618   24.695  -0.655  0.50 36.22 ? 1026 HOH A O   1 
HETATM 1071 O O   . HOH C 3 .   ? 11.337  7.909   -9.384  1.00 27.89 ? 1027 HOH A O   1 
HETATM 1072 O O   . HOH C 3 .   ? 13.582  2.922   6.816   1.00 44.10 ? 1028 HOH A O   1 
HETATM 1073 O O   . HOH C 3 .   ? 2.525   -8.057  0.868   1.00 40.29 ? 1029 HOH A O   1 
HETATM 1074 O O   . HOH C 3 .   ? -9.288  -8.939  -1.345  1.00 35.46 ? 1030 HOH A O   1 
HETATM 1075 O O   . HOH C 3 .   ? -6.337  -20.136 1.382   1.00 43.20 ? 1031 HOH A O   1 
HETATM 1076 O O   . HOH C 3 .   ? 13.850  -1.530  12.612  1.00 40.02 ? 1032 HOH A O   1 
HETATM 1077 O O   . HOH C 3 .   ? -11.850 8.532   -4.193  1.00 39.69 ? 1033 HOH A O   1 
HETATM 1078 O O   . HOH C 3 .   ? -0.584  18.071  5.772   1.00 45.75 ? 1034 HOH A O   1 
HETATM 1079 O O   . HOH C 3 .   ? 10.506  1.128   10.983  1.00 38.77 ? 1035 HOH A O   1 
HETATM 1080 O O   . HOH C 3 .   ? -5.789  -18.252 5.595   1.00 45.67 ? 1036 HOH A O   1 
HETATM 1081 O O   . HOH C 3 .   ? 0.577   -9.678  -8.602  1.00 30.98 ? 1037 HOH A O   1 
HETATM 1082 O O   . HOH C 3 .   ? 2.916   13.702  6.513   1.00 46.87 ? 1038 HOH A O   1 
HETATM 1083 O O   . HOH C 3 .   ? 5.539   -22.472 8.290   1.00 31.18 ? 1039 HOH A O   1 
HETATM 1084 O O   . HOH C 3 .   ? 1.566   -5.173  -1.146  1.00 45.04 ? 1040 HOH A O   1 
HETATM 1085 O O   . HOH C 3 .   ? -10.667 2.707   5.876   1.00 51.12 ? 1041 HOH A O   1 
HETATM 1086 O O   . HOH C 3 .   ? -12.245 17.199  -6.783  1.00 51.45 ? 1042 HOH A O   1 
HETATM 1087 O O   . HOH C 3 .   ? 5.228   1.999   19.412  1.00 43.23 ? 1043 HOH A O   1 
HETATM 1088 O O   . HOH C 3 .   ? -8.202  21.362  1.779   1.00 44.05 ? 1044 HOH A O   1 
HETATM 1089 O O   . HOH C 3 .   ? 11.090  10.152  -7.461  1.00 44.38 ? 1045 HOH A O   1 
HETATM 1090 O O   . HOH C 3 .   ? 9.656   -6.368  14.422  1.00 35.66 ? 1046 HOH A O   1 
HETATM 1091 O O   . HOH C 3 .   ? -6.039  15.368  -7.634  1.00 50.72 ? 1047 HOH A O   1 
HETATM 1092 O O   . HOH C 3 .   ? 0.297   -11.542 -5.789  1.00 39.29 ? 1048 HOH A O   1 
HETATM 1093 O O   . HOH C 3 .   ? -14.235 8.499   -4.351  1.00 45.57 ? 1049 HOH A O   1 
HETATM 1094 O O   . HOH C 3 .   ? 12.597  -2.234  10.083  1.00 25.13 ? 1050 HOH A O   1 
HETATM 1095 O O   . HOH C 3 .   ? 11.749  -11.938 14.233  1.00 53.54 ? 1051 HOH A O   1 
HETATM 1096 O O   . HOH C 3 .   ? 1.459   -28.539 5.131   1.00 43.14 ? 1052 HOH A O   1 
HETATM 1097 O O   . HOH C 3 .   ? 9.915   -1.664  10.736  1.00 19.76 ? 1053 HOH A O   1 
HETATM 1098 O O   . HOH C 3 .   ? 6.882   -5.949  -12.164 1.00 25.12 ? 1054 HOH A O   1 
HETATM 1099 O O   . HOH C 3 .   ? 14.734  0.116   -7.802  1.00 24.42 ? 1055 HOH A O   1 
HETATM 1100 O O   . HOH C 3 .   ? 7.194   3.343   12.607  1.00 31.43 ? 1056 HOH A O   1 
HETATM 1101 O O   . HOH C 3 .   ? 6.226   19.657  -0.524  1.00 32.52 ? 1057 HOH A O   1 
HETATM 1102 O O   . HOH C 3 .   ? 5.221   15.245  -4.657  1.00 35.48 ? 1058 HOH A O   1 
HETATM 1103 O O   . HOH C 3 .   ? 7.260   -11.089 18.317  1.00 29.17 ? 1059 HOH A O   1 
HETATM 1104 O O   . HOH C 3 .   ? 5.031   -6.415  -9.684  1.00 39.57 ? 1060 HOH A O   1 
HETATM 1105 O O   . HOH C 3 .   ? -2.340  -30.651 9.865   1.00 38.16 ? 1061 HOH A O   1 
HETATM 1106 O O   . HOH C 3 .   ? 9.334   13.969  0.767   1.00 32.43 ? 1062 HOH A O   1 
HETATM 1107 O O   . HOH C 3 .   ? -3.382  -6.308  -13.967 1.00 42.66 ? 1063 HOH A O   1 
HETATM 1108 O O   . HOH C 3 .   ? 0.175   -16.077 -0.202  1.00 56.60 ? 1064 HOH A O   1 
HETATM 1109 O O   . HOH C 3 .   ? 6.741   -3.846  13.656  1.00 36.91 ? 1065 HOH A O   1 
HETATM 1110 O O   . HOH C 3 .   ? 5.803   -6.388  1.074   1.00 27.56 ? 1066 HOH A O   1 
HETATM 1111 O O   . HOH C 3 .   ? -0.765  -13.495 8.497   1.00 26.70 ? 1067 HOH A O   1 
HETATM 1112 O O   . HOH C 3 .   ? -7.544  4.140   11.770  1.00 31.59 ? 1068 HOH A O   1 
HETATM 1113 O O   . HOH C 3 .   ? -1.502  13.670  7.648   1.00 45.73 ? 1069 HOH A O   1 
HETATM 1114 O O   . HOH C 3 .   ? -5.182  12.708  9.812   1.00 43.30 ? 1070 HOH A O   1 
HETATM 1115 O O   . HOH C 3 .   ? 1.183   -5.766  -15.425 1.00 35.35 ? 1071 HOH A O   1 
HETATM 1116 O O   . HOH C 3 .   ? 9.317   8.036   -11.255 1.00 25.21 ? 1072 HOH A O   1 
HETATM 1117 O O   . HOH C 3 .   ? 13.267  -0.769  7.985   1.00 37.78 ? 1073 HOH A O   1 
HETATM 1118 O O   . HOH C 3 .   ? 1.278   21.300  4.920   1.00 41.76 ? 1074 HOH A O   1 
HETATM 1119 O O   . HOH C 3 .   ? -3.698  -16.422 0.232   1.00 45.46 ? 1075 HOH A O   1 
HETATM 1120 O O   . HOH C 3 .   ? 3.808   -19.010 3.632   1.00 56.20 ? 1076 HOH A O   1 
HETATM 1121 O O   . HOH C 3 .   ? -14.356 -1.699  -14.873 1.00 46.42 ? 1077 HOH A O   1 
HETATM 1122 O O   . HOH C 3 .   ? 6.895   -13.890 13.889  1.00 36.54 ? 1078 HOH A O   1 
HETATM 1123 O O   . HOH C 3 .   ? -12.187 5.163   7.479   1.00 52.50 ? 1079 HOH A O   1 
HETATM 1124 O O   . HOH C 3 .   ? -8.169  -19.354 5.150   1.00 53.61 ? 1080 HOH A O   1 
HETATM 1125 O O   . HOH C 3 .   ? -11.484 24.009  4.149   1.00 52.36 ? 1081 HOH A O   1 
HETATM 1126 O O   . HOH C 3 .   ? 9.077   -6.012  -10.517 1.00 44.18 ? 1082 HOH A O   1 
HETATM 1127 O O   . HOH C 3 .   ? 12.308  2.021   10.065  1.00 46.09 ? 1083 HOH A O   1 
HETATM 1128 O O   . HOH C 3 .   ? -12.679 -2.826  -9.124  1.00 50.61 ? 1084 HOH A O   1 
HETATM 1129 O O   . HOH C 3 .   ? -8.155  -12.592 8.769   1.00 53.63 ? 1085 HOH A O   1 
HETATM 1130 O O   . HOH C 3 .   ? 1.152   -9.850  -1.186  1.00 55.32 ? 1086 HOH A O   1 
HETATM 1131 O O   . HOH C 3 .   ? -13.514 3.828   -11.208 1.00 52.74 ? 1087 HOH A O   1 
HETATM 1132 O O   . HOH C 3 .   ? -9.665  15.843  -6.069  1.00 39.86 ? 1088 HOH A O   1 
HETATM 1133 O O   . HOH C 3 .   ? 9.528   1.019   -13.098 1.00 31.81 ? 1089 HOH A O   1 
# 
loop_
_pdbx_poly_seq_scheme.asym_id 
_pdbx_poly_seq_scheme.entity_id 
_pdbx_poly_seq_scheme.seq_id 
_pdbx_poly_seq_scheme.mon_id 
_pdbx_poly_seq_scheme.ndb_seq_num 
_pdbx_poly_seq_scheme.pdb_seq_num 
_pdbx_poly_seq_scheme.auth_seq_num 
_pdbx_poly_seq_scheme.pdb_mon_id 
_pdbx_poly_seq_scheme.auth_mon_id 
_pdbx_poly_seq_scheme.pdb_strand_id 
_pdbx_poly_seq_scheme.pdb_ins_code 
_pdbx_poly_seq_scheme.hetero 
A 1 1   MET 1   1   1   MET MET A . n 
A 1 2   PHE 2   2   2   PHE PHE A . n 
A 1 3   LYS 3   3   3   LYS LYS A . n 
A 1 4   THR 4   4   4   THR THR A . n 
A 1 5   ILE 5   5   5   ILE ILE A . n 
A 1 6   LEU 6   6   6   LEU LEU A . n 
A 1 7   LEU 7   7   7   LEU LEU A . n 
A 1 8   ALA 8   8   8   ALA ALA A . n 
A 1 9   TYR 9   9   9   TYR TYR A . n 
A 1 10  ASP 10  10  10  ASP ASP A . n 
A 1 11  GLY 11  11  11  GLY GLY A . n 
A 1 12  SER 12  12  12  SER SER A . n 
A 1 13  GLU 13  13  13  GLU GLU A . n 
A 1 14  HIS 14  14  14  HIS HIS A . n 
A 1 15  ALA 15  15  15  ALA ALA A . n 
A 1 16  ARG 16  16  16  ARG ARG A . n 
A 1 17  ARG 17  17  17  ARG ARG A . n 
A 1 18  ALA 18  18  18  ALA ALA A . n 
A 1 19  ALA 19  19  19  ALA ALA A . n 
A 1 20  GLU 20  20  20  GLU GLU A . n 
A 1 21  VAL 21  21  21  VAL VAL A . n 
A 1 22  ALA 22  22  22  ALA ALA A . n 
A 1 23  LYS 23  23  23  LYS LYS A . n 
A 1 24  ALA 24  24  24  ALA ALA A . n 
A 1 25  GLU 25  25  25  GLU GLU A . n 
A 1 26  ALA 26  26  26  ALA ALA A . n 
A 1 27  GLU 27  27  27  GLU GLU A . n 
A 1 28  ALA 28  28  28  ALA ALA A . n 
A 1 29  HIS 29  29  29  HIS HIS A . n 
A 1 30  GLY 30  30  30  GLY GLY A . n 
A 1 31  ALA 31  31  31  ALA ALA A . n 
A 1 32  ARG 32  32  32  ARG ARG A . n 
A 1 33  LEU 33  33  33  LEU LEU A . n 
A 1 34  ILE 34  34  34  ILE ILE A . n 
A 1 35  VAL 35  35  35  VAL VAL A . n 
A 1 36  VAL 36  36  36  VAL VAL A . n 
A 1 37  HIS 37  37  37  HIS HIS A . n 
A 1 38  ALA 38  38  38  ALA ALA A . n 
A 1 39  TYR 39  39  39  TYR TYR A . n 
A 1 40  GLU 40  40  40  GLU GLU A . n 
A 1 41  PRO 41  41  41  PRO PRO A . n 
A 1 42  VAL 42  42  42  VAL VAL A . n 
A 1 43  PRO 43  43  43  PRO PRO A . n 
A 1 44  ASP 44  44  44  ASP ASP A . n 
A 1 45  TYR 45  45  45  TYR TYR A . n 
A 1 46  LEU 46  46  46  LEU LEU A . n 
A 1 47  GLY 47  47  47  GLY GLY A . n 
A 1 48  GLU 48  48  48  GLU GLU A . n 
A 1 49  PRO 49  49  49  PRO PRO A . n 
A 1 50  PHE 50  50  50  PHE PHE A . n 
A 1 51  PHE 51  51  51  PHE PHE A . n 
A 1 52  GLU 52  52  52  GLU GLU A . n 
A 1 53  GLU 53  53  53  GLU GLU A . n 
A 1 54  ALA 54  54  54  ALA ALA A . n 
A 1 55  LEU 55  55  55  LEU LEU A . n 
A 1 56  ARG 56  56  56  ARG ARG A . n 
A 1 57  ARG 57  57  57  ARG ARG A . n 
A 1 58  ARG 58  58  58  ARG ARG A . n 
A 1 59  LEU 59  59  59  LEU LEU A . n 
A 1 60  GLU 60  60  60  GLU GLU A . n 
A 1 61  ARG 61  61  61  ARG ARG A . n 
A 1 62  ALA 62  62  62  ALA ALA A . n 
A 1 63  GLU 63  63  63  GLU GLU A . n 
A 1 64  GLY 64  64  64  GLY GLY A . n 
A 1 65  VAL 65  65  65  VAL VAL A . n 
A 1 66  LEU 66  66  66  LEU LEU A . n 
A 1 67  GLU 67  67  67  GLU GLU A . n 
A 1 68  GLU 68  68  68  GLU GLU A . n 
A 1 69  ALA 69  69  69  ALA ALA A . n 
A 1 70  ARG 70  70  70  ARG ARG A . n 
A 1 71  ALA 71  71  71  ALA ALA A . n 
A 1 72  LEU 72  72  72  LEU LEU A . n 
A 1 73  THR 73  73  73  THR THR A . n 
A 1 74  GLY 74  74  74  GLY GLY A . n 
A 1 75  VAL 75  75  75  VAL VAL A . n 
A 1 76  PRO 76  76  76  PRO PRO A . n 
A 1 77  LYS 77  77  77  LYS LYS A . n 
A 1 78  GLU 78  78  78  GLU GLU A . n 
A 1 79  ASP 79  79  79  ASP ASP A . n 
A 1 80  ALA 80  80  80  ALA ALA A . n 
A 1 81  LEU 81  81  81  LEU LEU A . n 
A 1 82  LEU 82  82  82  LEU LEU A . n 
A 1 83  LEU 83  83  83  LEU LEU A . n 
A 1 84  GLU 84  84  84  GLU GLU A . n 
A 1 85  GLY 85  85  85  GLY GLY A . n 
A 1 86  VAL 86  86  86  VAL VAL A . n 
A 1 87  PRO 87  87  87  PRO PRO A . n 
A 1 88  ALA 88  88  88  ALA ALA A . n 
A 1 89  GLU 89  89  89  GLU GLU A . n 
A 1 90  ALA 90  90  90  ALA ALA A . n 
A 1 91  ILE 91  91  91  ILE ILE A . n 
A 1 92  LEU 92  92  92  LEU LEU A . n 
A 1 93  GLN 93  93  93  GLN GLN A . n 
A 1 94  ALA 94  94  94  ALA ALA A . n 
A 1 95  ALA 95  95  95  ALA ALA A . n 
A 1 96  ARG 96  96  96  ARG ARG A . n 
A 1 97  ALA 97  97  97  ALA ALA A . n 
A 1 98  GLU 98  98  98  GLU GLU A . n 
A 1 99  LYS 99  99  99  LYS LYS A . n 
A 1 100 ALA 100 100 100 ALA ALA A . n 
A 1 101 ASP 101 101 101 ASP ASP A . n 
A 1 102 LEU 102 102 102 LEU LEU A . n 
A 1 103 ILE 103 103 103 ILE ILE A . n 
A 1 104 VAL 104 104 104 VAL VAL A . n 
A 1 105 MET 105 105 105 MET MET A . n 
A 1 106 GLY 106 106 106 GLY GLY A . n 
A 1 107 THR 107 107 107 THR THR A . n 
A 1 108 ARG 108 108 108 ARG ARG A . n 
A 1 109 GLY 109 109 109 GLY GLY A . n 
A 1 110 LEU 110 110 110 LEU LEU A . n 
A 1 111 GLY 111 111 111 GLY GLY A . n 
A 1 112 ALA 112 112 112 ALA ALA A . n 
A 1 113 LEU 113 113 113 LEU LEU A . n 
A 1 114 GLY 114 114 114 GLY GLY A . n 
A 1 115 SER 115 115 115 SER SER A . n 
A 1 116 LEU 116 116 116 LEU LEU A . n 
A 1 117 PHE 117 117 117 PHE PHE A . n 
A 1 118 LEU 118 118 118 LEU LEU A . n 
A 1 119 GLY 119 119 119 GLY GLY A . n 
A 1 120 SER 120 120 120 SER SER A . n 
A 1 121 GLN 121 121 121 GLN GLN A . n 
A 1 122 SER 122 122 122 SER SER A . n 
A 1 123 GLN 123 123 123 GLN GLN A . n 
A 1 124 ARG 124 124 124 ARG ARG A . n 
A 1 125 VAL 125 125 125 VAL VAL A . n 
A 1 126 VAL 126 126 126 VAL VAL A . n 
A 1 127 ALA 127 127 127 ALA ALA A . n 
A 1 128 GLU 128 128 128 GLU GLU A . n 
A 1 129 ALA 129 129 129 ALA ALA A . n 
A 1 130 PRO 130 130 130 PRO PRO A . n 
A 1 131 CYS 131 131 131 CYS CYS A . n 
A 1 132 PRO 132 132 132 PRO PRO A . n 
A 1 133 VAL 133 133 133 VAL VAL A . n 
A 1 134 LEU 134 134 134 LEU LEU A . n 
A 1 135 LEU 135 135 135 LEU LEU A . n 
A 1 136 VAL 136 136 136 VAL VAL A . n 
A 1 137 ARG 137 137 137 ARG ARG A . n 
# 
_pdbx_SG_project.id                    1 
_pdbx_SG_project.project_name          'NPPSFA, National Project on Protein Structural and Functional Analyses' 
_pdbx_SG_project.full_name_of_center   'RIKEN Structural Genomics/Proteomics Initiative' 
_pdbx_SG_project.initial_of_center     RSGI 
# 
loop_
_pdbx_nonpoly_scheme.asym_id 
_pdbx_nonpoly_scheme.entity_id 
_pdbx_nonpoly_scheme.mon_id 
_pdbx_nonpoly_scheme.ndb_seq_num 
_pdbx_nonpoly_scheme.pdb_seq_num 
_pdbx_nonpoly_scheme.auth_seq_num 
_pdbx_nonpoly_scheme.pdb_mon_id 
_pdbx_nonpoly_scheme.auth_mon_id 
_pdbx_nonpoly_scheme.pdb_strand_id 
_pdbx_nonpoly_scheme.pdb_ins_code 
B 2 PGO 1  1000 1000 PGO PGQ A . 
C 3 HOH 1  1001 1    HOH HOH A . 
C 3 HOH 2  1002 2    HOH HOH A . 
C 3 HOH 3  1003 3    HOH HOH A . 
C 3 HOH 4  1004 4    HOH HOH A . 
C 3 HOH 5  1005 5    HOH HOH A . 
C 3 HOH 6  1006 6    HOH HOH A . 
C 3 HOH 7  1007 7    HOH HOH A . 
C 3 HOH 8  1008 8    HOH HOH A . 
C 3 HOH 9  1009 9    HOH HOH A . 
C 3 HOH 10 1010 10   HOH HOH A . 
C 3 HOH 11 1011 11   HOH HOH A . 
C 3 HOH 12 1012 12   HOH HOH A . 
C 3 HOH 13 1013 13   HOH HOH A . 
C 3 HOH 14 1014 14   HOH HOH A . 
C 3 HOH 15 1015 15   HOH HOH A . 
C 3 HOH 16 1016 16   HOH HOH A . 
C 3 HOH 17 1017 17   HOH HOH A . 
C 3 HOH 18 1018 18   HOH HOH A . 
C 3 HOH 19 1019 19   HOH HOH A . 
C 3 HOH 20 1020 20   HOH HOH A . 
C 3 HOH 21 1021 21   HOH HOH A . 
C 3 HOH 22 1022 22   HOH HOH A . 
C 3 HOH 23 1023 23   HOH HOH A . 
C 3 HOH 24 1024 24   HOH HOH A . 
C 3 HOH 25 1025 25   HOH HOH A . 
C 3 HOH 26 1026 26   HOH HOH A . 
C 3 HOH 27 1027 27   HOH HOH A . 
C 3 HOH 28 1028 28   HOH HOH A . 
C 3 HOH 29 1029 29   HOH HOH A . 
C 3 HOH 30 1030 30   HOH HOH A . 
C 3 HOH 31 1031 31   HOH HOH A . 
C 3 HOH 32 1032 32   HOH HOH A . 
C 3 HOH 33 1033 33   HOH HOH A . 
C 3 HOH 34 1034 34   HOH HOH A . 
C 3 HOH 35 1035 35   HOH HOH A . 
C 3 HOH 36 1036 36   HOH HOH A . 
C 3 HOH 37 1037 37   HOH HOH A . 
C 3 HOH 38 1038 38   HOH HOH A . 
C 3 HOH 39 1039 39   HOH HOH A . 
C 3 HOH 40 1040 40   HOH HOH A . 
C 3 HOH 41 1041 41   HOH HOH A . 
C 3 HOH 42 1042 42   HOH HOH A . 
C 3 HOH 43 1043 43   HOH HOH A . 
C 3 HOH 44 1044 44   HOH HOH A . 
C 3 HOH 45 1045 45   HOH HOH A . 
C 3 HOH 46 1046 46   HOH HOH A . 
C 3 HOH 47 1047 47   HOH HOH A . 
C 3 HOH 48 1048 48   HOH HOH A . 
C 3 HOH 49 1049 49   HOH HOH A . 
C 3 HOH 50 1050 50   HOH HOH A . 
C 3 HOH 51 1051 51   HOH HOH A . 
C 3 HOH 52 1052 52   HOH HOH A . 
C 3 HOH 53 1053 53   HOH HOH A . 
C 3 HOH 54 1054 54   HOH HOH A . 
C 3 HOH 55 1055 55   HOH HOH A . 
C 3 HOH 56 1056 56   HOH HOH A . 
C 3 HOH 57 1057 57   HOH HOH A . 
C 3 HOH 58 1058 58   HOH HOH A . 
C 3 HOH 59 1059 59   HOH HOH A . 
C 3 HOH 60 1060 60   HOH HOH A . 
C 3 HOH 61 1061 61   HOH HOH A . 
C 3 HOH 62 1062 62   HOH HOH A . 
C 3 HOH 63 1063 63   HOH HOH A . 
C 3 HOH 64 1064 64   HOH HOH A . 
C 3 HOH 65 1065 65   HOH HOH A . 
C 3 HOH 66 1066 66   HOH HOH A . 
C 3 HOH 67 1067 67   HOH HOH A . 
C 3 HOH 68 1068 68   HOH HOH A . 
C 3 HOH 69 1069 69   HOH HOH A . 
C 3 HOH 70 1070 70   HOH HOH A . 
C 3 HOH 71 1071 71   HOH HOH A . 
C 3 HOH 72 1072 72   HOH HOH A . 
C 3 HOH 73 1073 73   HOH HOH A . 
C 3 HOH 74 1074 74   HOH HOH A . 
C 3 HOH 75 1075 75   HOH HOH A . 
C 3 HOH 76 1076 76   HOH HOH A . 
C 3 HOH 77 1077 77   HOH HOH A . 
C 3 HOH 78 1078 78   HOH HOH A . 
C 3 HOH 79 1079 79   HOH HOH A . 
C 3 HOH 80 1080 80   HOH HOH A . 
C 3 HOH 81 1081 81   HOH HOH A . 
C 3 HOH 82 1082 82   HOH HOH A . 
C 3 HOH 83 1083 83   HOH HOH A . 
C 3 HOH 84 1084 84   HOH HOH A . 
C 3 HOH 85 1085 85   HOH HOH A . 
C 3 HOH 86 1086 86   HOH HOH A . 
C 3 HOH 87 1087 87   HOH HOH A . 
C 3 HOH 88 1088 88   HOH HOH A . 
C 3 HOH 89 1089 89   HOH HOH A . 
# 
_pdbx_struct_assembly.id                   1 
_pdbx_struct_assembly.details              author_and_software_defined_assembly 
_pdbx_struct_assembly.method_details       PISA 
_pdbx_struct_assembly.oligomeric_details   dimeric 
_pdbx_struct_assembly.oligomeric_count     2 
# 
_pdbx_struct_assembly_gen.assembly_id       1 
_pdbx_struct_assembly_gen.oper_expression   1,2 
_pdbx_struct_assembly_gen.asym_id_list      A,B,C 
# 
_pdbx_struct_assembly_prop.biol_id   1 
_pdbx_struct_assembly_prop.type      'ABSA (A^2)' 
_pdbx_struct_assembly_prop.value     1600 
_pdbx_struct_assembly_prop.details   ? 
# 
loop_
_pdbx_struct_oper_list.id 
_pdbx_struct_oper_list.type 
_pdbx_struct_oper_list.name 
_pdbx_struct_oper_list.symmetry_operation 
_pdbx_struct_oper_list.matrix[1][1] 
_pdbx_struct_oper_list.matrix[1][2] 
_pdbx_struct_oper_list.matrix[1][3] 
_pdbx_struct_oper_list.vector[1] 
_pdbx_struct_oper_list.matrix[2][1] 
_pdbx_struct_oper_list.matrix[2][2] 
_pdbx_struct_oper_list.matrix[2][3] 
_pdbx_struct_oper_list.vector[2] 
_pdbx_struct_oper_list.matrix[3][1] 
_pdbx_struct_oper_list.matrix[3][2] 
_pdbx_struct_oper_list.matrix[3][3] 
_pdbx_struct_oper_list.vector[3] 
1 'identity operation'         1_555 x,y,z        1.0000000000  0.0000000000 0.0000000000 0.0000000000 0.0000000000 1.0000000000 0.0000000000 0.0000000000  0.0000000000 0.0000000000 1.0000000000  0.0000000000   
2 'crystal symmetry operation' 8_555 -y,-x,-z+1/2 -0.9912426881 0.1068770749 0.0775578766 0.6371806255 0.1068770749 0.3043624828 0.9465414782 17.6243141409 0.0775578766 0.9465414782 -0.3131197947 -24.3587784391 
# 
_pdbx_struct_special_symmetry.id              1 
_pdbx_struct_special_symmetry.PDB_model_num   1 
_pdbx_struct_special_symmetry.auth_asym_id    A 
_pdbx_struct_special_symmetry.auth_comp_id    HOH 
_pdbx_struct_special_symmetry.auth_seq_id     1026 
_pdbx_struct_special_symmetry.PDB_ins_code    ? 
_pdbx_struct_special_symmetry.label_asym_id   C 
_pdbx_struct_special_symmetry.label_comp_id   HOH 
_pdbx_struct_special_symmetry.label_seq_id    . 
# 
loop_
_pdbx_audit_revision_history.ordinal 
_pdbx_audit_revision_history.data_content_type 
_pdbx_audit_revision_history.major_revision 
_pdbx_audit_revision_history.minor_revision 
_pdbx_audit_revision_history.revision_date 
1 'Structure model' 1 0 2007-12-11 
2 'Structure model' 1 1 2011-07-13 
3 'Structure model' 1 2 2017-10-11 
4 'Structure model' 1 3 2023-11-01 
# 
_pdbx_audit_revision_details.ordinal             1 
_pdbx_audit_revision_details.revision_ordinal    1 
_pdbx_audit_revision_details.data_content_type   'Structure model' 
_pdbx_audit_revision_details.provider            repository 
_pdbx_audit_revision_details.type                'Initial release' 
_pdbx_audit_revision_details.description         ? 
_pdbx_audit_revision_details.details             ? 
# 
loop_
_pdbx_audit_revision_group.ordinal 
_pdbx_audit_revision_group.revision_ordinal 
_pdbx_audit_revision_group.data_content_type 
_pdbx_audit_revision_group.group 
1 2 'Structure model' 'Source and taxonomy'       
2 2 'Structure model' 'Version format compliance' 
3 3 'Structure model' 'Refinement description'    
4 4 'Structure model' 'Data collection'           
5 4 'Structure model' 'Database references'       
6 4 'Structure model' 'Derived calculations'      
7 4 'Structure model' 'Refinement description'    
# 
loop_
_pdbx_audit_revision_category.ordinal 
_pdbx_audit_revision_category.revision_ordinal 
_pdbx_audit_revision_category.data_content_type 
_pdbx_audit_revision_category.category 
1 3 'Structure model' software                      
2 4 'Structure model' chem_comp_atom                
3 4 'Structure model' chem_comp_bond                
4 4 'Structure model' database_2                    
5 4 'Structure model' pdbx_initial_refinement_model 
6 4 'Structure model' struct_site                   
# 
loop_
_pdbx_audit_revision_item.ordinal 
_pdbx_audit_revision_item.revision_ordinal 
_pdbx_audit_revision_item.data_content_type 
_pdbx_audit_revision_item.item 
1 4 'Structure model' '_database_2.pdbx_DOI'                
2 4 'Structure model' '_database_2.pdbx_database_accession' 
3 4 'Structure model' '_struct_site.pdbx_auth_asym_id'      
4 4 'Structure model' '_struct_site.pdbx_auth_comp_id'      
5 4 'Structure model' '_struct_site.pdbx_auth_seq_id'       
# 
loop_
_software.name 
_software.classification 
_software.version 
_software.citation_id 
_software.pdbx_ordinal 
CNS      refinement       1.1 ? 1 
HKL-2000 'data reduction' .   ? 2 
HKL-2000 'data scaling'   .   ? 3 
MOLREP   phasing          .   ? 4 
# 
_pdbx_validate_close_contact.id               1 
_pdbx_validate_close_contact.PDB_model_num    1 
_pdbx_validate_close_contact.auth_atom_id_1   C1 
_pdbx_validate_close_contact.auth_asym_id_1   A 
_pdbx_validate_close_contact.auth_comp_id_1   PGO 
_pdbx_validate_close_contact.auth_seq_id_1    1000 
_pdbx_validate_close_contact.PDB_ins_code_1   ? 
_pdbx_validate_close_contact.label_alt_id_1   ? 
_pdbx_validate_close_contact.auth_atom_id_2   O 
_pdbx_validate_close_contact.auth_asym_id_2   A 
_pdbx_validate_close_contact.auth_comp_id_2   HOH 
_pdbx_validate_close_contact.auth_seq_id_2    1089 
_pdbx_validate_close_contact.PDB_ins_code_2   ? 
_pdbx_validate_close_contact.label_alt_id_2   ? 
_pdbx_validate_close_contact.dist             2.18 
# 
loop_
_pdbx_validate_rmsd_bond.id 
_pdbx_validate_rmsd_bond.PDB_model_num 
_pdbx_validate_rmsd_bond.auth_atom_id_1 
_pdbx_validate_rmsd_bond.auth_asym_id_1 
_pdbx_validate_rmsd_bond.auth_comp_id_1 
_pdbx_validate_rmsd_bond.auth_seq_id_1 
_pdbx_validate_rmsd_bond.PDB_ins_code_1 
_pdbx_validate_rmsd_bond.label_alt_id_1 
_pdbx_validate_rmsd_bond.auth_atom_id_2 
_pdbx_validate_rmsd_bond.auth_asym_id_2 
_pdbx_validate_rmsd_bond.auth_comp_id_2 
_pdbx_validate_rmsd_bond.auth_seq_id_2 
_pdbx_validate_rmsd_bond.PDB_ins_code_2 
_pdbx_validate_rmsd_bond.label_alt_id_2 
_pdbx_validate_rmsd_bond.bond_value 
_pdbx_validate_rmsd_bond.bond_target_value 
_pdbx_validate_rmsd_bond.bond_deviation 
_pdbx_validate_rmsd_bond.bond_standard_deviation 
_pdbx_validate_rmsd_bond.linker_flag 
1 1 CG  A TYR 9   ? ? CD2 A TYR 9   ? ? 1.469 1.387 0.082  0.013 N 
2 1 CA  A ALA 19  ? ? CB  A ALA 19  ? ? 1.665 1.520 0.145  0.021 N 
3 1 CG  A GLU 20  ? ? CD  A GLU 20  ? ? 1.663 1.515 0.148  0.015 N 
4 1 CD  A GLU 20  ? ? OE1 A GLU 20  ? ? 1.325 1.252 0.073  0.011 N 
5 1 CD  A GLU 25  ? ? OE2 A GLU 25  ? ? 1.177 1.252 -0.075 0.011 N 
6 1 CD  A GLU 67  ? ? OE1 A GLU 67  ? ? 1.346 1.252 0.094  0.011 N 
7 1 CD  A GLU 67  ? ? OE2 A GLU 67  ? ? 1.335 1.252 0.083  0.011 N 
8 1 CD  A GLU 78  ? ? OE1 A GLU 78  ? ? 1.324 1.252 0.072  0.011 N 
9 1 CD1 A PHE 117 ? ? CE1 A PHE 117 ? ? 1.544 1.388 0.156  0.020 N 
# 
loop_
_pdbx_validate_rmsd_angle.id 
_pdbx_validate_rmsd_angle.PDB_model_num 
_pdbx_validate_rmsd_angle.auth_atom_id_1 
_pdbx_validate_rmsd_angle.auth_asym_id_1 
_pdbx_validate_rmsd_angle.auth_comp_id_1 
_pdbx_validate_rmsd_angle.auth_seq_id_1 
_pdbx_validate_rmsd_angle.PDB_ins_code_1 
_pdbx_validate_rmsd_angle.label_alt_id_1 
_pdbx_validate_rmsd_angle.auth_atom_id_2 
_pdbx_validate_rmsd_angle.auth_asym_id_2 
_pdbx_validate_rmsd_angle.auth_comp_id_2 
_pdbx_validate_rmsd_angle.auth_seq_id_2 
_pdbx_validate_rmsd_angle.PDB_ins_code_2 
_pdbx_validate_rmsd_angle.label_alt_id_2 
_pdbx_validate_rmsd_angle.auth_atom_id_3 
_pdbx_validate_rmsd_angle.auth_asym_id_3 
_pdbx_validate_rmsd_angle.auth_comp_id_3 
_pdbx_validate_rmsd_angle.auth_seq_id_3 
_pdbx_validate_rmsd_angle.PDB_ins_code_3 
_pdbx_validate_rmsd_angle.label_alt_id_3 
_pdbx_validate_rmsd_angle.angle_value 
_pdbx_validate_rmsd_angle.angle_target_value 
_pdbx_validate_rmsd_angle.angle_deviation 
_pdbx_validate_rmsd_angle.angle_standard_deviation 
_pdbx_validate_rmsd_angle.linker_flag 
1  1 NE A ARG 16  ? ? CZ A ARG 16  ? ? NH1 A ARG 16  ? ? 124.14 120.30 3.84   0.50 N 
2  1 NE A ARG 16  ? ? CZ A ARG 16  ? ? NH2 A ARG 16  ? ? 116.81 120.30 -3.49  0.50 N 
3  1 CB A ASP 44  ? ? CG A ASP 44  ? ? OD1 A ASP 44  ? ? 124.28 118.30 5.98   0.90 N 
4  1 CB A ASP 44  ? ? CG A ASP 44  ? ? OD2 A ASP 44  ? ? 104.04 118.30 -14.26 0.90 N 
5  1 NE A ARG 56  ? ? CZ A ARG 56  ? ? NH1 A ARG 56  ? ? 124.60 120.30 4.30   0.50 N 
6  1 CD A ARG 58  ? ? NE A ARG 58  ? ? CZ  A ARG 58  ? ? 132.73 123.60 9.13   1.40 N 
7  1 NE A ARG 58  ? ? CZ A ARG 58  ? ? NH1 A ARG 58  ? ? 125.00 120.30 4.70   0.50 N 
8  1 NE A ARG 96  ? ? CZ A ARG 96  ? ? NH1 A ARG 96  ? ? 123.84 120.30 3.54   0.50 N 
9  1 NE A ARG 96  ? ? CZ A ARG 96  ? ? NH2 A ARG 96  ? ? 115.16 120.30 -5.14  0.50 N 
10 1 CB A ARG 108 ? ? CG A ARG 108 ? ? CD  A ARG 108 ? ? 129.79 111.60 18.19  2.60 N 
11 1 NE A ARG 108 ? ? CZ A ARG 108 ? ? NH1 A ARG 108 ? ? 127.15 120.30 6.85   0.50 N 
# 
_pdbx_validate_torsion.id              1 
_pdbx_validate_torsion.PDB_model_num   1 
_pdbx_validate_torsion.auth_comp_id    LEU 
_pdbx_validate_torsion.auth_asym_id    A 
_pdbx_validate_torsion.auth_seq_id     110 
_pdbx_validate_torsion.PDB_ins_code    ? 
_pdbx_validate_torsion.label_alt_id    ? 
_pdbx_validate_torsion.phi             67.55 
_pdbx_validate_torsion.psi             -9.56 
# 
loop_
_chem_comp_atom.comp_id 
_chem_comp_atom.atom_id 
_chem_comp_atom.type_symbol 
_chem_comp_atom.pdbx_aromatic_flag 
_chem_comp_atom.pdbx_stereo_config 
_chem_comp_atom.pdbx_ordinal 
ALA N    N N N 1   
ALA CA   C N S 2   
ALA C    C N N 3   
ALA O    O N N 4   
ALA CB   C N N 5   
ALA OXT  O N N 6   
ALA H    H N N 7   
ALA H2   H N N 8   
ALA HA   H N N 9   
ALA HB1  H N N 10  
ALA HB2  H N N 11  
ALA HB3  H N N 12  
ALA HXT  H N N 13  
ARG N    N N N 14  
ARG CA   C N S 15  
ARG C    C N N 16  
ARG O    O N N 17  
ARG CB   C N N 18  
ARG CG   C N N 19  
ARG CD   C N N 20  
ARG NE   N N N 21  
ARG CZ   C N N 22  
ARG NH1  N N N 23  
ARG NH2  N N N 24  
ARG OXT  O N N 25  
ARG H    H N N 26  
ARG H2   H N N 27  
ARG HA   H N N 28  
ARG HB2  H N N 29  
ARG HB3  H N N 30  
ARG HG2  H N N 31  
ARG HG3  H N N 32  
ARG HD2  H N N 33  
ARG HD3  H N N 34  
ARG HE   H N N 35  
ARG HH11 H N N 36  
ARG HH12 H N N 37  
ARG HH21 H N N 38  
ARG HH22 H N N 39  
ARG HXT  H N N 40  
ASP N    N N N 41  
ASP CA   C N S 42  
ASP C    C N N 43  
ASP O    O N N 44  
ASP CB   C N N 45  
ASP CG   C N N 46  
ASP OD1  O N N 47  
ASP OD2  O N N 48  
ASP OXT  O N N 49  
ASP H    H N N 50  
ASP H2   H N N 51  
ASP HA   H N N 52  
ASP HB2  H N N 53  
ASP HB3  H N N 54  
ASP HD2  H N N 55  
ASP HXT  H N N 56  
CYS N    N N N 57  
CYS CA   C N R 58  
CYS C    C N N 59  
CYS O    O N N 60  
CYS CB   C N N 61  
CYS SG   S N N 62  
CYS OXT  O N N 63  
CYS H    H N N 64  
CYS H2   H N N 65  
CYS HA   H N N 66  
CYS HB2  H N N 67  
CYS HB3  H N N 68  
CYS HG   H N N 69  
CYS HXT  H N N 70  
GLN N    N N N 71  
GLN CA   C N S 72  
GLN C    C N N 73  
GLN O    O N N 74  
GLN CB   C N N 75  
GLN CG   C N N 76  
GLN CD   C N N 77  
GLN OE1  O N N 78  
GLN NE2  N N N 79  
GLN OXT  O N N 80  
GLN H    H N N 81  
GLN H2   H N N 82  
GLN HA   H N N 83  
GLN HB2  H N N 84  
GLN HB3  H N N 85  
GLN HG2  H N N 86  
GLN HG3  H N N 87  
GLN HE21 H N N 88  
GLN HE22 H N N 89  
GLN HXT  H N N 90  
GLU N    N N N 91  
GLU CA   C N S 92  
GLU C    C N N 93  
GLU O    O N N 94  
GLU CB   C N N 95  
GLU CG   C N N 96  
GLU CD   C N N 97  
GLU OE1  O N N 98  
GLU OE2  O N N 99  
GLU OXT  O N N 100 
GLU H    H N N 101 
GLU H2   H N N 102 
GLU HA   H N N 103 
GLU HB2  H N N 104 
GLU HB3  H N N 105 
GLU HG2  H N N 106 
GLU HG3  H N N 107 
GLU HE2  H N N 108 
GLU HXT  H N N 109 
GLY N    N N N 110 
GLY CA   C N N 111 
GLY C    C N N 112 
GLY O    O N N 113 
GLY OXT  O N N 114 
GLY H    H N N 115 
GLY H2   H N N 116 
GLY HA2  H N N 117 
GLY HA3  H N N 118 
GLY HXT  H N N 119 
HIS N    N N N 120 
HIS CA   C N S 121 
HIS C    C N N 122 
HIS O    O N N 123 
HIS CB   C N N 124 
HIS CG   C Y N 125 
HIS ND1  N Y N 126 
HIS CD2  C Y N 127 
HIS CE1  C Y N 128 
HIS NE2  N Y N 129 
HIS OXT  O N N 130 
HIS H    H N N 131 
HIS H2   H N N 132 
HIS HA   H N N 133 
HIS HB2  H N N 134 
HIS HB3  H N N 135 
HIS HD1  H N N 136 
HIS HD2  H N N 137 
HIS HE1  H N N 138 
HIS HE2  H N N 139 
HIS HXT  H N N 140 
HOH O    O N N 141 
HOH H1   H N N 142 
HOH H2   H N N 143 
ILE N    N N N 144 
ILE CA   C N S 145 
ILE C    C N N 146 
ILE O    O N N 147 
ILE CB   C N S 148 
ILE CG1  C N N 149 
ILE CG2  C N N 150 
ILE CD1  C N N 151 
ILE OXT  O N N 152 
ILE H    H N N 153 
ILE H2   H N N 154 
ILE HA   H N N 155 
ILE HB   H N N 156 
ILE HG12 H N N 157 
ILE HG13 H N N 158 
ILE HG21 H N N 159 
ILE HG22 H N N 160 
ILE HG23 H N N 161 
ILE HD11 H N N 162 
ILE HD12 H N N 163 
ILE HD13 H N N 164 
ILE HXT  H N N 165 
LEU N    N N N 166 
LEU CA   C N S 167 
LEU C    C N N 168 
LEU O    O N N 169 
LEU CB   C N N 170 
LEU CG   C N N 171 
LEU CD1  C N N 172 
LEU CD2  C N N 173 
LEU OXT  O N N 174 
LEU H    H N N 175 
LEU H2   H N N 176 
LEU HA   H N N 177 
LEU HB2  H N N 178 
LEU HB3  H N N 179 
LEU HG   H N N 180 
LEU HD11 H N N 181 
LEU HD12 H N N 182 
LEU HD13 H N N 183 
LEU HD21 H N N 184 
LEU HD22 H N N 185 
LEU HD23 H N N 186 
LEU HXT  H N N 187 
LYS N    N N N 188 
LYS CA   C N S 189 
LYS C    C N N 190 
LYS O    O N N 191 
LYS CB   C N N 192 
LYS CG   C N N 193 
LYS CD   C N N 194 
LYS CE   C N N 195 
LYS NZ   N N N 196 
LYS OXT  O N N 197 
LYS H    H N N 198 
LYS H2   H N N 199 
LYS HA   H N N 200 
LYS HB2  H N N 201 
LYS HB3  H N N 202 
LYS HG2  H N N 203 
LYS HG3  H N N 204 
LYS HD2  H N N 205 
LYS HD3  H N N 206 
LYS HE2  H N N 207 
LYS HE3  H N N 208 
LYS HZ1  H N N 209 
LYS HZ2  H N N 210 
LYS HZ3  H N N 211 
LYS HXT  H N N 212 
MET N    N N N 213 
MET CA   C N S 214 
MET C    C N N 215 
MET O    O N N 216 
MET CB   C N N 217 
MET CG   C N N 218 
MET SD   S N N 219 
MET CE   C N N 220 
MET OXT  O N N 221 
MET H    H N N 222 
MET H2   H N N 223 
MET HA   H N N 224 
MET HB2  H N N 225 
MET HB3  H N N 226 
MET HG2  H N N 227 
MET HG3  H N N 228 
MET HE1  H N N 229 
MET HE2  H N N 230 
MET HE3  H N N 231 
MET HXT  H N N 232 
PGO C1   C N N 233 
PGO C2   C N S 234 
PGO C3   C N N 235 
PGO O1   O N N 236 
PGO O2   O N N 237 
PGO H11  H N N 238 
PGO H12  H N N 239 
PGO H2   H N N 240 
PGO H31  H N N 241 
PGO H32  H N N 242 
PGO H33  H N N 243 
PGO HO1  H N N 244 
PGO HO2  H N N 245 
PHE N    N N N 246 
PHE CA   C N S 247 
PHE C    C N N 248 
PHE O    O N N 249 
PHE CB   C N N 250 
PHE CG   C Y N 251 
PHE CD1  C Y N 252 
PHE CD2  C Y N 253 
PHE CE1  C Y N 254 
PHE CE2  C Y N 255 
PHE CZ   C Y N 256 
PHE OXT  O N N 257 
PHE H    H N N 258 
PHE H2   H N N 259 
PHE HA   H N N 260 
PHE HB2  H N N 261 
PHE HB3  H N N 262 
PHE HD1  H N N 263 
PHE HD2  H N N 264 
PHE HE1  H N N 265 
PHE HE2  H N N 266 
PHE HZ   H N N 267 
PHE HXT  H N N 268 
PRO N    N N N 269 
PRO CA   C N S 270 
PRO C    C N N 271 
PRO O    O N N 272 
PRO CB   C N N 273 
PRO CG   C N N 274 
PRO CD   C N N 275 
PRO OXT  O N N 276 
PRO H    H N N 277 
PRO HA   H N N 278 
PRO HB2  H N N 279 
PRO HB3  H N N 280 
PRO HG2  H N N 281 
PRO HG3  H N N 282 
PRO HD2  H N N 283 
PRO HD3  H N N 284 
PRO HXT  H N N 285 
SER N    N N N 286 
SER CA   C N S 287 
SER C    C N N 288 
SER O    O N N 289 
SER CB   C N N 290 
SER OG   O N N 291 
SER OXT  O N N 292 
SER H    H N N 293 
SER H2   H N N 294 
SER HA   H N N 295 
SER HB2  H N N 296 
SER HB3  H N N 297 
SER HG   H N N 298 
SER HXT  H N N 299 
THR N    N N N 300 
THR CA   C N S 301 
THR C    C N N 302 
THR O    O N N 303 
THR CB   C N R 304 
THR OG1  O N N 305 
THR CG2  C N N 306 
THR OXT  O N N 307 
THR H    H N N 308 
THR H2   H N N 309 
THR HA   H N N 310 
THR HB   H N N 311 
THR HG1  H N N 312 
THR HG21 H N N 313 
THR HG22 H N N 314 
THR HG23 H N N 315 
THR HXT  H N N 316 
TYR N    N N N 317 
TYR CA   C N S 318 
TYR C    C N N 319 
TYR O    O N N 320 
TYR CB   C N N 321 
TYR CG   C Y N 322 
TYR CD1  C Y N 323 
TYR CD2  C Y N 324 
TYR CE1  C Y N 325 
TYR CE2  C Y N 326 
TYR CZ   C Y N 327 
TYR OH   O N N 328 
TYR OXT  O N N 329 
TYR H    H N N 330 
TYR H2   H N N 331 
TYR HA   H N N 332 
TYR HB2  H N N 333 
TYR HB3  H N N 334 
TYR HD1  H N N 335 
TYR HD2  H N N 336 
TYR HE1  H N N 337 
TYR HE2  H N N 338 
TYR HH   H N N 339 
TYR HXT  H N N 340 
VAL N    N N N 341 
VAL CA   C N S 342 
VAL C    C N N 343 
VAL O    O N N 344 
VAL CB   C N N 345 
VAL CG1  C N N 346 
VAL CG2  C N N 347 
VAL OXT  O N N 348 
VAL H    H N N 349 
VAL H2   H N N 350 
VAL HA   H N N 351 
VAL HB   H N N 352 
VAL HG11 H N N 353 
VAL HG12 H N N 354 
VAL HG13 H N N 355 
VAL HG21 H N N 356 
VAL HG22 H N N 357 
VAL HG23 H N N 358 
VAL HXT  H N N 359 
# 
loop_
_chem_comp_bond.comp_id 
_chem_comp_bond.atom_id_1 
_chem_comp_bond.atom_id_2 
_chem_comp_bond.value_order 
_chem_comp_bond.pdbx_aromatic_flag 
_chem_comp_bond.pdbx_stereo_config 
_chem_comp_bond.pdbx_ordinal 
ALA N   CA   sing N N 1   
ALA N   H    sing N N 2   
ALA N   H2   sing N N 3   
ALA CA  C    sing N N 4   
ALA CA  CB   sing N N 5   
ALA CA  HA   sing N N 6   
ALA C   O    doub N N 7   
ALA C   OXT  sing N N 8   
ALA CB  HB1  sing N N 9   
ALA CB  HB2  sing N N 10  
ALA CB  HB3  sing N N 11  
ALA OXT HXT  sing N N 12  
ARG N   CA   sing N N 13  
ARG N   H    sing N N 14  
ARG N   H2   sing N N 15  
ARG CA  C    sing N N 16  
ARG CA  CB   sing N N 17  
ARG CA  HA   sing N N 18  
ARG C   O    doub N N 19  
ARG C   OXT  sing N N 20  
ARG CB  CG   sing N N 21  
ARG CB  HB2  sing N N 22  
ARG CB  HB3  sing N N 23  
ARG CG  CD   sing N N 24  
ARG CG  HG2  sing N N 25  
ARG CG  HG3  sing N N 26  
ARG CD  NE   sing N N 27  
ARG CD  HD2  sing N N 28  
ARG CD  HD3  sing N N 29  
ARG NE  CZ   sing N N 30  
ARG NE  HE   sing N N 31  
ARG CZ  NH1  sing N N 32  
ARG CZ  NH2  doub N N 33  
ARG NH1 HH11 sing N N 34  
ARG NH1 HH12 sing N N 35  
ARG NH2 HH21 sing N N 36  
ARG NH2 HH22 sing N N 37  
ARG OXT HXT  sing N N 38  
ASP N   CA   sing N N 39  
ASP N   H    sing N N 40  
ASP N   H2   sing N N 41  
ASP CA  C    sing N N 42  
ASP CA  CB   sing N N 43  
ASP CA  HA   sing N N 44  
ASP C   O    doub N N 45  
ASP C   OXT  sing N N 46  
ASP CB  CG   sing N N 47  
ASP CB  HB2  sing N N 48  
ASP CB  HB3  sing N N 49  
ASP CG  OD1  doub N N 50  
ASP CG  OD2  sing N N 51  
ASP OD2 HD2  sing N N 52  
ASP OXT HXT  sing N N 53  
CYS N   CA   sing N N 54  
CYS N   H    sing N N 55  
CYS N   H2   sing N N 56  
CYS CA  C    sing N N 57  
CYS CA  CB   sing N N 58  
CYS CA  HA   sing N N 59  
CYS C   O    doub N N 60  
CYS C   OXT  sing N N 61  
CYS CB  SG   sing N N 62  
CYS CB  HB2  sing N N 63  
CYS CB  HB3  sing N N 64  
CYS SG  HG   sing N N 65  
CYS OXT HXT  sing N N 66  
GLN N   CA   sing N N 67  
GLN N   H    sing N N 68  
GLN N   H2   sing N N 69  
GLN CA  C    sing N N 70  
GLN CA  CB   sing N N 71  
GLN CA  HA   sing N N 72  
GLN C   O    doub N N 73  
GLN C   OXT  sing N N 74  
GLN CB  CG   sing N N 75  
GLN CB  HB2  sing N N 76  
GLN CB  HB3  sing N N 77  
GLN CG  CD   sing N N 78  
GLN CG  HG2  sing N N 79  
GLN CG  HG3  sing N N 80  
GLN CD  OE1  doub N N 81  
GLN CD  NE2  sing N N 82  
GLN NE2 HE21 sing N N 83  
GLN NE2 HE22 sing N N 84  
GLN OXT HXT  sing N N 85  
GLU N   CA   sing N N 86  
GLU N   H    sing N N 87  
GLU N   H2   sing N N 88  
GLU CA  C    sing N N 89  
GLU CA  CB   sing N N 90  
GLU CA  HA   sing N N 91  
GLU C   O    doub N N 92  
GLU C   OXT  sing N N 93  
GLU CB  CG   sing N N 94  
GLU CB  HB2  sing N N 95  
GLU CB  HB3  sing N N 96  
GLU CG  CD   sing N N 97  
GLU CG  HG2  sing N N 98  
GLU CG  HG3  sing N N 99  
GLU CD  OE1  doub N N 100 
GLU CD  OE2  sing N N 101 
GLU OE2 HE2  sing N N 102 
GLU OXT HXT  sing N N 103 
GLY N   CA   sing N N 104 
GLY N   H    sing N N 105 
GLY N   H2   sing N N 106 
GLY CA  C    sing N N 107 
GLY CA  HA2  sing N N 108 
GLY CA  HA3  sing N N 109 
GLY C   O    doub N N 110 
GLY C   OXT  sing N N 111 
GLY OXT HXT  sing N N 112 
HIS N   CA   sing N N 113 
HIS N   H    sing N N 114 
HIS N   H2   sing N N 115 
HIS CA  C    sing N N 116 
HIS CA  CB   sing N N 117 
HIS CA  HA   sing N N 118 
HIS C   O    doub N N 119 
HIS C   OXT  sing N N 120 
HIS CB  CG   sing N N 121 
HIS CB  HB2  sing N N 122 
HIS CB  HB3  sing N N 123 
HIS CG  ND1  sing Y N 124 
HIS CG  CD2  doub Y N 125 
HIS ND1 CE1  doub Y N 126 
HIS ND1 HD1  sing N N 127 
HIS CD2 NE2  sing Y N 128 
HIS CD2 HD2  sing N N 129 
HIS CE1 NE2  sing Y N 130 
HIS CE1 HE1  sing N N 131 
HIS NE2 HE2  sing N N 132 
HIS OXT HXT  sing N N 133 
HOH O   H1   sing N N 134 
HOH O   H2   sing N N 135 
ILE N   CA   sing N N 136 
ILE N   H    sing N N 137 
ILE N   H2   sing N N 138 
ILE CA  C    sing N N 139 
ILE CA  CB   sing N N 140 
ILE CA  HA   sing N N 141 
ILE C   O    doub N N 142 
ILE C   OXT  sing N N 143 
ILE CB  CG1  sing N N 144 
ILE CB  CG2  sing N N 145 
ILE CB  HB   sing N N 146 
ILE CG1 CD1  sing N N 147 
ILE CG1 HG12 sing N N 148 
ILE CG1 HG13 sing N N 149 
ILE CG2 HG21 sing N N 150 
ILE CG2 HG22 sing N N 151 
ILE CG2 HG23 sing N N 152 
ILE CD1 HD11 sing N N 153 
ILE CD1 HD12 sing N N 154 
ILE CD1 HD13 sing N N 155 
ILE OXT HXT  sing N N 156 
LEU N   CA   sing N N 157 
LEU N   H    sing N N 158 
LEU N   H2   sing N N 159 
LEU CA  C    sing N N 160 
LEU CA  CB   sing N N 161 
LEU CA  HA   sing N N 162 
LEU C   O    doub N N 163 
LEU C   OXT  sing N N 164 
LEU CB  CG   sing N N 165 
LEU CB  HB2  sing N N 166 
LEU CB  HB3  sing N N 167 
LEU CG  CD1  sing N N 168 
LEU CG  CD2  sing N N 169 
LEU CG  HG   sing N N 170 
LEU CD1 HD11 sing N N 171 
LEU CD1 HD12 sing N N 172 
LEU CD1 HD13 sing N N 173 
LEU CD2 HD21 sing N N 174 
LEU CD2 HD22 sing N N 175 
LEU CD2 HD23 sing N N 176 
LEU OXT HXT  sing N N 177 
LYS N   CA   sing N N 178 
LYS N   H    sing N N 179 
LYS N   H2   sing N N 180 
LYS CA  C    sing N N 181 
LYS CA  CB   sing N N 182 
LYS CA  HA   sing N N 183 
LYS C   O    doub N N 184 
LYS C   OXT  sing N N 185 
LYS CB  CG   sing N N 186 
LYS CB  HB2  sing N N 187 
LYS CB  HB3  sing N N 188 
LYS CG  CD   sing N N 189 
LYS CG  HG2  sing N N 190 
LYS CG  HG3  sing N N 191 
LYS CD  CE   sing N N 192 
LYS CD  HD2  sing N N 193 
LYS CD  HD3  sing N N 194 
LYS CE  NZ   sing N N 195 
LYS CE  HE2  sing N N 196 
LYS CE  HE3  sing N N 197 
LYS NZ  HZ1  sing N N 198 
LYS NZ  HZ2  sing N N 199 
LYS NZ  HZ3  sing N N 200 
LYS OXT HXT  sing N N 201 
MET N   CA   sing N N 202 
MET N   H    sing N N 203 
MET N   H2   sing N N 204 
MET CA  C    sing N N 205 
MET CA  CB   sing N N 206 
MET CA  HA   sing N N 207 
MET C   O    doub N N 208 
MET C   OXT  sing N N 209 
MET CB  CG   sing N N 210 
MET CB  HB2  sing N N 211 
MET CB  HB3  sing N N 212 
MET CG  SD   sing N N 213 
MET CG  HG2  sing N N 214 
MET CG  HG3  sing N N 215 
MET SD  CE   sing N N 216 
MET CE  HE1  sing N N 217 
MET CE  HE2  sing N N 218 
MET CE  HE3  sing N N 219 
MET OXT HXT  sing N N 220 
PGO C1  C2   sing N N 221 
PGO C1  O1   sing N N 222 
PGO C1  H11  sing N N 223 
PGO C1  H12  sing N N 224 
PGO C2  C3   sing N N 225 
PGO C2  O2   sing N N 226 
PGO C2  H2   sing N N 227 
PGO C3  H31  sing N N 228 
PGO C3  H32  sing N N 229 
PGO C3  H33  sing N N 230 
PGO O1  HO1  sing N N 231 
PGO O2  HO2  sing N N 232 
PHE N   CA   sing N N 233 
PHE N   H    sing N N 234 
PHE N   H2   sing N N 235 
PHE CA  C    sing N N 236 
PHE CA  CB   sing N N 237 
PHE CA  HA   sing N N 238 
PHE C   O    doub N N 239 
PHE C   OXT  sing N N 240 
PHE CB  CG   sing N N 241 
PHE CB  HB2  sing N N 242 
PHE CB  HB3  sing N N 243 
PHE CG  CD1  doub Y N 244 
PHE CG  CD2  sing Y N 245 
PHE CD1 CE1  sing Y N 246 
PHE CD1 HD1  sing N N 247 
PHE CD2 CE2  doub Y N 248 
PHE CD2 HD2  sing N N 249 
PHE CE1 CZ   doub Y N 250 
PHE CE1 HE1  sing N N 251 
PHE CE2 CZ   sing Y N 252 
PHE CE2 HE2  sing N N 253 
PHE CZ  HZ   sing N N 254 
PHE OXT HXT  sing N N 255 
PRO N   CA   sing N N 256 
PRO N   CD   sing N N 257 
PRO N   H    sing N N 258 
PRO CA  C    sing N N 259 
PRO CA  CB   sing N N 260 
PRO CA  HA   sing N N 261 
PRO C   O    doub N N 262 
PRO C   OXT  sing N N 263 
PRO CB  CG   sing N N 264 
PRO CB  HB2  sing N N 265 
PRO CB  HB3  sing N N 266 
PRO CG  CD   sing N N 267 
PRO CG  HG2  sing N N 268 
PRO CG  HG3  sing N N 269 
PRO CD  HD2  sing N N 270 
PRO CD  HD3  sing N N 271 
PRO OXT HXT  sing N N 272 
SER N   CA   sing N N 273 
SER N   H    sing N N 274 
SER N   H2   sing N N 275 
SER CA  C    sing N N 276 
SER CA  CB   sing N N 277 
SER CA  HA   sing N N 278 
SER C   O    doub N N 279 
SER C   OXT  sing N N 280 
SER CB  OG   sing N N 281 
SER CB  HB2  sing N N 282 
SER CB  HB3  sing N N 283 
SER OG  HG   sing N N 284 
SER OXT HXT  sing N N 285 
THR N   CA   sing N N 286 
THR N   H    sing N N 287 
THR N   H2   sing N N 288 
THR CA  C    sing N N 289 
THR CA  CB   sing N N 290 
THR CA  HA   sing N N 291 
THR C   O    doub N N 292 
THR C   OXT  sing N N 293 
THR CB  OG1  sing N N 294 
THR CB  CG2  sing N N 295 
THR CB  HB   sing N N 296 
THR OG1 HG1  sing N N 297 
THR CG2 HG21 sing N N 298 
THR CG2 HG22 sing N N 299 
THR CG2 HG23 sing N N 300 
THR OXT HXT  sing N N 301 
TYR N   CA   sing N N 302 
TYR N   H    sing N N 303 
TYR N   H2   sing N N 304 
TYR CA  C    sing N N 305 
TYR CA  CB   sing N N 306 
TYR CA  HA   sing N N 307 
TYR C   O    doub N N 308 
TYR C   OXT  sing N N 309 
TYR CB  CG   sing N N 310 
TYR CB  HB2  sing N N 311 
TYR CB  HB3  sing N N 312 
TYR CG  CD1  doub Y N 313 
TYR CG  CD2  sing Y N 314 
TYR CD1 CE1  sing Y N 315 
TYR CD1 HD1  sing N N 316 
TYR CD2 CE2  doub Y N 317 
TYR CD2 HD2  sing N N 318 
TYR CE1 CZ   doub Y N 319 
TYR CE1 HE1  sing N N 320 
TYR CE2 CZ   sing Y N 321 
TYR CE2 HE2  sing N N 322 
TYR CZ  OH   sing N N 323 
TYR OH  HH   sing N N 324 
TYR OXT HXT  sing N N 325 
VAL N   CA   sing N N 326 
VAL N   H    sing N N 327 
VAL N   H2   sing N N 328 
VAL CA  C    sing N N 329 
VAL CA  CB   sing N N 330 
VAL CA  HA   sing N N 331 
VAL C   O    doub N N 332 
VAL C   OXT  sing N N 333 
VAL CB  CG1  sing N N 334 
VAL CB  CG2  sing N N 335 
VAL CB  HB   sing N N 336 
VAL CG1 HG11 sing N N 337 
VAL CG1 HG12 sing N N 338 
VAL CG1 HG13 sing N N 339 
VAL CG2 HG21 sing N N 340 
VAL CG2 HG22 sing N N 341 
VAL CG2 HG23 sing N N 342 
VAL OXT HXT  sing N N 343 
# 
loop_
_pdbx_entity_nonpoly.entity_id 
_pdbx_entity_nonpoly.name 
_pdbx_entity_nonpoly.comp_id 
2 S-1,2-PROPANEDIOL PGO 
3 water             HOH 
# 
_pdbx_initial_refinement_model.id               1 
_pdbx_initial_refinement_model.entity_id_list   ? 
_pdbx_initial_refinement_model.type             'experimental model' 
_pdbx_initial_refinement_model.source_name      PDB 
_pdbx_initial_refinement_model.accession_code   1WJG 
_pdbx_initial_refinement_model.details          ? 
# 
